data_2DMK
#
_entry.id   2DMK
#
_entity_poly.entity_id   1
_entity_poly.type   'polypeptide(L)'
_entity_poly.pdbx_seq_one_letter_code
;GSSGSSGEGLDYLTAPNPPSIREELCTASHDTITVHWISDDEFSISSYELQYTIFTGQANFISLYNSVDSWMIVPNIKQN
HYTVHGLQSGTRYIFIVKAINQAGSRNSEPTRLKTNSQPFKSGPSSG
;
_entity_poly.pdbx_strand_id   A
#
# COMPACT_ATOMS: atom_id res chain seq x y z
N GLY A 1 7.54 6.41 20.30
CA GLY A 1 6.20 6.87 20.00
C GLY A 1 5.27 6.77 21.20
N SER A 2 5.58 7.51 22.25
CA SER A 2 4.77 7.49 23.47
C SER A 2 3.28 7.55 23.13
N SER A 3 2.54 6.58 23.64
CA SER A 3 1.10 6.52 23.39
C SER A 3 0.35 7.52 24.26
N GLY A 4 -0.72 8.09 23.70
CA GLY A 4 -1.51 9.06 24.44
C GLY A 4 -2.95 8.62 24.64
N SER A 5 -3.69 9.37 25.44
CA SER A 5 -5.09 9.03 25.72
C SER A 5 -6.01 10.17 25.26
N SER A 6 -6.60 10.01 24.08
CA SER A 6 -7.50 11.02 23.53
C SER A 6 -8.39 10.41 22.46
N GLY A 7 -9.67 10.78 22.49
CA GLY A 7 -10.62 10.26 21.51
C GLY A 7 -11.46 11.35 20.89
N GLU A 8 -11.52 11.38 19.56
CA GLU A 8 -12.30 12.38 18.85
C GLU A 8 -13.30 11.72 17.90
N GLY A 9 -12.79 10.86 17.01
CA GLY A 9 -13.64 10.18 16.06
C GLY A 9 -14.32 11.14 15.11
N LEU A 10 -13.97 11.06 13.83
CA LEU A 10 -14.55 11.93 12.81
C LEU A 10 -16.05 11.65 12.65
N ASP A 11 -16.86 12.43 13.35
CA ASP A 11 -18.31 12.28 13.29
C ASP A 11 -18.78 12.15 11.84
N TYR A 12 -17.98 12.66 10.91
CA TYR A 12 -18.31 12.61 9.49
C TYR A 12 -17.96 11.25 8.91
N LEU A 13 -18.85 10.73 8.07
CA LEU A 13 -18.63 9.43 7.43
C LEU A 13 -18.66 9.55 5.92
N THR A 14 -19.08 10.72 5.43
CA THR A 14 -19.15 10.96 4.01
C THR A 14 -17.99 10.29 3.26
N ALA A 15 -16.86 10.16 3.96
CA ALA A 15 -15.68 9.53 3.37
C ALA A 15 -14.97 8.65 4.39
N PRO A 16 -14.44 7.50 3.92
CA PRO A 16 -13.73 6.55 4.76
C PRO A 16 -12.38 7.10 5.25
N ASN A 17 -12.11 6.93 6.54
CA ASN A 17 -10.86 7.40 7.12
C ASN A 17 -9.66 6.84 6.37
N PRO A 18 -8.64 7.69 6.17
CA PRO A 18 -7.42 7.32 5.46
C PRO A 18 -6.57 6.33 6.26
N PRO A 19 -6.20 5.21 5.63
CA PRO A 19 -5.39 4.17 6.26
C PRO A 19 -3.95 4.62 6.49
N SER A 20 -3.25 3.95 7.40
CA SER A 20 -1.87 4.28 7.72
C SER A 20 -0.93 3.16 7.29
N ILE A 21 -0.28 3.36 6.15
CA ILE A 21 0.66 2.36 5.63
C ILE A 21 1.93 2.30 6.48
N ARG A 22 2.03 1.26 7.30
CA ARG A 22 3.19 1.09 8.17
C ARG A 22 4.39 0.57 7.36
N GLU A 23 5.50 1.30 7.45
CA GLU A 23 6.71 0.92 6.73
C GLU A 23 7.56 -0.03 7.58
N GLU A 24 7.36 0.01 8.88
CA GLU A 24 8.11 -0.85 9.80
C GLU A 24 7.55 -2.27 9.80
N LEU A 25 6.27 -2.39 9.46
CA LEU A 25 5.60 -3.69 9.42
C LEU A 25 5.69 -4.29 8.02
N CYS A 26 5.76 -3.44 7.01
CA CYS A 26 5.84 -3.89 5.63
C CYS A 26 7.17 -4.62 5.38
N THR A 27 7.11 -5.64 4.52
CA THR A 27 8.30 -6.42 4.19
C THR A 27 8.60 -6.38 2.70
N ALA A 28 9.85 -6.62 2.33
CA ALA A 28 10.26 -6.61 0.95
C ALA A 28 10.97 -7.91 0.57
N SER A 29 10.49 -8.56 -0.49
CA SER A 29 11.07 -9.81 -0.94
C SER A 29 11.53 -9.71 -2.39
N HIS A 30 12.32 -10.69 -2.83
CA HIS A 30 12.82 -10.70 -4.19
C HIS A 30 11.79 -10.14 -5.16
N ASP A 31 10.74 -10.91 -5.43
CA ASP A 31 9.68 -10.48 -6.33
C ASP A 31 8.33 -10.47 -5.61
N THR A 32 8.35 -10.12 -4.33
CA THR A 32 7.13 -10.05 -3.54
C THR A 32 7.27 -9.06 -2.39
N ILE A 33 6.23 -8.27 -2.17
CA ILE A 33 6.25 -7.28 -1.10
C ILE A 33 4.95 -7.34 -0.29
N THR A 34 5.09 -7.29 1.04
CA THR A 34 3.94 -7.34 1.92
C THR A 34 3.73 -6.00 2.63
N VAL A 35 2.76 -5.23 2.17
CA VAL A 35 2.46 -3.93 2.75
C VAL A 35 1.45 -4.06 3.88
N HIS A 36 1.70 -3.34 4.98
CA HIS A 36 0.80 -3.38 6.13
C HIS A 36 0.16 -2.02 6.35
N TRP A 37 -1.17 -2.00 6.46
CA TRP A 37 -1.90 -0.75 6.68
C TRP A 37 -2.72 -0.82 7.95
N ILE A 38 -2.49 0.13 8.86
CA ILE A 38 -3.20 0.17 10.13
C ILE A 38 -4.31 1.21 10.09
N SER A 39 -5.48 0.84 10.61
CA SER A 39 -6.62 1.75 10.63
C SER A 39 -7.32 1.72 11.99
N ASP A 40 -7.94 2.82 12.37
CA ASP A 40 -8.64 2.92 13.64
C ASP A 40 -10.11 2.54 13.49
N ASP A 41 -10.70 2.94 12.36
CA ASP A 41 -12.10 2.64 12.09
C ASP A 41 -12.27 2.06 10.69
N GLU A 42 -12.38 0.75 10.61
CA GLU A 42 -12.55 0.06 9.33
C GLU A 42 -13.86 -0.71 9.29
N PHE A 43 -14.78 -0.36 10.17
CA PHE A 43 -16.08 -1.02 10.24
C PHE A 43 -16.95 -0.66 9.04
N SER A 44 -16.91 0.62 8.66
CA SER A 44 -17.69 1.10 7.54
C SER A 44 -17.12 0.59 6.22
N ILE A 45 -15.80 0.56 6.13
CA ILE A 45 -15.13 0.09 4.92
C ILE A 45 -15.64 -1.28 4.51
N SER A 46 -16.30 -1.33 3.35
CA SER A 46 -16.84 -2.59 2.83
C SER A 46 -15.74 -3.46 2.24
N SER A 47 -14.66 -2.82 1.79
CA SER A 47 -13.53 -3.54 1.21
C SER A 47 -12.36 -2.60 0.96
N TYR A 48 -11.16 -3.15 0.99
CA TYR A 48 -9.94 -2.36 0.77
C TYR A 48 -9.43 -2.53 -0.65
N GLU A 49 -8.68 -1.54 -1.13
CA GLU A 49 -8.12 -1.58 -2.47
C GLU A 49 -6.62 -1.29 -2.45
N LEU A 50 -5.85 -2.14 -3.13
CA LEU A 50 -4.41 -1.98 -3.19
C LEU A 50 -3.97 -1.45 -4.54
N GLN A 51 -3.18 -0.39 -4.53
CA GLN A 51 -2.69 0.22 -5.77
C GLN A 51 -1.17 0.33 -5.75
N TYR A 52 -0.52 -0.40 -6.64
CA TYR A 52 0.94 -0.38 -6.74
C TYR A 52 1.39 -0.08 -8.16
N THR A 53 2.59 0.48 -8.30
CA THR A 53 3.13 0.81 -9.60
C THR A 53 4.66 0.93 -9.55
N ILE A 54 5.31 0.56 -10.64
CA ILE A 54 6.77 0.64 -10.71
C ILE A 54 7.25 2.08 -10.82
N PHE A 55 8.20 2.45 -9.98
CA PHE A 55 8.74 3.81 -9.98
C PHE A 55 10.17 3.81 -10.51
N THR A 56 10.40 4.61 -11.55
CA THR A 56 11.73 4.70 -12.15
C THR A 56 12.20 6.15 -12.19
N GLY A 57 11.35 7.04 -12.69
CA GLY A 57 11.70 8.44 -12.77
C GLY A 57 10.99 9.16 -13.89
N GLN A 58 9.70 8.87 -14.06
CA GLN A 58 8.90 9.48 -15.12
C GLN A 58 9.15 10.99 -15.17
N ALA A 59 8.96 11.57 -16.35
CA ALA A 59 9.16 13.00 -16.54
C ALA A 59 8.77 13.79 -15.30
N ASN A 60 7.60 13.47 -14.75
CA ASN A 60 7.12 14.15 -13.56
C ASN A 60 6.07 13.30 -12.84
N PHE A 61 6.23 13.16 -11.52
CA PHE A 61 5.30 12.37 -10.72
C PHE A 61 3.86 12.64 -11.14
N ILE A 62 3.57 13.90 -11.44
CA ILE A 62 2.23 14.30 -11.85
C ILE A 62 1.78 13.53 -13.11
N SER A 63 2.59 13.64 -14.15
CA SER A 63 2.29 12.96 -15.41
C SER A 63 1.79 11.54 -15.16
N LEU A 64 2.65 10.71 -14.57
CA LEU A 64 2.29 9.33 -14.28
C LEU A 64 1.02 9.26 -13.42
N TYR A 65 1.11 9.77 -12.20
CA TYR A 65 -0.02 9.77 -11.28
C TYR A 65 -1.30 10.21 -12.00
N ASN A 66 -1.13 11.02 -13.05
CA ASN A 66 -2.27 11.50 -13.82
C ASN A 66 -3.05 10.35 -14.43
N SER A 67 -2.36 9.51 -15.20
CA SER A 67 -2.99 8.37 -15.85
C SER A 67 -3.08 7.19 -14.89
N VAL A 68 -3.62 7.44 -13.70
CA VAL A 68 -3.77 6.40 -12.69
C VAL A 68 -4.40 5.14 -13.29
N ASP A 69 -5.33 5.33 -14.21
CA ASP A 69 -6.01 4.21 -14.87
C ASP A 69 -5.03 3.08 -15.14
N SER A 70 -3.78 3.44 -15.42
CA SER A 70 -2.75 2.44 -15.71
C SER A 70 -2.37 1.68 -14.46
N TRP A 71 -2.23 2.40 -13.35
CA TRP A 71 -1.86 1.79 -12.08
C TRP A 71 -2.58 0.46 -11.89
N MET A 72 -1.96 -0.46 -11.16
CA MET A 72 -2.53 -1.77 -10.90
C MET A 72 -3.43 -1.73 -9.66
N ILE A 73 -4.50 -2.52 -9.69
CA ILE A 73 -5.43 -2.57 -8.56
C ILE A 73 -5.82 -4.01 -8.24
N VAL A 74 -5.89 -4.32 -6.95
CA VAL A 74 -6.26 -5.66 -6.51
C VAL A 74 -7.34 -5.61 -5.44
N PRO A 75 -8.60 -5.64 -5.87
CA PRO A 75 -9.76 -5.60 -4.96
C PRO A 75 -9.91 -6.88 -4.16
N ASN A 76 -11.06 -7.05 -3.53
CA ASN A 76 -11.32 -8.24 -2.72
C ASN A 76 -10.30 -8.38 -1.59
N ILE A 77 -9.96 -7.26 -0.97
CA ILE A 77 -9.00 -7.25 0.12
C ILE A 77 -9.70 -7.07 1.47
N LYS A 78 -9.75 -8.15 2.24
CA LYS A 78 -10.38 -8.12 3.56
C LYS A 78 -9.37 -8.40 4.67
N GLN A 79 -8.15 -7.90 4.47
CA GLN A 79 -7.09 -8.09 5.45
C GLN A 79 -6.34 -6.79 5.71
N ASN A 80 -5.35 -6.84 6.60
CA ASN A 80 -4.56 -5.66 6.93
C ASN A 80 -3.17 -5.75 6.29
N HIS A 81 -3.02 -6.68 5.35
CA HIS A 81 -1.73 -6.86 4.68
C HIS A 81 -1.90 -7.76 3.46
N TYR A 82 -1.61 -7.22 2.28
CA TYR A 82 -1.73 -7.98 1.04
C TYR A 82 -0.37 -8.15 0.37
N THR A 83 0.02 -9.40 0.13
CA THR A 83 1.30 -9.69 -0.51
C THR A 83 1.19 -9.60 -2.02
N VAL A 84 1.88 -8.61 -2.59
CA VAL A 84 1.86 -8.41 -4.04
C VAL A 84 2.87 -9.33 -4.73
N HIS A 85 2.40 -10.08 -5.73
CA HIS A 85 3.27 -10.99 -6.47
C HIS A 85 3.45 -10.51 -7.91
N GLY A 86 4.63 -10.77 -8.46
CA GLY A 86 4.91 -10.36 -9.82
C GLY A 86 5.71 -9.07 -9.89
N LEU A 87 6.76 -8.99 -9.08
CA LEU A 87 7.61 -7.81 -9.04
C LEU A 87 9.00 -8.11 -9.58
N GLN A 88 9.86 -7.10 -9.60
CA GLN A 88 11.22 -7.27 -10.09
C GLN A 88 12.24 -7.04 -8.97
N SER A 89 13.27 -7.87 -8.94
CA SER A 89 14.31 -7.76 -7.92
C SER A 89 15.01 -6.40 -8.01
N GLY A 90 15.32 -5.83 -6.84
CA GLY A 90 15.99 -4.55 -6.81
C GLY A 90 15.29 -3.51 -7.65
N THR A 91 14.04 -3.21 -7.32
CA THR A 91 13.27 -2.22 -8.06
C THR A 91 12.31 -1.47 -7.13
N ARG A 92 12.13 -0.17 -7.41
CA ARG A 92 11.25 0.65 -6.60
C ARG A 92 9.78 0.33 -6.90
N TYR A 93 8.94 0.44 -5.87
CA TYR A 93 7.51 0.16 -6.01
C TYR A 93 6.69 1.01 -5.06
N ILE A 94 5.86 1.88 -5.62
CA ILE A 94 5.01 2.76 -4.81
C ILE A 94 3.65 2.13 -4.57
N PHE A 95 3.26 2.01 -3.32
CA PHE A 95 1.97 1.43 -2.96
C PHE A 95 1.03 2.49 -2.38
N ILE A 96 -0.25 2.36 -2.67
CA ILE A 96 -1.25 3.30 -2.18
C ILE A 96 -2.55 2.59 -1.83
N VAL A 97 -2.83 2.49 -0.53
CA VAL A 97 -4.04 1.84 -0.06
C VAL A 97 -5.21 2.82 -0.01
N LYS A 98 -6.28 2.49 -0.73
CA LYS A 98 -7.46 3.35 -0.77
C LYS A 98 -8.66 2.63 -0.16
N ALA A 99 -9.08 3.10 1.02
CA ALA A 99 -10.21 2.52 1.71
C ALA A 99 -11.53 2.87 1.02
N ILE A 100 -12.42 1.89 0.91
CA ILE A 100 -13.71 2.11 0.27
C ILE A 100 -14.86 1.69 1.20
N ASN A 101 -15.86 2.55 1.29
CA ASN A 101 -17.02 2.27 2.14
C ASN A 101 -18.32 2.66 1.43
N GLN A 102 -19.44 2.52 2.13
CA GLN A 102 -20.74 2.85 1.57
C GLN A 102 -20.78 4.30 1.09
N ALA A 103 -20.02 5.15 1.77
CA ALA A 103 -19.97 6.57 1.41
C ALA A 103 -19.15 6.78 0.15
N GLY A 104 -17.84 6.64 0.27
CA GLY A 104 -16.95 6.82 -0.87
C GLY A 104 -15.63 6.10 -0.71
N SER A 105 -14.54 6.77 -1.06
CA SER A 105 -13.21 6.18 -0.96
C SER A 105 -12.18 7.23 -0.55
N ARG A 106 -11.11 6.79 0.11
CA ARG A 106 -10.06 7.69 0.55
C ARG A 106 -8.69 7.16 0.15
N ASN A 107 -8.02 7.89 -0.74
CA ASN A 107 -6.69 7.49 -1.21
C ASN A 107 -5.61 7.95 -0.24
N SER A 108 -4.86 6.99 0.29
CA SER A 108 -3.79 7.28 1.23
C SER A 108 -2.55 7.80 0.51
N GLU A 109 -1.58 8.29 1.28
CA GLU A 109 -0.35 8.81 0.71
C GLU A 109 0.49 7.69 0.09
N PRO A 110 1.27 8.03 -0.94
CA PRO A 110 2.13 7.08 -1.64
C PRO A 110 3.29 6.59 -0.79
N THR A 111 3.35 5.28 -0.56
CA THR A 111 4.42 4.70 0.25
C THR A 111 5.45 4.00 -0.63
N ARG A 112 6.64 4.58 -0.72
CA ARG A 112 7.71 4.02 -1.53
C ARG A 112 8.30 2.78 -0.85
N LEU A 113 8.50 1.72 -1.64
CA LEU A 113 9.06 0.48 -1.12
C LEU A 113 9.94 -0.20 -2.16
N LYS A 114 11.05 -0.79 -1.71
CA LYS A 114 11.97 -1.47 -2.60
C LYS A 114 12.08 -2.95 -2.24
N THR A 115 12.37 -3.78 -3.23
CA THR A 115 12.51 -5.22 -3.02
C THR A 115 13.95 -5.59 -2.68
N ASN A 116 14.16 -6.84 -2.30
CA ASN A 116 15.50 -7.33 -1.95
C ASN A 116 16.26 -7.74 -3.20
N SER A 117 17.58 -7.70 -3.11
CA SER A 117 18.44 -8.07 -4.24
C SER A 117 17.96 -9.36 -4.89
N GLN A 118 18.23 -10.48 -4.22
CA GLN A 118 17.82 -11.79 -4.74
C GLN A 118 17.20 -12.63 -3.64
N PRO A 119 16.44 -13.67 -4.03
CA PRO A 119 15.79 -14.58 -3.09
C PRO A 119 16.78 -15.46 -2.35
N PHE A 120 16.25 -16.37 -1.52
CA PHE A 120 17.10 -17.27 -0.75
C PHE A 120 17.89 -18.20 -1.67
N LYS A 121 19.18 -18.34 -1.40
CA LYS A 121 20.04 -19.20 -2.20
C LYS A 121 19.98 -20.64 -1.72
N SER A 122 19.83 -21.57 -2.66
CA SER A 122 19.75 -22.98 -2.33
C SER A 122 21.02 -23.71 -2.78
N GLY A 123 21.96 -23.88 -1.86
CA GLY A 123 23.20 -24.56 -2.17
C GLY A 123 24.42 -23.76 -1.77
N PRO A 124 24.97 -23.01 -2.73
CA PRO A 124 26.16 -22.17 -2.50
C PRO A 124 25.86 -20.98 -1.59
N SER A 125 25.92 -21.20 -0.29
CA SER A 125 25.66 -20.16 0.69
C SER A 125 25.91 -20.65 2.11
N SER A 126 26.91 -20.06 2.77
CA SER A 126 27.26 -20.45 4.13
C SER A 126 27.17 -19.25 5.06
N GLY A 127 26.93 -19.53 6.35
CA GLY A 127 26.81 -18.47 7.33
C GLY A 127 27.40 -18.85 8.67
N GLY A 1 6.24 8.51 9.62
CA GLY A 1 5.29 7.70 10.35
C GLY A 1 4.67 8.45 11.52
N SER A 2 3.77 7.79 12.24
CA SER A 2 3.10 8.40 13.38
C SER A 2 4.04 8.50 14.57
N SER A 3 4.51 7.34 15.05
CA SER A 3 5.41 7.29 16.19
C SER A 3 5.08 8.38 17.19
N GLY A 4 3.78 8.58 17.43
CA GLY A 4 3.35 9.59 18.38
C GLY A 4 2.22 9.11 19.27
N SER A 5 1.26 9.99 19.53
CA SER A 5 0.12 9.65 20.38
C SER A 5 -1.15 9.51 19.55
N SER A 6 -2.06 8.65 20.00
CA SER A 6 -3.32 8.41 19.30
C SER A 6 -4.06 9.73 19.07
N GLY A 7 -4.59 9.89 17.87
CA GLY A 7 -5.32 11.11 17.53
C GLY A 7 -6.42 10.87 16.53
N GLU A 8 -7.44 10.12 16.93
CA GLU A 8 -8.57 9.82 16.06
C GLU A 8 -9.54 10.98 15.99
N GLY A 9 -9.40 11.82 14.97
CA GLY A 9 -10.27 12.96 14.81
C GLY A 9 -11.73 12.58 14.72
N LEU A 10 -12.33 12.83 13.57
CA LEU A 10 -13.74 12.50 13.36
C LEU A 10 -13.89 11.25 12.50
N ASP A 11 -14.58 10.25 13.04
CA ASP A 11 -14.79 8.99 12.33
C ASP A 11 -16.04 9.07 11.44
N TYR A 12 -16.29 10.27 10.90
CA TYR A 12 -17.45 10.47 10.04
C TYR A 12 -17.64 9.31 9.08
N LEU A 13 -18.83 9.19 8.53
CA LEU A 13 -19.15 8.10 7.60
C LEU A 13 -19.04 8.58 6.16
N THR A 14 -19.58 9.77 5.89
CA THR A 14 -19.53 10.34 4.54
C THR A 14 -18.28 9.89 3.79
N ALA A 15 -17.17 9.81 4.51
CA ALA A 15 -15.91 9.40 3.92
C ALA A 15 -15.11 8.49 4.88
N PRO A 16 -14.60 7.38 4.35
CA PRO A 16 -13.82 6.42 5.14
C PRO A 16 -12.46 6.98 5.54
N ASN A 17 -12.12 6.81 6.82
CA ASN A 17 -10.84 7.30 7.32
C ASN A 17 -9.68 6.80 6.47
N PRO A 18 -8.69 7.68 6.25
CA PRO A 18 -7.50 7.35 5.45
C PRO A 18 -6.60 6.34 6.14
N PRO A 19 -6.31 5.23 5.44
CA PRO A 19 -5.45 4.16 5.97
C PRO A 19 -3.99 4.59 6.07
N SER A 20 -3.32 4.16 7.14
CA SER A 20 -1.93 4.50 7.35
C SER A 20 -1.02 3.32 7.03
N ILE A 21 -0.31 3.42 5.90
CA ILE A 21 0.60 2.37 5.48
C ILE A 21 1.83 2.30 6.37
N ARG A 22 1.93 1.24 7.17
CA ARG A 22 3.06 1.07 8.07
C ARG A 22 4.29 0.59 7.31
N GLU A 23 5.23 1.50 7.09
CA GLU A 23 6.46 1.17 6.37
C GLU A 23 7.35 0.28 7.21
N GLU A 24 7.37 0.53 8.52
CA GLU A 24 8.19 -0.25 9.44
C GLU A 24 7.79 -1.72 9.42
N LEU A 25 6.49 -1.97 9.26
CA LEU A 25 5.96 -3.33 9.22
C LEU A 25 6.05 -3.91 7.82
N CYS A 26 6.10 -3.03 6.82
CA CYS A 26 6.19 -3.45 5.42
C CYS A 26 7.41 -4.33 5.19
N THR A 27 7.37 -5.14 4.15
CA THR A 27 8.46 -6.03 3.82
C THR A 27 8.69 -6.10 2.31
N ALA A 28 9.95 -6.17 1.91
CA ALA A 28 10.30 -6.25 0.49
C ALA A 28 11.01 -7.55 0.18
N SER A 29 10.62 -8.18 -0.93
CA SER A 29 11.22 -9.45 -1.35
C SER A 29 11.61 -9.41 -2.82
N HIS A 30 12.49 -10.31 -3.23
CA HIS A 30 12.94 -10.38 -4.60
C HIS A 30 11.80 -10.04 -5.57
N ASP A 31 10.83 -10.93 -5.67
CA ASP A 31 9.69 -10.73 -6.55
C ASP A 31 8.38 -10.71 -5.75
N THR A 32 8.47 -10.28 -4.50
CA THR A 32 7.31 -10.21 -3.62
C THR A 32 7.42 -9.04 -2.65
N ILE A 33 6.28 -8.48 -2.28
CA ILE A 33 6.25 -7.36 -1.34
C ILE A 33 4.95 -7.35 -0.54
N THR A 34 5.06 -7.15 0.76
CA THR A 34 3.90 -7.11 1.64
C THR A 34 3.74 -5.73 2.28
N VAL A 35 2.59 -5.12 2.02
CA VAL A 35 2.31 -3.79 2.57
C VAL A 35 1.31 -3.87 3.71
N HIS A 36 1.72 -3.42 4.89
CA HIS A 36 0.85 -3.44 6.06
C HIS A 36 0.25 -2.06 6.32
N TRP A 37 -1.08 -2.01 6.38
CA TRP A 37 -1.78 -0.75 6.62
C TRP A 37 -2.58 -0.82 7.91
N ILE A 38 -2.61 0.30 8.64
CA ILE A 38 -3.35 0.37 9.89
C ILE A 38 -4.53 1.33 9.79
N SER A 39 -5.64 0.96 10.41
CA SER A 39 -6.84 1.79 10.38
C SER A 39 -7.52 1.81 11.75
N ASP A 40 -8.27 2.88 12.02
CA ASP A 40 -8.97 3.02 13.29
C ASP A 40 -10.38 2.43 13.20
N ASP A 41 -10.97 2.50 12.02
CA ASP A 41 -12.32 1.97 11.81
C ASP A 41 -12.38 1.15 10.52
N GLU A 42 -12.30 -0.17 10.66
CA GLU A 42 -12.34 -1.07 9.52
C GLU A 42 -13.63 -1.89 9.52
N PHE A 43 -14.41 -1.74 10.58
CA PHE A 43 -15.67 -2.47 10.70
C PHE A 43 -16.72 -1.91 9.75
N SER A 44 -16.56 -0.65 9.38
CA SER A 44 -17.50 0.01 8.47
C SER A 44 -17.08 -0.20 7.02
N ILE A 45 -15.78 -0.05 6.75
CA ILE A 45 -15.26 -0.21 5.41
C ILE A 45 -15.75 -1.52 4.79
N SER A 46 -16.48 -1.41 3.68
CA SER A 46 -17.00 -2.58 2.99
C SER A 46 -15.87 -3.46 2.48
N SER A 47 -14.84 -2.83 1.92
CA SER A 47 -13.70 -3.55 1.39
C SER A 47 -12.53 -2.61 1.14
N TYR A 48 -11.32 -3.17 1.05
CA TYR A 48 -10.12 -2.39 0.81
C TYR A 48 -9.64 -2.54 -0.62
N GLU A 49 -8.90 -1.55 -1.11
CA GLU A 49 -8.38 -1.57 -2.47
C GLU A 49 -6.90 -1.21 -2.48
N LEU A 50 -6.09 -2.08 -3.08
CA LEU A 50 -4.65 -1.86 -3.17
C LEU A 50 -4.29 -1.16 -4.47
N GLN A 51 -3.23 -0.36 -4.44
CA GLN A 51 -2.78 0.37 -5.61
C GLN A 51 -1.26 0.50 -5.62
N TYR A 52 -0.62 -0.14 -6.59
CA TYR A 52 0.83 -0.11 -6.72
C TYR A 52 1.25 0.07 -8.17
N THR A 53 2.52 0.42 -8.38
CA THR A 53 3.05 0.62 -9.72
C THR A 53 4.57 0.73 -9.70
N ILE A 54 5.20 0.26 -10.77
CA ILE A 54 6.66 0.30 -10.88
C ILE A 54 7.14 1.73 -11.09
N PHE A 55 7.89 2.26 -10.12
CA PHE A 55 8.41 3.61 -10.21
C PHE A 55 9.80 3.61 -10.83
N THR A 56 9.89 4.17 -12.04
CA THR A 56 11.16 4.23 -12.76
C THR A 56 11.50 5.68 -13.13
N GLY A 57 12.71 5.87 -13.63
CA GLY A 57 13.15 7.20 -14.02
C GLY A 57 12.07 7.98 -14.73
N GLN A 58 11.61 9.07 -14.11
CA GLN A 58 10.57 9.90 -14.69
C GLN A 58 10.82 11.38 -14.40
N ALA A 59 10.44 12.23 -15.33
CA ALA A 59 10.62 13.68 -15.17
C ALA A 59 9.95 14.17 -13.89
N ASN A 60 8.64 13.98 -13.80
CA ASN A 60 7.88 14.41 -12.62
C ASN A 60 6.92 13.31 -12.16
N PHE A 61 6.73 13.23 -10.86
CA PHE A 61 5.84 12.22 -10.28
C PHE A 61 4.40 12.43 -10.75
N ILE A 62 4.07 13.68 -11.08
CA ILE A 62 2.73 14.02 -11.53
C ILE A 62 2.42 13.34 -12.87
N SER A 63 3.34 13.47 -13.82
CA SER A 63 3.16 12.88 -15.14
C SER A 63 2.66 11.44 -15.03
N LEU A 64 3.31 10.67 -14.16
CA LEU A 64 2.93 9.27 -13.95
C LEU A 64 1.63 9.17 -13.16
N TYR A 65 1.55 9.93 -12.07
CA TYR A 65 0.36 9.93 -11.22
C TYR A 65 -0.83 10.53 -11.96
N ASN A 66 -0.56 11.20 -13.08
CA ASN A 66 -1.61 11.81 -13.88
C ASN A 66 -2.50 10.76 -14.53
N SER A 67 -1.91 9.61 -14.82
CA SER A 67 -2.64 8.51 -15.46
C SER A 67 -2.76 7.32 -14.52
N VAL A 68 -3.24 7.57 -13.30
CA VAL A 68 -3.39 6.51 -12.31
C VAL A 68 -4.08 5.28 -12.91
N ASP A 69 -4.85 5.51 -13.97
CA ASP A 69 -5.55 4.42 -14.64
C ASP A 69 -4.59 3.29 -15.02
N SER A 70 -3.30 3.61 -15.00
CA SER A 70 -2.28 2.62 -15.34
C SER A 70 -1.89 1.78 -14.12
N TRP A 71 -2.05 2.36 -12.94
CA TRP A 71 -1.72 1.67 -11.70
C TRP A 71 -2.45 0.33 -11.62
N MET A 72 -1.94 -0.57 -10.78
CA MET A 72 -2.55 -1.88 -10.61
C MET A 72 -3.43 -1.92 -9.36
N ILE A 73 -4.61 -2.52 -9.50
CA ILE A 73 -5.54 -2.62 -8.38
C ILE A 73 -5.92 -4.07 -8.12
N VAL A 74 -6.10 -4.41 -6.84
CA VAL A 74 -6.47 -5.76 -6.45
C VAL A 74 -7.63 -5.76 -5.46
N PRO A 75 -8.86 -5.88 -5.98
CA PRO A 75 -10.06 -5.89 -5.15
C PRO A 75 -10.19 -7.16 -4.32
N ASN A 76 -11.25 -7.25 -3.53
CA ASN A 76 -11.49 -8.42 -2.68
C ASN A 76 -10.39 -8.55 -1.63
N ILE A 77 -10.08 -7.44 -0.97
CA ILE A 77 -9.04 -7.43 0.06
C ILE A 77 -9.66 -7.30 1.45
N LYS A 78 -9.76 -8.43 2.16
CA LYS A 78 -10.32 -8.44 3.50
C LYS A 78 -9.25 -8.74 4.55
N GLN A 79 -8.08 -8.12 4.37
CA GLN A 79 -6.97 -8.32 5.30
C GLN A 79 -6.24 -7.01 5.56
N ASN A 80 -5.34 -7.03 6.54
CA ASN A 80 -4.57 -5.84 6.89
C ASN A 80 -3.19 -5.87 6.22
N HIS A 81 -3.04 -6.74 5.23
CA HIS A 81 -1.78 -6.86 4.51
C HIS A 81 -1.93 -7.78 3.30
N TYR A 82 -1.65 -7.25 2.12
CA TYR A 82 -1.76 -8.03 0.89
C TYR A 82 -0.38 -8.26 0.26
N THR A 83 0.04 -9.52 0.23
CA THR A 83 1.33 -9.88 -0.34
C THR A 83 1.28 -9.89 -1.86
N VAL A 84 1.99 -8.96 -2.49
CA VAL A 84 2.01 -8.86 -3.94
C VAL A 84 3.10 -9.77 -4.52
N HIS A 85 2.66 -10.81 -5.23
CA HIS A 85 3.59 -11.75 -5.85
C HIS A 85 3.77 -11.46 -7.34
N GLY A 86 4.98 -11.64 -7.84
CA GLY A 86 5.26 -11.39 -9.23
C GLY A 86 5.83 -10.01 -9.48
N LEU A 87 6.74 -9.60 -8.59
CA LEU A 87 7.37 -8.28 -8.72
C LEU A 87 8.78 -8.41 -9.27
N GLN A 88 9.38 -7.27 -9.58
CA GLN A 88 10.74 -7.25 -10.13
C GLN A 88 11.77 -7.09 -9.01
N SER A 89 12.86 -7.86 -9.11
CA SER A 89 13.91 -7.81 -8.10
C SER A 89 14.69 -6.49 -8.20
N GLY A 90 15.18 -6.02 -7.06
CA GLY A 90 15.93 -4.78 -7.04
C GLY A 90 15.27 -3.68 -7.86
N THR A 91 14.02 -3.36 -7.52
CA THR A 91 13.28 -2.33 -8.24
C THR A 91 12.33 -1.59 -7.29
N ARG A 92 12.07 -0.33 -7.60
CA ARG A 92 11.19 0.49 -6.79
C ARG A 92 9.72 0.08 -6.99
N TYR A 93 8.93 0.26 -5.95
CA TYR A 93 7.51 -0.10 -6.01
C TYR A 93 6.70 0.74 -5.03
N ILE A 94 5.74 1.49 -5.56
CA ILE A 94 4.89 2.34 -4.74
C ILE A 94 3.58 1.64 -4.37
N PHE A 95 2.97 2.05 -3.28
CA PHE A 95 1.72 1.46 -2.82
C PHE A 95 0.79 2.52 -2.25
N ILE A 96 -0.51 2.36 -2.49
CA ILE A 96 -1.50 3.30 -2.01
C ILE A 96 -2.81 2.59 -1.67
N VAL A 97 -3.08 2.44 -0.39
CA VAL A 97 -4.31 1.79 0.07
C VAL A 97 -5.47 2.77 0.12
N LYS A 98 -6.59 2.37 -0.48
CA LYS A 98 -7.78 3.22 -0.50
C LYS A 98 -8.97 2.50 0.11
N ALA A 99 -9.46 3.02 1.23
CA ALA A 99 -10.60 2.43 1.92
C ALA A 99 -11.91 2.86 1.27
N ILE A 100 -12.78 1.88 1.00
CA ILE A 100 -14.06 2.15 0.39
C ILE A 100 -15.21 1.69 1.27
N ASN A 101 -16.31 2.43 1.25
CA ASN A 101 -17.48 2.08 2.05
C ASN A 101 -18.77 2.57 1.38
N GLN A 102 -19.89 2.39 2.07
CA GLN A 102 -21.19 2.82 1.54
C GLN A 102 -21.19 4.32 1.27
N ALA A 103 -20.46 5.07 2.09
CA ALA A 103 -20.38 6.52 1.93
C ALA A 103 -19.57 6.89 0.70
N GLY A 104 -18.33 6.42 0.65
CA GLY A 104 -17.46 6.71 -0.48
C GLY A 104 -16.14 5.99 -0.41
N SER A 105 -15.04 6.72 -0.59
CA SER A 105 -13.71 6.13 -0.55
C SER A 105 -12.67 7.18 -0.18
N ARG A 106 -11.56 6.73 0.40
CA ARG A 106 -10.49 7.63 0.81
C ARG A 106 -9.12 7.01 0.49
N ASN A 107 -8.34 7.72 -0.31
CA ASN A 107 -7.01 7.26 -0.70
C ASN A 107 -5.94 7.85 0.21
N SER A 108 -5.00 7.02 0.62
CA SER A 108 -3.91 7.46 1.50
C SER A 108 -2.71 7.91 0.69
N GLU A 109 -1.68 8.40 1.38
CA GLU A 109 -0.46 8.87 0.73
C GLU A 109 0.33 7.71 0.16
N PRO A 110 1.08 7.96 -0.92
CA PRO A 110 1.90 6.95 -1.57
C PRO A 110 3.11 6.53 -0.72
N THR A 111 3.26 5.22 -0.54
CA THR A 111 4.37 4.69 0.25
C THR A 111 5.41 4.03 -0.63
N ARG A 112 6.59 4.65 -0.71
CA ARG A 112 7.67 4.12 -1.53
C ARG A 112 8.29 2.89 -0.88
N LEU A 113 8.52 1.86 -1.68
CA LEU A 113 9.11 0.62 -1.18
C LEU A 113 10.08 0.02 -2.20
N LYS A 114 11.19 -0.51 -1.70
CA LYS A 114 12.19 -1.12 -2.56
C LYS A 114 12.43 -2.58 -2.20
N THR A 115 12.60 -3.42 -3.21
CA THR A 115 12.83 -4.85 -3.00
C THR A 115 14.30 -5.14 -2.78
N ASN A 116 14.62 -6.39 -2.47
CA ASN A 116 15.99 -6.80 -2.24
C ASN A 116 16.66 -7.24 -3.53
N SER A 117 17.94 -6.92 -3.68
CA SER A 117 18.69 -7.28 -4.87
C SER A 117 18.23 -8.62 -5.42
N GLN A 118 18.60 -9.70 -4.73
CA GLN A 118 18.22 -11.05 -5.14
C GLN A 118 17.73 -11.87 -3.95
N PRO A 119 17.02 -12.96 -4.24
CA PRO A 119 16.48 -13.84 -3.21
C PRO A 119 17.57 -14.64 -2.50
N PHE A 120 17.16 -15.49 -1.55
CA PHE A 120 18.11 -16.30 -0.81
C PHE A 120 18.80 -17.31 -1.71
N LYS A 121 20.09 -17.09 -1.96
CA LYS A 121 20.88 -17.98 -2.81
C LYS A 121 21.87 -18.78 -1.98
N SER A 122 21.68 -20.10 -1.94
CA SER A 122 22.56 -20.97 -1.19
C SER A 122 23.99 -20.88 -1.70
N GLY A 123 24.87 -20.33 -0.87
CA GLY A 123 26.27 -20.19 -1.25
C GLY A 123 27.20 -20.96 -0.35
N PRO A 124 28.47 -21.09 -0.77
CA PRO A 124 29.49 -21.82 -0.01
C PRO A 124 29.89 -21.07 1.27
N SER A 125 29.77 -21.76 2.41
CA SER A 125 30.12 -21.17 3.70
C SER A 125 31.19 -22.00 4.40
N SER A 126 30.93 -23.31 4.50
CA SER A 126 31.86 -24.21 5.18
C SER A 126 32.42 -25.24 4.19
N GLY A 127 33.73 -25.18 3.97
CA GLY A 127 34.36 -26.11 3.04
C GLY A 127 35.41 -25.43 2.17
N GLY A 1 -7.55 -1.35 33.33
CA GLY A 1 -8.27 -1.85 32.17
C GLY A 1 -9.40 -0.93 31.75
N SER A 2 -9.28 -0.37 30.55
CA SER A 2 -10.29 0.54 30.03
C SER A 2 -10.73 0.12 28.63
N SER A 3 -11.94 -0.41 28.54
CA SER A 3 -12.47 -0.85 27.25
C SER A 3 -13.03 0.32 26.46
N GLY A 4 -13.81 1.17 27.13
CA GLY A 4 -14.39 2.32 26.47
C GLY A 4 -13.35 3.35 26.08
N SER A 5 -13.57 4.60 26.48
CA SER A 5 -12.63 5.67 26.17
C SER A 5 -12.30 5.68 24.68
N SER A 6 -13.30 5.43 23.85
CA SER A 6 -13.11 5.40 22.40
C SER A 6 -13.98 6.44 21.72
N GLY A 7 -13.47 7.67 21.64
CA GLY A 7 -14.21 8.74 21.00
C GLY A 7 -13.34 9.93 20.66
N GLU A 8 -12.13 9.65 20.16
CA GLU A 8 -11.20 10.70 19.79
C GLU A 8 -10.88 10.64 18.29
N GLY A 9 -11.74 11.25 17.49
CA GLY A 9 -11.53 11.25 16.05
C GLY A 9 -12.49 12.18 15.33
N LEU A 10 -13.18 11.65 14.32
CA LEU A 10 -14.13 12.45 13.55
C LEU A 10 -15.39 11.65 13.27
N ASP A 11 -16.54 12.22 13.62
CA ASP A 11 -17.83 11.56 13.41
C ASP A 11 -18.15 11.47 11.92
N TYR A 12 -17.83 12.54 11.19
CA TYR A 12 -18.08 12.59 9.75
C TYR A 12 -17.75 11.25 9.10
N LEU A 13 -18.61 10.82 8.18
CA LEU A 13 -18.41 9.56 7.48
C LEU A 13 -18.34 9.78 5.97
N THR A 14 -18.66 11.00 5.54
CA THR A 14 -18.63 11.35 4.13
C THR A 14 -17.54 10.57 3.39
N ALA A 15 -16.34 10.57 3.96
CA ALA A 15 -15.22 9.86 3.36
C ALA A 15 -14.58 8.88 4.35
N PRO A 16 -14.13 7.73 3.85
CA PRO A 16 -13.49 6.70 4.68
C PRO A 16 -12.13 7.12 5.19
N ASN A 17 -11.97 7.09 6.51
CA ASN A 17 -10.71 7.48 7.14
C ASN A 17 -9.52 6.95 6.34
N PRO A 18 -8.52 7.82 6.12
CA PRO A 18 -7.31 7.46 5.38
C PRO A 18 -6.43 6.49 6.14
N PRO A 19 -6.11 5.35 5.49
CA PRO A 19 -5.26 4.32 6.10
C PRO A 19 -3.81 4.76 6.24
N SER A 20 -3.11 4.17 7.20
CA SER A 20 -1.71 4.51 7.45
C SER A 20 -0.79 3.33 7.11
N ILE A 21 -0.18 3.40 5.93
CA ILE A 21 0.72 2.35 5.48
C ILE A 21 2.00 2.34 6.30
N ARG A 22 2.17 1.29 7.11
CA ARG A 22 3.35 1.17 7.96
C ARG A 22 4.54 0.66 7.15
N GLU A 23 5.61 1.46 7.12
CA GLU A 23 6.80 1.09 6.37
C GLU A 23 7.73 0.22 7.22
N GLU A 24 7.46 0.18 8.53
CA GLU A 24 8.27 -0.61 9.45
C GLU A 24 7.78 -2.05 9.49
N LEU A 25 6.51 -2.26 9.18
CA LEU A 25 5.92 -3.59 9.17
C LEU A 25 5.93 -4.19 7.77
N CYS A 26 5.91 -3.33 6.76
CA CYS A 26 5.92 -3.77 5.38
C CYS A 26 7.27 -4.38 5.00
N THR A 27 7.23 -5.58 4.42
CA THR A 27 8.44 -6.27 4.02
C THR A 27 8.66 -6.17 2.52
N ALA A 28 9.87 -6.54 2.07
CA ALA A 28 10.20 -6.48 0.66
C ALA A 28 10.93 -7.75 0.21
N SER A 29 10.53 -8.30 -0.92
CA SER A 29 11.13 -9.52 -1.44
C SER A 29 11.35 -9.41 -2.95
N HIS A 30 12.31 -10.18 -3.46
CA HIS A 30 12.63 -10.17 -4.89
C HIS A 30 11.36 -9.99 -5.72
N ASP A 31 10.50 -11.01 -5.70
CA ASP A 31 9.25 -10.98 -6.45
C ASP A 31 8.04 -11.01 -5.51
N THR A 32 8.16 -10.32 -4.39
CA THR A 32 7.08 -10.27 -3.41
C THR A 32 7.25 -9.09 -2.47
N ILE A 33 6.13 -8.55 -2.00
CA ILE A 33 6.15 -7.41 -1.09
C ILE A 33 4.86 -7.34 -0.26
N THR A 34 5.01 -7.29 1.05
CA THR A 34 3.87 -7.21 1.96
C THR A 34 3.70 -5.81 2.52
N VAL A 35 2.56 -5.19 2.23
CA VAL A 35 2.28 -3.85 2.72
C VAL A 35 1.25 -3.87 3.85
N HIS A 36 1.66 -3.44 5.03
CA HIS A 36 0.78 -3.42 6.20
C HIS A 36 0.22 -2.01 6.42
N TRP A 37 -1.10 -1.91 6.45
CA TRP A 37 -1.76 -0.62 6.65
C TRP A 37 -2.56 -0.63 7.95
N ILE A 38 -2.47 0.47 8.70
CA ILE A 38 -3.19 0.60 9.96
C ILE A 38 -4.23 1.70 9.90
N SER A 39 -5.43 1.40 10.37
CA SER A 39 -6.52 2.36 10.36
C SER A 39 -7.25 2.38 11.71
N ASP A 40 -7.80 3.53 12.07
CA ASP A 40 -8.52 3.69 13.32
C ASP A 40 -9.92 3.08 13.22
N ASP A 41 -10.48 3.10 12.02
CA ASP A 41 -11.82 2.55 11.80
C ASP A 41 -11.84 1.67 10.55
N GLU A 42 -11.79 0.36 10.76
CA GLU A 42 -11.80 -0.59 9.64
C GLU A 42 -13.05 -1.46 9.69
N PHE A 43 -14.08 -0.97 10.37
CA PHE A 43 -15.34 -1.69 10.49
C PHE A 43 -16.36 -1.18 9.48
N SER A 44 -16.30 0.12 9.18
CA SER A 44 -17.22 0.74 8.24
C SER A 44 -16.80 0.44 6.81
N ILE A 45 -15.50 0.50 6.55
CA ILE A 45 -14.97 0.24 5.22
C ILE A 45 -15.53 -1.06 4.64
N SER A 46 -16.20 -0.95 3.50
CA SER A 46 -16.80 -2.11 2.85
C SER A 46 -15.71 -3.03 2.30
N SER A 47 -14.68 -2.44 1.71
CA SER A 47 -13.59 -3.21 1.13
C SER A 47 -12.35 -2.34 0.93
N TYR A 48 -11.20 -2.96 0.78
CA TYR A 48 -9.95 -2.24 0.57
C TYR A 48 -9.43 -2.43 -0.84
N GLU A 49 -8.79 -1.40 -1.38
CA GLU A 49 -8.24 -1.45 -2.74
C GLU A 49 -6.74 -1.19 -2.73
N LEU A 50 -5.99 -2.12 -3.31
CA LEU A 50 -4.54 -2.00 -3.37
C LEU A 50 -4.09 -1.48 -4.74
N GLN A 51 -3.05 -0.67 -4.73
CA GLN A 51 -2.52 -0.10 -5.97
C GLN A 51 -0.99 -0.01 -5.92
N TYR A 52 -0.34 -0.76 -6.80
CA TYR A 52 1.11 -0.76 -6.87
C TYR A 52 1.60 -0.52 -8.29
N THR A 53 2.72 0.19 -8.40
CA THR A 53 3.30 0.50 -9.71
C THR A 53 4.80 0.72 -9.62
N ILE A 54 5.52 0.32 -10.65
CA ILE A 54 6.97 0.46 -10.69
C ILE A 54 7.37 1.93 -10.79
N PHE A 55 8.35 2.32 -9.96
CA PHE A 55 8.83 3.70 -9.95
C PHE A 55 10.30 3.76 -10.33
N THR A 56 10.57 4.26 -11.54
CA THR A 56 11.94 4.37 -12.03
C THR A 56 12.31 5.83 -12.27
N GLY A 57 12.14 6.66 -11.24
CA GLY A 57 12.48 8.06 -11.37
C GLY A 57 11.75 8.73 -12.51
N GLN A 58 10.59 8.18 -12.89
CA GLN A 58 9.82 8.72 -13.99
C GLN A 58 9.59 10.22 -13.80
N ALA A 59 9.16 10.89 -14.88
CA ALA A 59 8.90 12.32 -14.83
C ALA A 59 8.02 12.68 -13.64
N ASN A 60 7.69 13.96 -13.51
CA ASN A 60 6.85 14.44 -12.42
C ASN A 60 5.84 13.38 -12.01
N PHE A 61 5.88 12.98 -10.74
CA PHE A 61 4.96 11.98 -10.22
C PHE A 61 3.52 12.27 -10.64
N ILE A 62 3.02 13.42 -10.21
CA ILE A 62 1.66 13.84 -10.53
C ILE A 62 1.25 13.34 -11.91
N SER A 63 2.18 13.41 -12.86
CA SER A 63 1.92 12.97 -14.22
C SER A 63 1.63 11.46 -14.26
N LEU A 64 2.64 10.66 -13.95
CA LEU A 64 2.49 9.21 -13.95
C LEU A 64 1.28 8.79 -13.12
N TYR A 65 1.11 9.41 -11.96
CA TYR A 65 0.00 9.11 -11.08
C TYR A 65 -1.32 9.59 -11.68
N ASN A 66 -1.26 10.69 -12.42
CA ASN A 66 -2.46 11.25 -13.05
C ASN A 66 -3.05 10.28 -14.06
N SER A 67 -2.19 9.45 -14.65
CA SER A 67 -2.63 8.47 -15.64
C SER A 67 -2.57 7.06 -15.06
N VAL A 68 -3.56 6.71 -14.25
CA VAL A 68 -3.61 5.39 -13.63
C VAL A 68 -4.09 4.34 -14.63
N ASP A 69 -3.45 4.31 -15.80
CA ASP A 69 -3.81 3.35 -16.83
C ASP A 69 -3.00 2.07 -16.70
N SER A 70 -1.78 2.20 -16.18
CA SER A 70 -0.91 1.05 -16.00
C SER A 70 -1.01 0.51 -14.57
N TRP A 71 -1.10 1.41 -13.60
CA TRP A 71 -1.22 1.03 -12.21
C TRP A 71 -2.02 -0.27 -12.05
N MET A 72 -1.54 -1.16 -11.19
CA MET A 72 -2.20 -2.43 -10.95
C MET A 72 -3.09 -2.36 -9.72
N ILE A 73 -4.31 -2.88 -9.84
CA ILE A 73 -5.25 -2.87 -8.73
C ILE A 73 -5.70 -4.29 -8.39
N VAL A 74 -5.94 -4.54 -7.10
CA VAL A 74 -6.38 -5.84 -6.64
C VAL A 74 -7.54 -5.72 -5.65
N PRO A 75 -8.77 -5.77 -6.17
CA PRO A 75 -9.98 -5.67 -5.36
C PRO A 75 -10.20 -6.89 -4.48
N ASN A 76 -11.30 -6.91 -3.74
CA ASN A 76 -11.62 -8.03 -2.86
C ASN A 76 -10.55 -8.21 -1.79
N ILE A 77 -10.23 -7.12 -1.10
CA ILE A 77 -9.22 -7.16 -0.05
C ILE A 77 -9.84 -6.91 1.32
N LYS A 78 -9.94 -7.98 2.12
CA LYS A 78 -10.51 -7.87 3.45
C LYS A 78 -9.47 -8.20 4.52
N GLN A 79 -8.25 -7.69 4.32
CA GLN A 79 -7.17 -7.93 5.26
C GLN A 79 -6.39 -6.64 5.54
N ASN A 80 -5.56 -6.66 6.57
CA ASN A 80 -4.76 -5.49 6.93
C ASN A 80 -3.39 -5.55 6.28
N HIS A 81 -3.22 -6.48 5.33
CA HIS A 81 -1.96 -6.63 4.63
C HIS A 81 -2.11 -7.59 3.44
N TYR A 82 -1.75 -7.11 2.26
CA TYR A 82 -1.84 -7.91 1.04
C TYR A 82 -0.47 -8.18 0.46
N THR A 83 -0.16 -9.46 0.25
CA THR A 83 1.14 -9.85 -0.31
C THR A 83 1.09 -9.89 -1.83
N VAL A 84 1.74 -8.92 -2.46
CA VAL A 84 1.79 -8.84 -3.92
C VAL A 84 2.86 -9.75 -4.49
N HIS A 85 2.51 -10.49 -5.56
CA HIS A 85 3.45 -11.39 -6.20
C HIS A 85 3.69 -10.98 -7.64
N GLY A 86 4.91 -11.23 -8.13
CA GLY A 86 5.25 -10.88 -9.49
C GLY A 86 5.91 -9.52 -9.60
N LEU A 87 6.89 -9.27 -8.73
CA LEU A 87 7.59 -8.00 -8.73
C LEU A 87 9.04 -8.19 -9.18
N GLN A 88 9.69 -7.08 -9.55
CA GLN A 88 11.07 -7.12 -10.01
C GLN A 88 12.02 -6.89 -8.85
N SER A 89 13.00 -7.79 -8.70
CA SER A 89 13.98 -7.68 -7.63
C SER A 89 14.74 -6.36 -7.70
N GLY A 90 15.20 -5.88 -6.56
CA GLY A 90 15.94 -4.62 -6.53
C GLY A 90 15.31 -3.55 -7.39
N THR A 91 14.10 -3.14 -7.03
CA THR A 91 13.38 -2.12 -7.78
C THR A 91 12.40 -1.37 -6.89
N ARG A 92 12.25 -0.07 -7.14
CA ARG A 92 11.35 0.76 -6.36
C ARG A 92 9.89 0.45 -6.70
N TYR A 93 9.04 0.43 -5.68
CA TYR A 93 7.62 0.14 -5.87
C TYR A 93 6.76 1.00 -4.95
N ILE A 94 5.85 1.75 -5.55
CA ILE A 94 4.96 2.61 -4.77
C ILE A 94 3.65 1.90 -4.44
N PHE A 95 3.18 2.08 -3.22
CA PHE A 95 1.94 1.45 -2.77
C PHE A 95 0.97 2.50 -2.23
N ILE A 96 -0.27 2.45 -2.69
CA ILE A 96 -1.30 3.38 -2.24
C ILE A 96 -2.60 2.66 -1.93
N VAL A 97 -2.90 2.52 -0.64
CA VAL A 97 -4.13 1.86 -0.20
C VAL A 97 -5.30 2.83 -0.19
N LYS A 98 -6.39 2.43 -0.85
CA LYS A 98 -7.58 3.27 -0.92
C LYS A 98 -8.75 2.58 -0.21
N ALA A 99 -9.16 3.14 0.93
CA ALA A 99 -10.27 2.59 1.70
C ALA A 99 -11.61 3.03 1.11
N ILE A 100 -12.47 2.07 0.81
CA ILE A 100 -13.78 2.36 0.25
C ILE A 100 -14.89 1.98 1.22
N ASN A 101 -15.91 2.83 1.32
CA ASN A 101 -17.04 2.57 2.20
C ASN A 101 -18.34 3.05 1.58
N GLN A 102 -19.43 2.93 2.34
CA GLN A 102 -20.74 3.36 1.86
C GLN A 102 -20.73 4.83 1.46
N ALA A 103 -19.90 5.61 2.14
CA ALA A 103 -19.79 7.04 1.86
C ALA A 103 -19.02 7.28 0.56
N GLY A 104 -17.73 7.01 0.58
CA GLY A 104 -16.90 7.20 -0.60
C GLY A 104 -15.58 6.48 -0.50
N SER A 105 -14.52 7.12 -1.01
CA SER A 105 -13.18 6.53 -1.00
C SER A 105 -12.15 7.55 -0.53
N ARG A 106 -11.08 7.06 0.09
CA ARG A 106 -10.02 7.93 0.58
C ARG A 106 -8.65 7.39 0.20
N ASN A 107 -8.01 8.03 -0.77
CA ASN A 107 -6.69 7.60 -1.22
C ASN A 107 -5.59 8.11 -0.28
N SER A 108 -4.80 7.19 0.24
CA SER A 108 -3.72 7.54 1.15
C SER A 108 -2.50 8.07 0.39
N GLU A 109 -1.47 8.45 1.12
CA GLU A 109 -0.25 8.96 0.51
C GLU A 109 0.56 7.84 -0.12
N PRO A 110 1.32 8.18 -1.18
CA PRO A 110 2.15 7.21 -1.89
C PRO A 110 3.35 6.76 -1.07
N THR A 111 3.37 5.47 -0.72
CA THR A 111 4.46 4.92 0.08
C THR A 111 5.45 4.16 -0.80
N ARG A 112 6.59 4.78 -1.08
CA ARG A 112 7.62 4.16 -1.90
C ARG A 112 8.39 3.10 -1.12
N LEU A 113 8.63 1.96 -1.76
CA LEU A 113 9.35 0.86 -1.13
C LEU A 113 10.44 0.33 -2.04
N LYS A 114 11.30 -0.52 -1.49
CA LYS A 114 12.40 -1.10 -2.26
C LYS A 114 12.52 -2.60 -1.97
N THR A 115 12.73 -3.38 -3.02
CA THR A 115 12.87 -4.83 -2.88
C THR A 115 14.31 -5.22 -2.56
N ASN A 116 14.54 -6.51 -2.40
CA ASN A 116 15.87 -7.02 -2.09
C ASN A 116 16.63 -7.39 -3.35
N SER A 117 17.93 -7.12 -3.37
CA SER A 117 18.76 -7.44 -4.52
C SER A 117 18.32 -8.75 -5.17
N GLN A 118 18.57 -9.86 -4.49
CA GLN A 118 18.20 -11.17 -5.01
C GLN A 118 17.57 -12.02 -3.92
N PRO A 119 16.86 -13.09 -4.33
CA PRO A 119 16.19 -14.00 -3.39
C PRO A 119 17.18 -14.84 -2.61
N PHE A 120 16.66 -15.78 -1.82
CA PHE A 120 17.50 -16.65 -1.00
C PHE A 120 18.37 -17.54 -1.88
N LYS A 121 19.68 -17.31 -1.83
CA LYS A 121 20.62 -18.09 -2.63
C LYS A 121 21.62 -18.82 -1.72
N SER A 122 22.21 -19.89 -2.24
CA SER A 122 23.19 -20.66 -1.48
C SER A 122 24.60 -20.21 -1.80
N GLY A 123 25.35 -19.84 -0.76
CA GLY A 123 26.72 -19.39 -0.95
C GLY A 123 27.61 -19.76 0.22
N PRO A 124 28.74 -19.04 0.35
CA PRO A 124 29.70 -19.28 1.42
C PRO A 124 29.17 -18.85 2.79
N SER A 125 28.06 -18.13 2.77
CA SER A 125 27.44 -17.66 4.01
C SER A 125 26.45 -18.69 4.54
N SER A 126 25.63 -19.23 3.65
CA SER A 126 24.62 -20.22 4.04
C SER A 126 25.29 -21.50 4.54
N GLY A 127 24.47 -22.48 4.91
CA GLY A 127 24.98 -23.74 5.39
C GLY A 127 24.48 -24.08 6.78
N GLY A 1 3.11 14.31 25.34
CA GLY A 1 2.85 12.88 25.24
C GLY A 1 1.82 12.56 24.17
N SER A 2 1.34 11.32 24.19
CA SER A 2 0.36 10.88 23.20
C SER A 2 -1.04 10.87 23.81
N SER A 3 -1.20 10.14 24.92
CA SER A 3 -2.49 10.05 25.60
C SER A 3 -3.12 11.43 25.75
N GLY A 4 -4.43 11.50 25.47
CA GLY A 4 -5.13 12.77 25.58
C GLY A 4 -6.20 12.93 24.52
N SER A 5 -6.11 14.03 23.76
CA SER A 5 -7.08 14.31 22.71
C SER A 5 -6.61 13.72 21.37
N SER A 6 -6.19 12.45 21.41
CA SER A 6 -5.72 11.77 20.22
C SER A 6 -6.82 11.71 19.15
N GLY A 7 -7.99 11.23 19.56
CA GLY A 7 -9.10 11.13 18.64
C GLY A 7 -10.16 10.14 19.10
N GLU A 8 -11.42 10.41 18.76
CA GLU A 8 -12.52 9.54 19.15
C GLU A 8 -13.54 9.42 18.02
N GLY A 9 -13.86 8.18 17.65
CA GLY A 9 -14.82 7.94 16.59
C GLY A 9 -15.96 8.95 16.61
N LEU A 10 -16.37 9.41 15.44
CA LEU A 10 -17.46 10.37 15.33
C LEU A 10 -18.67 9.75 14.61
N ASP A 11 -19.69 10.57 14.40
CA ASP A 11 -20.91 10.10 13.73
C ASP A 11 -20.91 10.51 12.27
N TYR A 12 -19.75 10.97 11.78
CA TYR A 12 -19.63 11.40 10.40
C TYR A 12 -19.34 10.21 9.48
N LEU A 13 -20.05 10.15 8.36
CA LEU A 13 -19.87 9.07 7.39
C LEU A 13 -19.71 9.62 5.98
N THR A 14 -19.27 10.86 5.88
CA THR A 14 -19.08 11.50 4.59
C THR A 14 -18.09 10.73 3.73
N ALA A 15 -16.89 10.50 4.27
CA ALA A 15 -15.86 9.77 3.56
C ALA A 15 -15.13 8.80 4.48
N PRO A 16 -14.61 7.71 3.90
CA PRO A 16 -13.88 6.69 4.67
C PRO A 16 -12.53 7.19 5.16
N ASN A 17 -12.27 7.02 6.46
CA ASN A 17 -11.02 7.46 7.05
C ASN A 17 -9.83 6.90 6.28
N PRO A 18 -8.85 7.76 5.99
CA PRO A 18 -7.64 7.38 5.26
C PRO A 18 -6.72 6.49 6.08
N PRO A 19 -6.38 5.32 5.53
CA PRO A 19 -5.50 4.35 6.20
C PRO A 19 -4.06 4.84 6.30
N SER A 20 -3.27 4.17 7.14
CA SER A 20 -1.87 4.55 7.33
C SER A 20 -0.95 3.37 7.03
N ILE A 21 -0.28 3.43 5.89
CA ILE A 21 0.64 2.37 5.49
C ILE A 21 1.84 2.30 6.42
N ARG A 22 1.91 1.25 7.23
CA ARG A 22 3.01 1.08 8.16
C ARG A 22 4.28 0.66 7.42
N GLU A 23 4.96 1.64 6.84
CA GLU A 23 6.20 1.37 6.10
C GLU A 23 7.19 0.59 6.97
N GLU A 24 7.10 0.79 8.28
CA GLU A 24 7.99 0.11 9.22
C GLU A 24 7.74 -1.39 9.23
N LEU A 25 6.47 -1.77 9.09
CA LEU A 25 6.08 -3.17 9.09
C LEU A 25 6.18 -3.76 7.69
N CYS A 26 6.08 -2.90 6.68
CA CYS A 26 6.16 -3.32 5.29
C CYS A 26 7.41 -4.17 5.06
N THR A 27 7.29 -5.17 4.19
CA THR A 27 8.40 -6.06 3.88
C THR A 27 8.59 -6.21 2.38
N ALA A 28 9.85 -6.21 1.94
CA ALA A 28 10.16 -6.34 0.52
C ALA A 28 10.91 -7.64 0.24
N SER A 29 10.53 -8.33 -0.82
CA SER A 29 11.17 -9.59 -1.19
C SER A 29 11.54 -9.60 -2.67
N HIS A 30 12.37 -10.56 -3.06
CA HIS A 30 12.80 -10.68 -4.45
C HIS A 30 11.68 -10.29 -5.40
N ASP A 31 10.67 -11.14 -5.49
CA ASP A 31 9.53 -10.90 -6.38
C ASP A 31 8.23 -10.88 -5.59
N THR A 32 8.27 -10.30 -4.39
CA THR A 32 7.10 -10.22 -3.54
C THR A 32 7.21 -9.06 -2.55
N ILE A 33 6.08 -8.47 -2.20
CA ILE A 33 6.05 -7.35 -1.27
C ILE A 33 4.78 -7.36 -0.43
N THR A 34 4.95 -7.29 0.89
CA THR A 34 3.82 -7.30 1.81
C THR A 34 3.63 -5.93 2.46
N VAL A 35 2.58 -5.23 2.05
CA VAL A 35 2.28 -3.91 2.58
C VAL A 35 1.29 -4.00 3.74
N HIS A 36 1.65 -3.40 4.88
CA HIS A 36 0.79 -3.41 6.04
C HIS A 36 0.17 -2.04 6.27
N TRP A 37 -1.16 -2.00 6.35
CA TRP A 37 -1.88 -0.76 6.56
C TRP A 37 -2.61 -0.77 7.90
N ILE A 38 -2.64 0.37 8.58
CA ILE A 38 -3.31 0.49 9.87
C ILE A 38 -4.47 1.47 9.80
N SER A 39 -5.60 1.09 10.38
CA SER A 39 -6.79 1.94 10.37
C SER A 39 -7.43 1.96 11.75
N ASP A 40 -8.06 3.08 12.09
CA ASP A 40 -8.72 3.24 13.38
C ASP A 40 -10.09 2.57 13.37
N ASP A 41 -10.76 2.61 12.22
CA ASP A 41 -12.08 2.02 12.08
C ASP A 41 -12.24 1.39 10.70
N GLU A 42 -12.19 0.07 10.64
CA GLU A 42 -12.32 -0.66 9.38
C GLU A 42 -13.56 -1.55 9.40
N PHE A 43 -14.52 -1.21 10.27
CA PHE A 43 -15.75 -1.98 10.38
C PHE A 43 -16.76 -1.56 9.32
N SER A 44 -16.81 -0.26 9.05
CA SER A 44 -17.74 0.28 8.06
C SER A 44 -17.23 0.01 6.64
N ILE A 45 -15.93 0.18 6.44
CA ILE A 45 -15.33 -0.05 5.14
C ILE A 45 -15.78 -1.38 4.55
N SER A 46 -16.52 -1.31 3.44
CA SER A 46 -17.02 -2.51 2.77
C SER A 46 -15.87 -3.42 2.36
N SER A 47 -14.76 -2.80 1.96
CA SER A 47 -13.58 -3.56 1.53
C SER A 47 -12.39 -2.64 1.32
N TYR A 48 -11.21 -3.22 1.27
CA TYR A 48 -9.98 -2.45 1.08
C TYR A 48 -9.44 -2.62 -0.34
N GLU A 49 -8.65 -1.65 -0.79
CA GLU A 49 -8.07 -1.69 -2.12
C GLU A 49 -6.57 -1.44 -2.07
N LEU A 50 -5.84 -2.04 -3.01
CA LEU A 50 -4.39 -1.87 -3.07
C LEU A 50 -3.96 -1.41 -4.46
N GLN A 51 -3.08 -0.42 -4.50
CA GLN A 51 -2.57 0.11 -5.76
C GLN A 51 -1.05 0.08 -5.81
N TYR A 52 -0.51 -0.73 -6.70
CA TYR A 52 0.94 -0.86 -6.84
C TYR A 52 1.37 -0.59 -8.28
N THR A 53 2.54 0.03 -8.43
CA THR A 53 3.07 0.35 -9.75
C THR A 53 4.57 0.63 -9.68
N ILE A 54 5.29 0.15 -10.69
CA ILE A 54 6.73 0.35 -10.76
C ILE A 54 7.09 1.83 -10.91
N PHE A 55 7.92 2.33 -10.01
CA PHE A 55 8.34 3.73 -10.05
C PHE A 55 9.70 3.88 -10.73
N THR A 56 9.73 4.69 -11.78
CA THR A 56 10.96 4.92 -12.52
C THR A 56 11.09 6.38 -12.94
N GLY A 57 12.17 6.70 -13.66
CA GLY A 57 12.39 8.06 -14.11
C GLY A 57 11.70 8.35 -15.42
N GLN A 58 10.49 7.84 -15.59
CA GLN A 58 9.73 8.05 -16.82
C GLN A 58 9.33 9.51 -16.97
N ALA A 59 8.81 10.08 -15.88
CA ALA A 59 8.39 11.49 -15.89
C ALA A 59 8.00 11.95 -14.49
N ASN A 60 7.71 13.24 -14.36
CA ASN A 60 7.32 13.80 -13.08
C ASN A 60 6.31 12.92 -12.37
N PHE A 61 6.55 12.66 -11.08
CA PHE A 61 5.67 11.82 -10.29
C PHE A 61 4.21 12.20 -10.53
N ILE A 62 3.93 13.49 -10.52
CA ILE A 62 2.57 13.98 -10.75
C ILE A 62 2.05 13.54 -12.10
N SER A 63 2.81 13.81 -13.15
CA SER A 63 2.42 13.45 -14.50
C SER A 63 1.96 12.00 -14.56
N LEU A 64 2.81 11.09 -14.11
CA LEU A 64 2.48 9.66 -14.11
C LEU A 64 1.27 9.39 -13.22
N TYR A 65 1.38 9.78 -11.95
CA TYR A 65 0.29 9.57 -10.99
C TYR A 65 -1.03 10.13 -11.53
N ASN A 66 -0.93 11.12 -12.40
CA ASN A 66 -2.11 11.75 -12.99
C ASN A 66 -2.87 10.74 -13.85
N SER A 67 -2.14 9.86 -14.52
CA SER A 67 -2.73 8.86 -15.39
C SER A 67 -2.66 7.47 -14.74
N VAL A 68 -3.68 7.13 -13.97
CA VAL A 68 -3.73 5.84 -13.31
C VAL A 68 -4.23 4.75 -14.24
N ASP A 69 -3.74 4.78 -15.48
CA ASP A 69 -4.14 3.79 -16.48
C ASP A 69 -3.28 2.53 -16.36
N SER A 70 -2.03 2.71 -15.97
CA SER A 70 -1.10 1.58 -15.83
C SER A 70 -1.20 0.98 -14.43
N TRP A 71 -1.30 1.84 -13.43
CA TRP A 71 -1.40 1.39 -12.05
C TRP A 71 -2.21 0.10 -11.95
N MET A 72 -1.81 -0.78 -11.04
CA MET A 72 -2.51 -2.05 -10.84
C MET A 72 -3.35 -2.02 -9.57
N ILE A 73 -4.51 -2.65 -9.62
CA ILE A 73 -5.41 -2.69 -8.47
C ILE A 73 -5.77 -4.13 -8.12
N VAL A 74 -5.99 -4.38 -6.83
CA VAL A 74 -6.34 -5.71 -6.36
C VAL A 74 -7.50 -5.65 -5.37
N PRO A 75 -8.73 -5.74 -5.89
CA PRO A 75 -9.95 -5.70 -5.07
C PRO A 75 -10.12 -6.95 -4.21
N ASN A 76 -11.25 -7.05 -3.53
CA ASN A 76 -11.53 -8.20 -2.67
C ASN A 76 -10.48 -8.33 -1.58
N ILE A 77 -10.19 -7.21 -0.90
CA ILE A 77 -9.21 -7.20 0.18
C ILE A 77 -9.87 -6.89 1.51
N LYS A 78 -9.85 -7.87 2.41
CA LYS A 78 -10.44 -7.69 3.74
C LYS A 78 -9.42 -8.04 4.83
N GLN A 79 -8.16 -7.72 4.59
CA GLN A 79 -7.10 -8.00 5.55
C GLN A 79 -6.28 -6.74 5.82
N ASN A 80 -5.32 -6.86 6.74
CA ASN A 80 -4.46 -5.73 7.09
C ASN A 80 -3.09 -5.87 6.43
N HIS A 81 -2.99 -6.76 5.46
CA HIS A 81 -1.74 -6.99 4.74
C HIS A 81 -1.96 -7.91 3.55
N TYR A 82 -1.58 -7.43 2.36
CA TYR A 82 -1.73 -8.22 1.14
C TYR A 82 -0.38 -8.43 0.46
N THR A 83 -0.02 -9.69 0.24
CA THR A 83 1.24 -10.03 -0.40
C THR A 83 1.12 -9.96 -1.92
N VAL A 84 1.84 -9.01 -2.51
CA VAL A 84 1.82 -8.84 -3.96
C VAL A 84 2.86 -9.72 -4.63
N HIS A 85 2.45 -10.46 -5.65
CA HIS A 85 3.36 -11.34 -6.37
C HIS A 85 3.52 -10.88 -7.82
N GLY A 86 4.69 -11.14 -8.38
CA GLY A 86 4.95 -10.74 -9.76
C GLY A 86 5.61 -9.38 -9.84
N LEU A 87 6.69 -9.19 -9.10
CA LEU A 87 7.40 -7.91 -9.09
C LEU A 87 8.85 -8.09 -9.54
N GLN A 88 9.54 -6.99 -9.78
CA GLN A 88 10.92 -7.03 -10.21
C GLN A 88 11.87 -6.90 -9.02
N SER A 89 13.09 -7.40 -9.18
CA SER A 89 14.09 -7.35 -8.12
C SER A 89 14.75 -5.98 -8.06
N GLY A 90 15.27 -5.62 -6.89
CA GLY A 90 15.92 -4.35 -6.73
C GLY A 90 15.26 -3.24 -7.53
N THR A 91 13.98 -2.98 -7.24
CA THR A 91 13.23 -1.95 -7.95
C THR A 91 12.27 -1.23 -7.01
N ARG A 92 12.06 0.05 -7.27
CA ARG A 92 11.16 0.86 -6.45
C ARG A 92 9.70 0.54 -6.76
N TYR A 93 8.91 0.32 -5.72
CA TYR A 93 7.49 0.01 -5.89
C TYR A 93 6.64 0.85 -4.95
N ILE A 94 5.73 1.63 -5.53
CA ILE A 94 4.84 2.49 -4.75
C ILE A 94 3.55 1.76 -4.42
N PHE A 95 3.03 2.02 -3.22
CA PHE A 95 1.78 1.40 -2.78
C PHE A 95 0.84 2.44 -2.17
N ILE A 96 -0.43 2.36 -2.53
CA ILE A 96 -1.43 3.29 -2.02
C ILE A 96 -2.73 2.57 -1.69
N VAL A 97 -3.01 2.42 -0.40
CA VAL A 97 -4.23 1.75 0.04
C VAL A 97 -5.42 2.71 0.05
N LYS A 98 -6.43 2.40 -0.75
CA LYS A 98 -7.62 3.23 -0.84
C LYS A 98 -8.81 2.54 -0.19
N ALA A 99 -9.26 3.07 0.95
CA ALA A 99 -10.39 2.51 1.66
C ALA A 99 -11.70 2.83 0.95
N ILE A 100 -12.48 1.80 0.63
CA ILE A 100 -13.75 1.98 -0.05
C ILE A 100 -14.91 1.60 0.87
N ASN A 101 -15.90 2.48 0.95
CA ASN A 101 -17.07 2.25 1.79
C ASN A 101 -18.33 2.82 1.14
N GLN A 102 -19.48 2.59 1.77
CA GLN A 102 -20.75 3.08 1.26
C GLN A 102 -20.68 4.58 1.00
N ALA A 103 -19.91 5.29 1.83
CA ALA A 103 -19.77 6.74 1.68
C ALA A 103 -19.00 7.08 0.41
N GLY A 104 -17.81 6.50 0.27
CA GLY A 104 -17.00 6.76 -0.90
C GLY A 104 -15.65 6.07 -0.83
N SER A 105 -14.59 6.79 -1.18
CA SER A 105 -13.25 6.23 -1.17
C SER A 105 -12.22 7.29 -0.77
N ARG A 106 -11.11 6.86 -0.17
CA ARG A 106 -10.07 7.77 0.25
C ARG A 106 -8.69 7.19 -0.06
N ASN A 107 -7.94 7.88 -0.91
CA ASN A 107 -6.61 7.44 -1.29
C ASN A 107 -5.56 7.93 -0.29
N SER A 108 -4.84 6.99 0.31
CA SER A 108 -3.81 7.33 1.29
C SER A 108 -2.55 7.82 0.60
N GLU A 109 -1.58 8.24 1.41
CA GLU A 109 -0.31 8.74 0.88
C GLU A 109 0.48 7.61 0.22
N PRO A 110 1.25 7.96 -0.82
CA PRO A 110 2.08 6.99 -1.55
C PRO A 110 3.25 6.48 -0.73
N THR A 111 3.35 5.16 -0.58
CA THR A 111 4.43 4.56 0.19
C THR A 111 5.42 3.84 -0.72
N ARG A 112 6.54 4.49 -1.01
CA ARG A 112 7.57 3.92 -1.87
C ARG A 112 8.35 2.83 -1.12
N LEU A 113 8.63 1.74 -1.82
CA LEU A 113 9.37 0.63 -1.23
C LEU A 113 10.42 0.10 -2.20
N LYS A 114 11.27 -0.79 -1.71
CA LYS A 114 12.33 -1.38 -2.53
C LYS A 114 12.50 -2.86 -2.22
N THR A 115 12.63 -3.66 -3.27
CA THR A 115 12.81 -5.11 -3.10
C THR A 115 14.27 -5.47 -2.93
N ASN A 116 14.54 -6.76 -2.77
CA ASN A 116 15.91 -7.23 -2.59
C ASN A 116 16.37 -8.05 -3.79
N SER A 117 17.65 -8.39 -3.81
CA SER A 117 18.22 -9.17 -4.90
C SER A 117 17.42 -10.45 -5.13
N GLN A 118 17.78 -11.18 -6.18
CA GLN A 118 17.09 -12.42 -6.51
C GLN A 118 17.54 -13.56 -5.59
N PRO A 119 16.66 -14.55 -5.41
CA PRO A 119 16.94 -15.71 -4.56
C PRO A 119 18.02 -16.62 -5.14
N PHE A 120 18.26 -17.75 -4.49
CA PHE A 120 19.27 -18.70 -4.94
C PHE A 120 18.81 -19.42 -6.21
N LYS A 121 19.60 -19.31 -7.26
CA LYS A 121 19.28 -19.94 -8.54
C LYS A 121 19.37 -21.46 -8.42
N SER A 122 18.45 -22.14 -9.09
CA SER A 122 18.42 -23.60 -9.07
C SER A 122 17.35 -24.13 -10.02
N GLY A 123 17.66 -25.23 -10.70
CA GLY A 123 16.72 -25.82 -11.63
C GLY A 123 16.69 -27.34 -11.54
N PRO A 124 17.07 -28.01 -12.64
CA PRO A 124 17.09 -29.47 -12.70
C PRO A 124 18.20 -30.07 -11.84
N SER A 125 17.93 -31.24 -11.28
CA SER A 125 18.90 -31.92 -10.43
C SER A 125 19.48 -33.14 -11.14
N SER A 126 20.57 -33.66 -10.59
CA SER A 126 21.24 -34.82 -11.17
C SER A 126 20.23 -35.93 -11.49
N GLY A 127 20.56 -36.76 -12.47
CA GLY A 127 19.68 -37.84 -12.85
C GLY A 127 19.76 -38.16 -14.33
N GLY A 1 -4.98 -8.94 31.51
CA GLY A 1 -4.26 -8.19 32.52
C GLY A 1 -4.96 -6.90 32.90
N SER A 2 -4.86 -5.90 32.03
CA SER A 2 -5.48 -4.61 32.28
C SER A 2 -6.41 -4.21 31.13
N SER A 3 -7.06 -3.06 31.27
CA SER A 3 -7.97 -2.57 30.24
C SER A 3 -7.35 -2.70 28.86
N GLY A 4 -8.16 -2.49 27.83
CA GLY A 4 -7.69 -2.60 26.46
C GLY A 4 -7.82 -1.30 25.71
N SER A 5 -9.05 -0.89 25.43
CA SER A 5 -9.31 0.35 24.69
C SER A 5 -10.45 1.12 25.33
N SER A 6 -10.74 2.30 24.78
CA SER A 6 -11.81 3.14 25.29
C SER A 6 -12.95 3.26 24.29
N GLY A 7 -12.63 3.75 23.10
CA GLY A 7 -13.63 3.91 22.06
C GLY A 7 -13.75 5.35 21.58
N GLU A 8 -13.13 5.64 20.43
CA GLU A 8 -13.17 6.98 19.87
C GLU A 8 -13.19 6.92 18.35
N GLY A 9 -13.84 7.91 17.73
CA GLY A 9 -13.92 7.96 16.28
C GLY A 9 -14.55 9.25 15.78
N LEU A 10 -14.64 9.38 14.46
CA LEU A 10 -15.22 10.57 13.86
C LEU A 10 -16.71 10.37 13.61
N ASP A 11 -17.54 11.18 14.28
CA ASP A 11 -18.98 11.10 14.13
C ASP A 11 -19.37 11.04 12.65
N TYR A 12 -18.66 11.81 11.83
CA TYR A 12 -18.93 11.84 10.40
C TYR A 12 -18.53 10.53 9.72
N LEU A 13 -19.33 10.10 8.76
CA LEU A 13 -19.07 8.86 8.04
C LEU A 13 -19.08 9.09 6.53
N THR A 14 -19.46 10.30 6.13
CA THR A 14 -19.52 10.64 4.71
C THR A 14 -18.36 10.04 3.94
N ALA A 15 -17.26 9.77 4.65
CA ALA A 15 -16.08 9.18 4.03
C ALA A 15 -15.34 8.28 5.01
N PRO A 16 -14.81 7.16 4.50
CA PRO A 16 -14.08 6.19 5.32
C PRO A 16 -12.73 6.72 5.78
N ASN A 17 -12.37 6.43 7.03
CA ASN A 17 -11.11 6.88 7.59
C ASN A 17 -9.94 6.44 6.72
N PRO A 18 -8.97 7.36 6.53
CA PRO A 18 -7.78 7.08 5.72
C PRO A 18 -6.83 6.07 6.38
N PRO A 19 -6.48 5.02 5.62
CA PRO A 19 -5.58 3.97 6.12
C PRO A 19 -4.15 4.46 6.31
N SER A 20 -3.47 3.92 7.31
CA SER A 20 -2.09 4.31 7.60
C SER A 20 -1.12 3.18 7.26
N ILE A 21 -0.35 3.38 6.20
CA ILE A 21 0.61 2.37 5.78
C ILE A 21 1.81 2.31 6.72
N ARG A 22 2.06 1.13 7.27
CA ARG A 22 3.17 0.95 8.20
C ARG A 22 4.43 0.51 7.46
N GLU A 23 5.30 1.48 7.17
CA GLU A 23 6.54 1.20 6.45
C GLU A 23 7.46 0.31 7.29
N GLU A 24 7.23 0.31 8.60
CA GLU A 24 8.03 -0.50 9.51
C GLU A 24 7.57 -1.96 9.51
N LEU A 25 6.31 -2.16 9.17
CA LEU A 25 5.73 -3.50 9.13
C LEU A 25 5.81 -4.08 7.72
N CYS A 26 5.75 -3.22 6.72
CA CYS A 26 5.81 -3.65 5.34
C CYS A 26 7.14 -4.33 5.03
N THR A 27 7.10 -5.36 4.19
CA THR A 27 8.30 -6.09 3.82
C THR A 27 8.54 -6.03 2.32
N ALA A 28 9.80 -6.26 1.92
CA ALA A 28 10.16 -6.22 0.51
C ALA A 28 10.95 -7.48 0.12
N SER A 29 10.54 -8.10 -0.99
CA SER A 29 11.20 -9.31 -1.46
C SER A 29 11.56 -9.18 -2.94
N HIS A 30 12.41 -10.10 -3.42
CA HIS A 30 12.82 -10.10 -4.81
C HIS A 30 11.66 -9.73 -5.74
N ASP A 31 10.68 -10.61 -5.83
CA ASP A 31 9.51 -10.38 -6.67
C ASP A 31 8.22 -10.44 -5.84
N THR A 32 8.26 -9.86 -4.65
CA THR A 32 7.10 -9.85 -3.77
C THR A 32 7.24 -8.78 -2.69
N ILE A 33 6.12 -8.18 -2.33
CA ILE A 33 6.11 -7.13 -1.31
C ILE A 33 4.84 -7.20 -0.47
N THR A 34 5.00 -7.12 0.85
CA THR A 34 3.87 -7.17 1.77
C THR A 34 3.65 -5.82 2.45
N VAL A 35 2.66 -5.07 1.97
CA VAL A 35 2.35 -3.77 2.53
C VAL A 35 1.38 -3.89 3.70
N HIS A 36 1.87 -3.60 4.91
CA HIS A 36 1.04 -3.68 6.10
C HIS A 36 0.42 -2.33 6.42
N TRP A 37 -0.91 -2.28 6.42
CA TRP A 37 -1.62 -1.04 6.71
C TRP A 37 -2.49 -1.19 7.95
N ILE A 38 -2.63 -0.12 8.72
CA ILE A 38 -3.44 -0.12 9.94
C ILE A 38 -4.81 0.49 9.68
N SER A 39 -5.81 -0.02 10.39
CA SER A 39 -7.18 0.49 10.25
C SER A 39 -7.78 0.81 11.61
N ASP A 40 -8.10 2.08 11.82
CA ASP A 40 -8.69 2.52 13.08
C ASP A 40 -10.13 2.04 13.21
N ASP A 41 -10.87 2.12 12.11
CA ASP A 41 -12.27 1.69 12.10
C ASP A 41 -12.61 1.03 10.77
N GLU A 42 -12.76 -0.28 10.80
CA GLU A 42 -13.10 -1.04 9.58
C GLU A 42 -14.57 -1.39 9.56
N PHE A 43 -15.17 -1.50 10.75
CA PHE A 43 -16.59 -1.83 10.87
C PHE A 43 -17.40 -1.14 9.77
N SER A 44 -16.97 0.05 9.38
CA SER A 44 -17.65 0.82 8.35
C SER A 44 -17.13 0.46 6.96
N ILE A 45 -15.82 0.24 6.87
CA ILE A 45 -15.19 -0.10 5.61
C ILE A 45 -15.73 -1.43 5.07
N SER A 46 -16.22 -1.40 3.83
CA SER A 46 -16.77 -2.60 3.21
C SER A 46 -15.66 -3.48 2.64
N SER A 47 -14.59 -2.83 2.18
CA SER A 47 -13.45 -3.55 1.60
C SER A 47 -12.30 -2.60 1.33
N TYR A 48 -11.10 -3.16 1.19
CA TYR A 48 -9.91 -2.35 0.92
C TYR A 48 -9.43 -2.57 -0.52
N GLU A 49 -8.75 -1.56 -1.06
CA GLU A 49 -8.23 -1.62 -2.42
C GLU A 49 -6.73 -1.34 -2.44
N LEU A 50 -5.98 -2.25 -3.05
CA LEU A 50 -4.53 -2.10 -3.14
C LEU A 50 -4.14 -1.51 -4.49
N GLN A 51 -3.41 -0.39 -4.46
CA GLN A 51 -2.97 0.27 -5.68
C GLN A 51 -1.46 0.44 -5.68
N TYR A 52 -0.80 -0.23 -6.63
CA TYR A 52 0.65 -0.16 -6.74
C TYR A 52 1.07 0.07 -8.20
N THR A 53 2.31 0.53 -8.39
CA THR A 53 2.83 0.79 -9.72
C THR A 53 4.35 0.93 -9.69
N ILE A 54 5.00 0.46 -10.76
CA ILE A 54 6.45 0.52 -10.85
C ILE A 54 6.92 1.97 -10.98
N PHE A 55 7.77 2.40 -10.05
CA PHE A 55 8.29 3.76 -10.06
C PHE A 55 9.74 3.78 -10.53
N THR A 56 9.95 4.22 -11.77
CA THR A 56 11.29 4.28 -12.34
C THR A 56 11.79 5.72 -12.41
N GLY A 57 11.70 6.42 -11.28
CA GLY A 57 12.15 7.79 -11.22
C GLY A 57 11.92 8.53 -12.52
N GLN A 58 10.71 9.08 -12.69
CA GLN A 58 10.37 9.81 -13.90
C GLN A 58 10.62 11.30 -13.72
N ALA A 59 10.65 12.03 -14.84
CA ALA A 59 10.88 13.48 -14.80
C ALA A 59 10.10 14.13 -13.68
N ASN A 60 8.89 13.61 -13.42
CA ASN A 60 8.04 14.14 -12.36
C ASN A 60 6.98 13.12 -11.96
N PHE A 61 6.86 12.88 -10.66
CA PHE A 61 5.89 11.94 -10.14
C PHE A 61 4.52 12.16 -10.78
N ILE A 62 4.25 13.40 -11.19
CA ILE A 62 2.99 13.75 -11.82
C ILE A 62 2.82 13.03 -13.15
N SER A 63 3.86 13.10 -13.98
CA SER A 63 3.83 12.46 -15.30
C SER A 63 3.38 11.00 -15.18
N LEU A 64 3.84 10.33 -14.13
CA LEU A 64 3.50 8.93 -13.90
C LEU A 64 2.13 8.81 -13.25
N TYR A 65 1.88 9.65 -12.25
CA TYR A 65 0.60 9.63 -11.55
C TYR A 65 -0.54 10.10 -12.47
N ASN A 66 -0.17 10.77 -13.55
CA ASN A 66 -1.15 11.27 -14.50
C ASN A 66 -1.97 10.13 -15.10
N SER A 67 -1.30 9.01 -15.39
CA SER A 67 -1.96 7.85 -15.97
C SER A 67 -2.24 6.80 -14.89
N VAL A 68 -2.95 7.20 -13.85
CA VAL A 68 -3.29 6.30 -12.76
C VAL A 68 -4.03 5.07 -13.27
N ASP A 69 -4.82 5.26 -14.32
CA ASP A 69 -5.58 4.16 -14.91
C ASP A 69 -4.67 2.98 -15.23
N SER A 70 -3.37 3.23 -15.25
CA SER A 70 -2.39 2.18 -15.55
C SER A 70 -2.03 1.41 -14.29
N TRP A 71 -2.07 2.08 -13.15
CA TRP A 71 -1.75 1.45 -11.87
C TRP A 71 -2.45 0.11 -11.73
N MET A 72 -1.90 -0.75 -10.87
CA MET A 72 -2.48 -2.07 -10.65
C MET A 72 -3.42 -2.05 -9.45
N ILE A 73 -4.56 -2.72 -9.58
CA ILE A 73 -5.54 -2.79 -8.51
C ILE A 73 -5.89 -4.23 -8.17
N VAL A 74 -6.07 -4.51 -6.88
CA VAL A 74 -6.42 -5.85 -6.43
C VAL A 74 -7.55 -5.80 -5.40
N PRO A 75 -8.79 -5.94 -5.89
CA PRO A 75 -9.98 -5.93 -5.03
C PRO A 75 -10.07 -7.17 -4.15
N ASN A 76 -11.16 -7.27 -3.38
CA ASN A 76 -11.37 -8.41 -2.49
C ASN A 76 -10.28 -8.48 -1.43
N ILE A 77 -10.05 -7.35 -0.76
CA ILE A 77 -9.03 -7.29 0.29
C ILE A 77 -9.67 -7.08 1.65
N LYS A 78 -9.65 -8.12 2.48
CA LYS A 78 -10.23 -8.06 3.81
C LYS A 78 -9.16 -8.31 4.87
N GLN A 79 -7.97 -7.76 4.67
CA GLN A 79 -6.87 -7.93 5.61
C GLN A 79 -6.11 -6.62 5.78
N ASN A 80 -5.10 -6.65 6.67
CA ASN A 80 -4.30 -5.47 6.93
C ASN A 80 -2.94 -5.57 6.24
N HIS A 81 -2.85 -6.49 5.28
CA HIS A 81 -1.61 -6.69 4.54
C HIS A 81 -1.81 -7.66 3.39
N TYR A 82 -1.49 -7.22 2.17
CA TYR A 82 -1.64 -8.05 0.99
C TYR A 82 -0.30 -8.28 0.30
N THR A 83 0.05 -9.55 0.08
CA THR A 83 1.31 -9.89 -0.57
C THR A 83 1.16 -9.86 -2.09
N VAL A 84 1.73 -8.84 -2.71
CA VAL A 84 1.67 -8.70 -4.16
C VAL A 84 2.69 -9.62 -4.84
N HIS A 85 2.20 -10.40 -5.80
CA HIS A 85 3.07 -11.33 -6.53
C HIS A 85 3.26 -10.86 -7.97
N GLY A 86 4.46 -11.08 -8.50
CA GLY A 86 4.75 -10.67 -9.87
C GLY A 86 5.40 -9.30 -9.93
N LEU A 87 6.44 -9.10 -9.13
CA LEU A 87 7.14 -7.82 -9.10
C LEU A 87 8.53 -7.95 -9.72
N GLN A 88 9.25 -6.84 -9.81
CA GLN A 88 10.59 -6.84 -10.36
C GLN A 88 11.64 -6.69 -9.28
N SER A 89 12.78 -7.34 -9.47
CA SER A 89 13.87 -7.28 -8.49
C SER A 89 14.59 -5.94 -8.55
N GLY A 90 15.08 -5.48 -7.40
CA GLY A 90 15.78 -4.21 -7.35
C GLY A 90 15.06 -3.12 -8.12
N THR A 91 13.86 -2.78 -7.68
CA THR A 91 13.07 -1.74 -8.34
C THR A 91 12.11 -1.08 -7.35
N ARG A 92 11.90 0.23 -7.53
CA ARG A 92 11.02 0.98 -6.65
C ARG A 92 9.56 0.62 -6.93
N TYR A 93 8.75 0.64 -5.88
CA TYR A 93 7.33 0.31 -6.00
C TYR A 93 6.49 1.12 -5.01
N ILE A 94 5.62 1.97 -5.54
CA ILE A 94 4.77 2.80 -4.71
C ILE A 94 3.44 2.11 -4.42
N PHE A 95 3.00 2.21 -3.16
CA PHE A 95 1.74 1.59 -2.75
C PHE A 95 0.78 2.62 -2.19
N ILE A 96 -0.49 2.48 -2.52
CA ILE A 96 -1.52 3.41 -2.05
C ILE A 96 -2.81 2.67 -1.72
N VAL A 97 -3.09 2.54 -0.44
CA VAL A 97 -4.30 1.86 0.01
C VAL A 97 -5.50 2.80 -0.01
N LYS A 98 -6.66 2.27 -0.39
CA LYS A 98 -7.88 3.06 -0.45
C LYS A 98 -9.00 2.40 0.33
N ALA A 99 -9.49 3.09 1.36
CA ALA A 99 -10.57 2.56 2.19
C ALA A 99 -11.93 2.91 1.61
N ILE A 100 -12.62 1.90 1.09
CA ILE A 100 -13.94 2.10 0.49
C ILE A 100 -15.04 1.58 1.42
N ASN A 101 -16.13 2.33 1.50
CA ASN A 101 -17.25 1.95 2.35
C ASN A 101 -18.57 2.36 1.72
N GLN A 102 -19.68 2.10 2.42
CA GLN A 102 -21.00 2.44 1.93
C GLN A 102 -21.09 3.93 1.57
N ALA A 103 -20.40 4.75 2.35
CA ALA A 103 -20.39 6.18 2.11
C ALA A 103 -19.62 6.53 0.84
N GLY A 104 -18.30 6.42 0.91
CA GLY A 104 -17.46 6.72 -0.24
C GLY A 104 -16.13 6.02 -0.19
N SER A 105 -15.07 6.75 -0.50
CA SER A 105 -13.72 6.19 -0.49
C SER A 105 -12.70 7.22 -0.03
N ARG A 106 -11.58 6.74 0.53
CA ARG A 106 -10.53 7.63 1.02
C ARG A 106 -9.16 7.04 0.73
N ASN A 107 -8.45 7.65 -0.23
CA ASN A 107 -7.12 7.18 -0.61
C ASN A 107 -6.06 7.82 0.28
N SER A 108 -5.10 7.00 0.73
CA SER A 108 -4.03 7.48 1.59
C SER A 108 -2.85 7.98 0.76
N GLU A 109 -1.84 8.52 1.45
CA GLU A 109 -0.66 9.04 0.77
C GLU A 109 0.17 7.91 0.17
N PRO A 110 0.89 8.22 -0.92
CA PRO A 110 1.73 7.25 -1.62
C PRO A 110 2.96 6.86 -0.80
N THR A 111 3.11 5.56 -0.54
CA THR A 111 4.23 5.06 0.23
C THR A 111 5.27 4.41 -0.67
N ARG A 112 6.43 5.05 -0.79
CA ARG A 112 7.51 4.54 -1.63
C ARG A 112 8.19 3.35 -0.96
N LEU A 113 8.55 2.36 -1.77
CA LEU A 113 9.21 1.16 -1.27
C LEU A 113 10.19 0.59 -2.30
N LYS A 114 11.14 -0.20 -1.82
CA LYS A 114 12.14 -0.80 -2.70
C LYS A 114 12.35 -2.27 -2.36
N THR A 115 12.56 -3.10 -3.38
CA THR A 115 12.77 -4.52 -3.19
C THR A 115 14.25 -4.83 -3.01
N ASN A 116 14.56 -6.10 -2.75
CA ASN A 116 15.94 -6.53 -2.56
C ASN A 116 16.61 -6.83 -3.90
N SER A 117 17.84 -6.36 -4.06
CA SER A 117 18.59 -6.57 -5.29
C SER A 117 18.26 -7.94 -5.90
N GLN A 118 18.81 -8.99 -5.29
CA GLN A 118 18.58 -10.34 -5.77
C GLN A 118 18.27 -11.28 -4.60
N PRO A 119 17.33 -12.21 -4.82
CA PRO A 119 16.93 -13.19 -3.80
C PRO A 119 18.01 -14.22 -3.53
N PHE A 120 19.14 -14.09 -4.22
CA PHE A 120 20.25 -15.01 -4.06
C PHE A 120 20.87 -14.87 -2.67
N LYS A 121 21.54 -15.93 -2.22
CA LYS A 121 22.18 -15.93 -0.90
C LYS A 121 23.70 -16.06 -1.04
N SER A 122 24.42 -15.14 -0.42
CA SER A 122 25.89 -15.15 -0.47
C SER A 122 26.47 -15.53 0.88
N GLY A 123 27.75 -15.86 0.90
CA GLY A 123 28.42 -16.23 2.13
C GLY A 123 29.82 -15.68 2.23
N PRO A 124 29.94 -14.36 2.42
CA PRO A 124 31.23 -13.68 2.54
C PRO A 124 31.96 -14.04 3.83
N SER A 125 31.36 -14.92 4.62
CA SER A 125 31.95 -15.34 5.88
C SER A 125 33.48 -15.37 5.79
N SER A 126 34.14 -14.73 6.75
CA SER A 126 35.59 -14.68 6.77
C SER A 126 36.18 -16.09 6.81
N GLY A 127 36.58 -16.58 5.64
CA GLY A 127 37.16 -17.90 5.55
C GLY A 127 38.10 -18.06 4.37
N GLY A 1 -6.21 1.16 23.68
CA GLY A 1 -6.20 1.00 25.12
C GLY A 1 -7.59 1.00 25.72
N SER A 2 -7.68 1.26 27.02
CA SER A 2 -8.96 1.28 27.71
C SER A 2 -9.87 2.35 27.13
N SER A 3 -11.12 2.38 27.60
CA SER A 3 -12.09 3.35 27.12
C SER A 3 -11.89 4.71 27.80
N GLY A 4 -12.03 5.78 27.02
CA GLY A 4 -11.86 7.11 27.56
C GLY A 4 -13.16 7.73 28.02
N SER A 5 -13.40 7.73 29.33
CA SER A 5 -14.63 8.30 29.88
C SER A 5 -14.75 9.78 29.55
N SER A 6 -15.96 10.30 29.61
CA SER A 6 -16.22 11.71 29.31
C SER A 6 -15.45 12.14 28.08
N GLY A 7 -15.42 11.27 27.06
CA GLY A 7 -14.71 11.59 25.84
C GLY A 7 -15.63 11.60 24.62
N GLU A 8 -15.66 12.73 23.92
CA GLU A 8 -16.50 12.88 22.75
C GLU A 8 -15.79 12.38 21.49
N GLY A 9 -16.53 11.75 20.60
CA GLY A 9 -15.95 11.23 19.38
C GLY A 9 -16.69 11.69 18.14
N LEU A 10 -15.98 11.81 17.03
CA LEU A 10 -16.58 12.25 15.78
C LEU A 10 -17.33 11.10 15.11
N ASP A 11 -18.66 11.21 15.10
CA ASP A 11 -19.50 10.18 14.49
C ASP A 11 -19.77 10.49 13.03
N TYR A 12 -18.74 10.95 12.32
CA TYR A 12 -18.87 11.28 10.91
C TYR A 12 -18.46 10.11 10.02
N LEU A 13 -19.23 9.88 8.97
CA LEU A 13 -18.94 8.79 8.04
C LEU A 13 -18.89 9.30 6.60
N THR A 14 -19.25 10.57 6.41
CA THR A 14 -19.23 11.18 5.09
C THR A 14 -18.12 10.59 4.22
N ALA A 15 -16.99 10.26 4.86
CA ALA A 15 -15.86 9.70 4.15
C ALA A 15 -15.10 8.71 5.02
N PRO A 16 -14.60 7.63 4.41
CA PRO A 16 -13.84 6.59 5.12
C PRO A 16 -12.48 7.08 5.58
N ASN A 17 -12.21 6.95 6.87
CA ASN A 17 -10.94 7.38 7.44
C ASN A 17 -9.77 6.81 6.63
N PRO A 18 -8.75 7.65 6.42
CA PRO A 18 -7.56 7.25 5.67
C PRO A 18 -6.69 6.25 6.43
N PRO A 19 -6.32 5.16 5.74
CA PRO A 19 -5.49 4.10 6.33
C PRO A 19 -4.06 4.56 6.60
N SER A 20 -3.34 3.80 7.43
CA SER A 20 -1.97 4.14 7.77
C SER A 20 -1.02 3.02 7.34
N ILE A 21 -0.30 3.24 6.25
CA ILE A 21 0.64 2.26 5.73
C ILE A 21 1.90 2.21 6.59
N ARG A 22 2.05 1.13 7.36
CA ARG A 22 3.20 0.95 8.22
C ARG A 22 4.44 0.59 7.40
N GLU A 23 5.50 1.38 7.56
CA GLU A 23 6.74 1.13 6.83
C GLU A 23 7.65 0.19 7.61
N GLU A 24 7.40 0.07 8.91
CA GLU A 24 8.20 -0.80 9.77
C GLU A 24 7.68 -2.23 9.71
N LEU A 25 6.39 -2.37 9.44
CA LEU A 25 5.77 -3.70 9.36
C LEU A 25 5.84 -4.24 7.93
N CYS A 26 5.84 -3.34 6.96
CA CYS A 26 5.90 -3.73 5.56
C CYS A 26 7.21 -4.44 5.25
N THR A 27 7.13 -5.51 4.46
CA THR A 27 8.32 -6.28 4.10
C THR A 27 8.55 -6.24 2.59
N ALA A 28 9.82 -6.32 2.18
CA ALA A 28 10.16 -6.30 0.77
C ALA A 28 10.88 -7.59 0.37
N SER A 29 10.44 -8.19 -0.74
CA SER A 29 11.04 -9.42 -1.23
C SER A 29 11.51 -9.26 -2.67
N HIS A 30 12.30 -10.23 -3.14
CA HIS A 30 12.83 -10.20 -4.49
C HIS A 30 11.79 -9.67 -5.47
N ASP A 31 10.75 -10.47 -5.73
CA ASP A 31 9.70 -10.07 -6.64
C ASP A 31 8.35 -9.98 -5.91
N THR A 32 8.41 -10.01 -4.58
CA THR A 32 7.20 -9.93 -3.77
C THR A 32 7.34 -8.85 -2.70
N ILE A 33 6.20 -8.42 -2.15
CA ILE A 33 6.19 -7.40 -1.11
C ILE A 33 4.89 -7.44 -0.31
N THR A 34 5.02 -7.36 1.00
CA THR A 34 3.86 -7.39 1.89
C THR A 34 3.69 -6.05 2.62
N VAL A 35 2.67 -5.30 2.22
CA VAL A 35 2.40 -4.00 2.82
C VAL A 35 1.39 -4.13 3.96
N HIS A 36 1.71 -3.56 5.12
CA HIS A 36 0.82 -3.62 6.27
C HIS A 36 0.21 -2.24 6.55
N TRP A 37 -1.11 -2.18 6.57
CA TRP A 37 -1.81 -0.93 6.83
C TRP A 37 -2.66 -1.03 8.09
N ILE A 38 -2.72 0.05 8.85
CA ILE A 38 -3.50 0.09 10.09
C ILE A 38 -4.53 1.21 10.05
N SER A 39 -5.76 0.89 10.44
CA SER A 39 -6.83 1.87 10.45
C SER A 39 -7.70 1.71 11.70
N ASP A 40 -8.44 2.75 12.05
CA ASP A 40 -9.31 2.73 13.21
C ASP A 40 -10.76 2.55 12.80
N ASP A 41 -11.08 2.98 11.58
CA ASP A 41 -12.43 2.88 11.06
C ASP A 41 -12.56 1.70 10.08
N GLU A 42 -11.78 0.66 10.33
CA GLU A 42 -11.80 -0.52 9.47
C GLU A 42 -13.00 -1.41 9.80
N PHE A 43 -13.84 -0.95 10.71
CA PHE A 43 -15.02 -1.70 11.12
C PHE A 43 -16.18 -1.44 10.17
N SER A 44 -16.24 -0.22 9.63
CA SER A 44 -17.30 0.17 8.71
C SER A 44 -16.91 -0.14 7.27
N ILE A 45 -15.67 0.19 6.91
CA ILE A 45 -15.17 -0.05 5.56
C ILE A 45 -15.68 -1.38 5.02
N SER A 46 -16.17 -1.36 3.79
CA SER A 46 -16.69 -2.57 3.15
C SER A 46 -15.54 -3.42 2.61
N SER A 47 -14.59 -2.79 1.93
CA SER A 47 -13.45 -3.49 1.37
C SER A 47 -12.27 -2.54 1.17
N TYR A 48 -11.07 -3.10 1.13
CA TYR A 48 -9.86 -2.31 0.95
C TYR A 48 -9.31 -2.46 -0.47
N GLU A 49 -8.63 -1.43 -0.95
CA GLU A 49 -8.06 -1.44 -2.29
C GLU A 49 -6.56 -1.16 -2.24
N LEU A 50 -5.78 -2.03 -2.90
CA LEU A 50 -4.33 -1.87 -2.93
C LEU A 50 -3.87 -1.41 -4.31
N GLN A 51 -3.11 -0.31 -4.33
CA GLN A 51 -2.60 0.23 -5.58
C GLN A 51 -1.07 0.21 -5.60
N TYR A 52 -0.51 -0.38 -6.65
CA TYR A 52 0.93 -0.48 -6.80
C TYR A 52 1.36 -0.19 -8.23
N THR A 53 2.52 0.44 -8.38
CA THR A 53 3.05 0.77 -9.70
C THR A 53 4.57 0.91 -9.66
N ILE A 54 5.20 0.65 -10.80
CA ILE A 54 6.66 0.75 -10.90
C ILE A 54 7.10 2.20 -11.06
N PHE A 55 7.73 2.73 -10.02
CA PHE A 55 8.22 4.10 -10.04
C PHE A 55 9.59 4.19 -10.72
N THR A 56 9.59 4.73 -11.94
CA THR A 56 10.83 4.87 -12.69
C THR A 56 11.05 6.32 -13.13
N GLY A 57 12.17 6.58 -13.79
CA GLY A 57 12.48 7.92 -14.24
C GLY A 57 12.00 8.17 -15.66
N GLN A 58 10.74 7.87 -15.93
CA GLN A 58 10.17 8.07 -17.25
C GLN A 58 9.53 9.46 -17.36
N ALA A 59 8.81 9.86 -16.33
CA ALA A 59 8.15 11.15 -16.32
C ALA A 59 7.76 11.56 -14.90
N ASN A 60 7.77 12.87 -14.63
CA ASN A 60 7.43 13.38 -13.31
C ASN A 60 6.33 12.53 -12.66
N PHE A 61 6.50 12.25 -11.37
CA PHE A 61 5.53 11.44 -10.64
C PHE A 61 4.10 11.81 -11.04
N ILE A 62 3.86 13.10 -11.22
CA ILE A 62 2.54 13.58 -11.60
C ILE A 62 2.11 13.01 -12.96
N SER A 63 3.00 13.11 -13.93
CA SER A 63 2.71 12.61 -15.27
C SER A 63 2.22 11.17 -15.22
N LEU A 64 2.91 10.35 -14.43
CA LEU A 64 2.54 8.94 -14.30
C LEU A 64 1.26 8.79 -13.48
N TYR A 65 1.18 9.50 -12.36
CA TYR A 65 0.02 9.45 -11.50
C TYR A 65 -1.23 9.96 -12.24
N ASN A 66 -1.00 10.80 -13.24
CA ASN A 66 -2.09 11.36 -14.02
C ASN A 66 -2.87 10.26 -14.74
N SER A 67 -2.14 9.32 -15.34
CA SER A 67 -2.76 8.22 -16.07
C SER A 67 -2.89 7.00 -15.18
N VAL A 68 -3.35 7.21 -13.95
CA VAL A 68 -3.52 6.11 -13.01
C VAL A 68 -4.26 4.94 -13.64
N ASP A 69 -4.95 5.22 -14.74
CA ASP A 69 -5.71 4.19 -15.45
C ASP A 69 -4.83 2.96 -15.72
N SER A 70 -3.52 3.17 -15.69
CA SER A 70 -2.57 2.08 -15.94
C SER A 70 -2.25 1.34 -14.65
N TRP A 71 -2.16 2.09 -13.55
CA TRP A 71 -1.84 1.50 -12.26
C TRP A 71 -2.58 0.17 -12.07
N MET A 72 -1.94 -0.76 -11.36
CA MET A 72 -2.53 -2.06 -11.11
C MET A 72 -3.21 -2.11 -9.75
N ILE A 73 -4.48 -2.49 -9.73
CA ILE A 73 -5.24 -2.57 -8.49
C ILE A 73 -5.63 -4.01 -8.17
N VAL A 74 -5.92 -4.27 -6.91
CA VAL A 74 -6.31 -5.60 -6.47
C VAL A 74 -7.52 -5.55 -5.54
N PRO A 75 -8.71 -5.64 -6.13
CA PRO A 75 -9.97 -5.60 -5.38
C PRO A 75 -10.19 -6.86 -4.54
N ASN A 76 -11.25 -6.88 -3.76
CA ASN A 76 -11.57 -8.02 -2.91
C ASN A 76 -10.48 -8.24 -1.87
N ILE A 77 -10.18 -7.18 -1.11
CA ILE A 77 -9.16 -7.26 -0.07
C ILE A 77 -9.78 -7.11 1.31
N LYS A 78 -9.85 -8.22 2.05
CA LYS A 78 -10.41 -8.21 3.39
C LYS A 78 -9.34 -8.54 4.43
N GLN A 79 -8.17 -7.96 4.27
CA GLN A 79 -7.06 -8.19 5.20
C GLN A 79 -6.29 -6.89 5.47
N ASN A 80 -5.38 -6.94 6.42
CA ASN A 80 -4.58 -5.78 6.78
C ASN A 80 -3.20 -5.83 6.11
N HIS A 81 -3.03 -6.82 5.23
CA HIS A 81 -1.76 -6.97 4.53
C HIS A 81 -1.94 -7.86 3.29
N TYR A 82 -1.58 -7.32 2.13
CA TYR A 82 -1.72 -8.06 0.88
C TYR A 82 -0.36 -8.20 0.19
N THR A 83 0.07 -9.45 0.01
CA THR A 83 1.36 -9.72 -0.64
C THR A 83 1.23 -9.66 -2.15
N VAL A 84 1.89 -8.68 -2.76
CA VAL A 84 1.86 -8.52 -4.20
C VAL A 84 2.92 -9.38 -4.88
N HIS A 85 2.51 -10.11 -5.92
CA HIS A 85 3.42 -10.98 -6.64
C HIS A 85 3.61 -10.49 -8.08
N GLY A 86 4.77 -10.78 -8.65
CA GLY A 86 5.06 -10.36 -10.01
C GLY A 86 5.74 -9.01 -10.07
N LEU A 87 6.70 -8.80 -9.18
CA LEU A 87 7.44 -7.54 -9.13
C LEU A 87 8.86 -7.71 -9.63
N GLN A 88 9.59 -6.60 -9.74
CA GLN A 88 10.96 -6.64 -10.21
C GLN A 88 11.94 -6.39 -9.07
N SER A 89 13.10 -7.03 -9.14
CA SER A 89 14.11 -6.89 -8.10
C SER A 89 14.81 -5.53 -8.21
N GLY A 90 15.40 -5.09 -7.10
CA GLY A 90 16.08 -3.81 -7.09
C GLY A 90 15.33 -2.74 -7.85
N THR A 91 14.01 -2.72 -7.69
CA THR A 91 13.17 -1.74 -8.37
C THR A 91 12.22 -1.06 -7.39
N ARG A 92 12.01 0.23 -7.59
CA ARG A 92 11.12 1.00 -6.72
C ARG A 92 9.66 0.63 -6.98
N TYR A 93 8.84 0.71 -5.93
CA TYR A 93 7.42 0.38 -6.04
C TYR A 93 6.60 1.17 -5.04
N ILE A 94 5.71 2.01 -5.54
CA ILE A 94 4.85 2.83 -4.67
C ILE A 94 3.56 2.10 -4.35
N PHE A 95 3.11 2.23 -3.10
CA PHE A 95 1.88 1.59 -2.66
C PHE A 95 0.92 2.61 -2.06
N ILE A 96 -0.35 2.53 -2.47
CA ILE A 96 -1.38 3.44 -1.97
C ILE A 96 -2.67 2.70 -1.67
N VAL A 97 -2.96 2.56 -0.38
CA VAL A 97 -4.18 1.87 0.06
C VAL A 97 -5.39 2.81 0.03
N LYS A 98 -6.44 2.40 -0.66
CA LYS A 98 -7.65 3.21 -0.76
C LYS A 98 -8.83 2.51 -0.09
N ALA A 99 -9.26 3.04 1.05
CA ALA A 99 -10.36 2.47 1.79
C ALA A 99 -11.70 2.91 1.20
N ILE A 100 -12.57 1.94 0.91
CA ILE A 100 -13.88 2.23 0.33
C ILE A 100 -14.99 1.75 1.26
N ASN A 101 -15.99 2.63 1.47
CA ASN A 101 -17.11 2.30 2.33
C ASN A 101 -18.42 2.80 1.73
N GLN A 102 -19.51 2.65 2.47
CA GLN A 102 -20.82 3.08 2.01
C GLN A 102 -20.81 4.58 1.68
N ALA A 103 -20.06 5.35 2.46
CA ALA A 103 -19.97 6.78 2.26
C ALA A 103 -19.21 7.11 0.97
N GLY A 104 -17.96 6.67 0.91
CA GLY A 104 -17.15 6.92 -0.26
C GLY A 104 -15.79 6.22 -0.19
N SER A 105 -14.75 6.94 -0.59
CA SER A 105 -13.40 6.39 -0.58
C SER A 105 -12.38 7.46 -0.22
N ARG A 106 -11.24 7.03 0.32
CA ARG A 106 -10.19 7.95 0.71
C ARG A 106 -8.81 7.38 0.35
N ASN A 107 -8.14 8.03 -0.60
CA ASN A 107 -6.82 7.60 -1.02
C ASN A 107 -5.74 8.06 -0.06
N SER A 108 -4.93 7.13 0.44
CA SER A 108 -3.87 7.45 1.37
C SER A 108 -2.63 7.97 0.65
N GLU A 109 -1.61 8.34 1.40
CA GLU A 109 -0.37 8.85 0.83
C GLU A 109 0.44 7.73 0.20
N PRO A 110 1.20 8.06 -0.85
CA PRO A 110 2.04 7.09 -1.56
C PRO A 110 3.23 6.64 -0.73
N THR A 111 3.29 5.35 -0.41
CA THR A 111 4.37 4.80 0.38
C THR A 111 5.44 4.19 -0.51
N ARG A 112 6.61 4.83 -0.56
CA ARG A 112 7.72 4.36 -1.37
C ARG A 112 8.35 3.12 -0.75
N LEU A 113 8.52 2.08 -1.56
CA LEU A 113 9.12 0.83 -1.09
C LEU A 113 10.02 0.22 -2.16
N LYS A 114 11.12 -0.37 -1.74
CA LYS A 114 12.06 -0.99 -2.65
C LYS A 114 12.26 -2.47 -2.31
N THR A 115 12.52 -3.27 -3.34
CA THR A 115 12.73 -4.71 -3.15
C THR A 115 14.20 -5.03 -2.93
N ASN A 116 14.47 -6.27 -2.55
CA ASN A 116 15.85 -6.70 -2.31
C ASN A 116 16.50 -7.18 -3.60
N SER A 117 17.81 -7.42 -3.54
CA SER A 117 18.56 -7.88 -4.71
C SER A 117 17.89 -9.10 -5.33
N GLN A 118 18.51 -9.62 -6.38
CA GLN A 118 17.98 -10.79 -7.08
C GLN A 118 18.35 -12.07 -6.35
N PRO A 119 17.39 -13.02 -6.28
CA PRO A 119 17.60 -14.30 -5.60
C PRO A 119 18.57 -15.21 -6.37
N PHE A 120 18.69 -16.44 -5.90
CA PHE A 120 19.59 -17.41 -6.55
C PHE A 120 18.96 -17.96 -7.83
N LYS A 121 19.66 -17.78 -8.94
CA LYS A 121 19.18 -18.26 -10.23
C LYS A 121 19.82 -19.60 -10.58
N SER A 122 19.10 -20.39 -11.37
CA SER A 122 19.59 -21.71 -11.78
C SER A 122 18.73 -22.29 -12.89
N GLY A 123 19.24 -23.32 -13.55
CA GLY A 123 18.50 -23.96 -14.63
C GLY A 123 17.39 -24.85 -14.12
N PRO A 124 16.84 -25.68 -15.01
CA PRO A 124 15.75 -26.61 -14.68
C PRO A 124 16.21 -27.74 -13.76
N SER A 125 16.09 -27.51 -12.45
CA SER A 125 16.51 -28.52 -11.47
C SER A 125 16.00 -28.15 -10.08
N SER A 126 15.43 -29.14 -9.39
CA SER A 126 14.90 -28.92 -8.05
C SER A 126 13.79 -27.88 -8.07
N GLY A 127 12.92 -27.95 -9.07
CA GLY A 127 11.83 -27.00 -9.18
C GLY A 127 10.98 -26.96 -7.94
N GLY A 1 5.11 3.09 19.72
CA GLY A 1 4.39 3.97 20.62
C GLY A 1 3.75 5.15 19.90
N SER A 2 2.44 5.29 20.06
CA SER A 2 1.71 6.38 19.43
C SER A 2 0.32 6.52 20.02
N SER A 3 -0.08 7.76 20.31
CA SER A 3 -1.39 8.03 20.89
C SER A 3 -2.46 8.04 19.81
N GLY A 4 -3.70 7.76 20.22
CA GLY A 4 -4.80 7.75 19.27
C GLY A 4 -6.00 8.53 19.77
N SER A 5 -5.87 9.84 19.80
CA SER A 5 -6.95 10.71 20.27
C SER A 5 -7.26 11.79 19.23
N SER A 6 -7.15 11.44 17.96
CA SER A 6 -7.40 12.37 16.88
C SER A 6 -7.87 11.65 15.62
N GLY A 7 -8.12 12.40 14.56
CA GLY A 7 -8.57 11.81 13.32
C GLY A 7 -8.75 12.85 12.22
N GLU A 8 -7.63 13.37 11.72
CA GLU A 8 -7.67 14.37 10.66
C GLU A 8 -8.92 15.24 10.78
N GLY A 9 -9.28 15.59 12.00
CA GLY A 9 -10.46 16.41 12.23
C GLY A 9 -11.67 15.59 12.65
N LEU A 10 -12.59 15.38 11.72
CA LEU A 10 -13.79 14.62 12.00
C LEU A 10 -13.78 13.30 11.24
N ASP A 11 -14.15 12.22 11.92
CA ASP A 11 -14.20 10.89 11.32
C ASP A 11 -15.60 10.58 10.81
N TYR A 12 -16.23 11.56 10.18
CA TYR A 12 -17.58 11.38 9.65
C TYR A 12 -17.68 10.09 8.85
N LEU A 13 -18.90 9.73 8.48
CA LEU A 13 -19.14 8.51 7.70
C LEU A 13 -19.06 8.80 6.20
N THR A 14 -19.56 9.96 5.81
CA THR A 14 -19.53 10.34 4.40
C THR A 14 -18.29 9.81 3.69
N ALA A 15 -17.18 9.77 4.41
CA ALA A 15 -15.92 9.29 3.86
C ALA A 15 -15.14 8.49 4.89
N PRO A 16 -14.59 7.34 4.48
CA PRO A 16 -13.81 6.47 5.37
C PRO A 16 -12.47 7.09 5.74
N ASN A 17 -12.05 6.86 6.98
CA ASN A 17 -10.78 7.40 7.47
C ASN A 17 -9.61 6.87 6.64
N PRO A 18 -8.62 7.73 6.40
CA PRO A 18 -7.43 7.37 5.62
C PRO A 18 -6.52 6.40 6.36
N PRO A 19 -6.26 5.25 5.74
CA PRO A 19 -5.41 4.21 6.32
C PRO A 19 -3.94 4.62 6.37
N SER A 20 -3.23 4.14 7.39
CA SER A 20 -1.82 4.47 7.55
C SER A 20 -0.94 3.27 7.19
N ILE A 21 -0.11 3.45 6.16
CA ILE A 21 0.78 2.38 5.70
C ILE A 21 2.02 2.29 6.60
N ARG A 22 2.17 1.15 7.26
CA ARG A 22 3.31 0.93 8.15
C ARG A 22 4.51 0.41 7.37
N GLU A 23 5.63 1.12 7.45
CA GLU A 23 6.85 0.72 6.76
C GLU A 23 7.67 -0.23 7.61
N GLU A 24 7.43 -0.21 8.92
CA GLU A 24 8.16 -1.08 9.84
C GLU A 24 7.56 -2.48 9.86
N LEU A 25 6.31 -2.58 9.43
CA LEU A 25 5.62 -3.87 9.40
C LEU A 25 5.65 -4.48 8.00
N CYS A 26 5.80 -3.61 6.99
CA CYS A 26 5.85 -4.07 5.60
C CYS A 26 7.19 -4.71 5.29
N THR A 27 7.15 -5.85 4.60
CA THR A 27 8.37 -6.56 4.24
C THR A 27 8.68 -6.40 2.75
N ALA A 28 9.93 -6.62 2.39
CA ALA A 28 10.35 -6.51 1.00
C ALA A 28 11.08 -7.78 0.54
N SER A 29 10.71 -8.26 -0.64
CA SER A 29 11.33 -9.47 -1.19
C SER A 29 11.72 -9.26 -2.65
N HIS A 30 12.66 -10.07 -3.12
CA HIS A 30 13.13 -9.98 -4.50
C HIS A 30 12.00 -9.55 -5.43
N ASP A 31 11.03 -10.44 -5.63
CA ASP A 31 9.90 -10.16 -6.50
C ASP A 31 8.58 -10.23 -5.72
N THR A 32 8.59 -9.65 -4.52
CA THR A 32 7.40 -9.65 -3.67
C THR A 32 7.48 -8.57 -2.61
N ILE A 33 6.32 -8.12 -2.13
CA ILE A 33 6.27 -7.09 -1.10
C ILE A 33 4.96 -7.15 -0.32
N THR A 34 5.06 -7.16 1.00
CA THR A 34 3.88 -7.22 1.86
C THR A 34 3.66 -5.89 2.58
N VAL A 35 2.66 -5.14 2.12
CA VAL A 35 2.35 -3.85 2.73
C VAL A 35 1.30 -4.00 3.83
N HIS A 36 1.58 -3.40 4.98
CA HIS A 36 0.67 -3.47 6.12
C HIS A 36 0.05 -2.11 6.39
N TRP A 37 -1.28 -2.05 6.34
CA TRP A 37 -2.01 -0.80 6.58
C TRP A 37 -2.75 -0.86 7.91
N ILE A 38 -2.76 0.27 8.62
CA ILE A 38 -3.44 0.35 9.91
C ILE A 38 -4.55 1.39 9.89
N SER A 39 -5.69 1.04 10.47
CA SER A 39 -6.84 1.95 10.50
C SER A 39 -7.48 1.95 11.88
N ASP A 40 -8.20 3.02 12.20
CA ASP A 40 -8.87 3.15 13.48
C ASP A 40 -10.24 2.49 13.45
N ASP A 41 -10.86 2.46 12.27
CA ASP A 41 -12.17 1.86 12.10
C ASP A 41 -12.24 1.08 10.79
N GLU A 42 -12.20 -0.24 10.90
CA GLU A 42 -12.26 -1.11 9.72
C GLU A 42 -13.47 -2.03 9.79
N PHE A 43 -14.47 -1.63 10.57
CA PHE A 43 -15.69 -2.43 10.72
C PHE A 43 -16.73 -2.02 9.69
N SER A 44 -16.83 -0.73 9.43
CA SER A 44 -17.79 -0.20 8.47
C SER A 44 -17.33 -0.49 7.04
N ILE A 45 -16.04 -0.27 6.78
CA ILE A 45 -15.48 -0.49 5.46
C ILE A 45 -15.95 -1.83 4.88
N SER A 46 -16.49 -1.78 3.66
CA SER A 46 -16.98 -2.99 3.00
C SER A 46 -15.83 -3.80 2.41
N SER A 47 -14.87 -3.09 1.82
CA SER A 47 -13.71 -3.74 1.21
C SER A 47 -12.57 -2.75 1.00
N TYR A 48 -11.35 -3.26 0.96
CA TYR A 48 -10.18 -2.42 0.76
C TYR A 48 -9.67 -2.50 -0.68
N GLU A 49 -8.95 -1.47 -1.11
CA GLU A 49 -8.42 -1.44 -2.46
C GLU A 49 -6.92 -1.14 -2.45
N LEU A 50 -6.15 -2.00 -3.09
CA LEU A 50 -4.69 -1.83 -3.15
C LEU A 50 -4.27 -1.20 -4.48
N GLN A 51 -3.19 -0.42 -4.44
CA GLN A 51 -2.68 0.24 -5.63
C GLN A 51 -1.16 0.35 -5.58
N TYR A 52 -0.50 -0.33 -6.50
CA TYR A 52 0.96 -0.30 -6.56
C TYR A 52 1.44 0.00 -7.98
N THR A 53 2.60 0.64 -8.08
CA THR A 53 3.18 0.99 -9.36
C THR A 53 4.69 1.17 -9.28
N ILE A 54 5.37 1.00 -10.40
CA ILE A 54 6.82 1.14 -10.44
C ILE A 54 7.23 2.61 -10.50
N PHE A 55 8.06 3.02 -9.55
CA PHE A 55 8.52 4.41 -9.50
C PHE A 55 9.96 4.52 -9.99
N THR A 56 10.13 5.04 -11.19
CA THR A 56 11.46 5.20 -11.78
C THR A 56 11.56 6.49 -12.59
N GLY A 57 12.78 6.97 -12.78
CA GLY A 57 12.98 8.19 -13.53
C GLY A 57 12.00 8.35 -14.67
N GLN A 58 11.30 9.49 -14.69
CA GLN A 58 10.31 9.76 -15.73
C GLN A 58 10.11 11.26 -15.90
N ALA A 59 9.61 11.65 -17.08
CA ALA A 59 9.37 13.05 -17.38
C ALA A 59 8.93 13.81 -16.12
N ASN A 60 7.98 13.22 -15.40
CA ASN A 60 7.47 13.84 -14.18
C ASN A 60 6.50 12.90 -13.46
N PHE A 61 6.66 12.79 -12.15
CA PHE A 61 5.80 11.92 -11.34
C PHE A 61 4.33 12.16 -11.67
N ILE A 62 3.97 13.42 -11.87
CA ILE A 62 2.60 13.78 -12.18
C ILE A 62 2.14 13.11 -13.48
N SER A 63 2.98 13.18 -14.50
CA SER A 63 2.67 12.59 -15.79
C SER A 63 2.08 11.19 -15.61
N LEU A 64 2.73 10.38 -14.77
CA LEU A 64 2.26 9.03 -14.51
C LEU A 64 1.05 9.02 -13.59
N TYR A 65 1.23 9.56 -12.39
CA TYR A 65 0.15 9.62 -11.40
C TYR A 65 -1.14 10.09 -12.05
N ASN A 66 -1.02 10.92 -13.09
CA ASN A 66 -2.18 11.44 -13.80
C ASN A 66 -2.97 10.31 -14.45
N SER A 67 -2.26 9.42 -15.15
CA SER A 67 -2.89 8.30 -15.83
C SER A 67 -2.99 7.09 -14.90
N VAL A 68 -3.46 7.34 -13.69
CA VAL A 68 -3.61 6.27 -12.70
C VAL A 68 -4.26 5.04 -13.33
N ASP A 69 -5.15 5.25 -14.28
CA ASP A 69 -5.83 4.15 -14.96
C ASP A 69 -4.87 3.00 -15.21
N SER A 70 -3.60 3.32 -15.41
CA SER A 70 -2.58 2.31 -15.67
C SER A 70 -2.22 1.55 -14.39
N TRP A 71 -2.12 2.30 -13.29
CA TRP A 71 -1.79 1.69 -12.00
C TRP A 71 -2.51 0.37 -11.82
N MET A 72 -1.90 -0.53 -11.05
CA MET A 72 -2.48 -1.84 -10.78
C MET A 72 -3.34 -1.81 -9.53
N ILE A 73 -4.51 -2.43 -9.60
CA ILE A 73 -5.42 -2.47 -8.46
C ILE A 73 -5.91 -3.89 -8.20
N VAL A 74 -6.06 -4.24 -6.92
CA VAL A 74 -6.50 -5.57 -6.54
C VAL A 74 -7.63 -5.49 -5.51
N PRO A 75 -8.88 -5.53 -5.99
CA PRO A 75 -10.06 -5.47 -5.12
C PRO A 75 -10.24 -6.72 -4.29
N ASN A 76 -11.44 -6.90 -3.73
CA ASN A 76 -11.73 -8.07 -2.90
C ASN A 76 -10.65 -8.28 -1.86
N ILE A 77 -10.29 -7.22 -1.15
CA ILE A 77 -9.26 -7.29 -0.11
C ILE A 77 -9.89 -7.28 1.28
N LYS A 78 -9.86 -8.42 1.94
CA LYS A 78 -10.41 -8.55 3.28
C LYS A 78 -9.32 -8.86 4.29
N GLN A 79 -8.18 -8.19 4.16
CA GLN A 79 -7.05 -8.41 5.06
C GLN A 79 -6.36 -7.09 5.40
N ASN A 80 -5.36 -7.15 6.27
CA ASN A 80 -4.63 -5.96 6.68
C ASN A 80 -3.26 -5.92 6.02
N HIS A 81 -3.06 -6.76 5.01
CA HIS A 81 -1.80 -6.82 4.30
C HIS A 81 -1.91 -7.73 3.07
N TYR A 82 -1.61 -7.16 1.90
CA TYR A 82 -1.68 -7.92 0.65
C TYR A 82 -0.28 -8.12 0.06
N THR A 83 0.11 -9.39 -0.10
CA THR A 83 1.42 -9.71 -0.65
C THR A 83 1.38 -9.70 -2.17
N VAL A 84 2.05 -8.72 -2.77
CA VAL A 84 2.11 -8.59 -4.22
C VAL A 84 3.22 -9.45 -4.81
N HIS A 85 2.84 -10.57 -5.41
CA HIS A 85 3.81 -11.48 -6.02
C HIS A 85 3.96 -11.21 -7.51
N GLY A 86 5.20 -11.13 -7.98
CA GLY A 86 5.44 -10.88 -9.39
C GLY A 86 6.08 -9.53 -9.64
N LEU A 87 6.93 -9.10 -8.71
CA LEU A 87 7.60 -7.81 -8.83
C LEU A 87 8.98 -7.98 -9.46
N GLN A 88 9.73 -6.88 -9.53
CA GLN A 88 11.07 -6.91 -10.11
C GLN A 88 12.13 -6.66 -9.06
N SER A 89 13.24 -7.40 -9.14
CA SER A 89 14.32 -7.26 -8.19
C SER A 89 14.94 -5.86 -8.26
N GLY A 90 15.43 -5.38 -7.12
CA GLY A 90 16.04 -4.07 -7.07
C GLY A 90 15.25 -3.04 -7.87
N THR A 91 13.99 -2.83 -7.50
CA THR A 91 13.15 -1.87 -8.19
C THR A 91 12.20 -1.18 -7.22
N ARG A 92 12.06 0.14 -7.39
CA ARG A 92 11.19 0.92 -6.52
C ARG A 92 9.71 0.63 -6.81
N TYR A 93 8.89 0.62 -5.76
CA TYR A 93 7.47 0.34 -5.91
C TYR A 93 6.66 1.17 -4.92
N ILE A 94 5.79 2.03 -5.44
CA ILE A 94 4.95 2.87 -4.61
C ILE A 94 3.59 2.24 -4.37
N PHE A 95 3.20 2.12 -3.11
CA PHE A 95 1.92 1.54 -2.74
C PHE A 95 0.97 2.59 -2.18
N ILE A 96 -0.32 2.42 -2.44
CA ILE A 96 -1.32 3.36 -1.96
C ILE A 96 -2.64 2.65 -1.66
N VAL A 97 -2.95 2.51 -0.38
CA VAL A 97 -4.18 1.85 0.04
C VAL A 97 -5.33 2.85 0.15
N LYS A 98 -6.48 2.49 -0.41
CA LYS A 98 -7.65 3.35 -0.37
C LYS A 98 -8.87 2.58 0.13
N ALA A 99 -9.34 2.95 1.33
CA ALA A 99 -10.50 2.30 1.92
C ALA A 99 -11.78 2.72 1.21
N ILE A 100 -12.74 1.79 1.13
CA ILE A 100 -14.01 2.07 0.47
C ILE A 100 -15.18 1.60 1.33
N ASN A 101 -16.28 2.35 1.31
CA ASN A 101 -17.46 2.01 2.09
C ASN A 101 -18.72 2.52 1.40
N GLN A 102 -19.87 2.30 2.04
CA GLN A 102 -21.14 2.74 1.49
C GLN A 102 -21.14 4.24 1.23
N ALA A 103 -20.32 4.96 1.99
CA ALA A 103 -20.22 6.41 1.85
C ALA A 103 -19.36 6.78 0.66
N GLY A 104 -18.05 6.56 0.79
CA GLY A 104 -17.13 6.87 -0.28
C GLY A 104 -15.81 6.13 -0.16
N SER A 105 -14.72 6.82 -0.46
CA SER A 105 -13.39 6.21 -0.38
C SER A 105 -12.33 7.26 -0.05
N ARG A 106 -11.28 6.84 0.63
CA ARG A 106 -10.19 7.74 1.01
C ARG A 106 -8.84 7.14 0.65
N ASN A 107 -8.13 7.80 -0.27
CA ASN A 107 -6.82 7.33 -0.71
C ASN A 107 -5.73 7.81 0.24
N SER A 108 -4.86 6.89 0.65
CA SER A 108 -3.77 7.22 1.56
C SER A 108 -2.57 7.78 0.80
N GLU A 109 -1.54 8.18 1.54
CA GLU A 109 -0.34 8.72 0.94
C GLU A 109 0.50 7.62 0.30
N PRO A 110 1.25 7.99 -0.75
CA PRO A 110 2.12 7.04 -1.47
C PRO A 110 3.31 6.60 -0.63
N THR A 111 3.52 5.29 -0.54
CA THR A 111 4.64 4.74 0.22
C THR A 111 5.65 4.05 -0.69
N ARG A 112 6.79 4.70 -0.89
CA ARG A 112 7.84 4.15 -1.74
C ARG A 112 8.55 2.99 -1.04
N LEU A 113 8.55 1.83 -1.69
CA LEU A 113 9.19 0.64 -1.14
C LEU A 113 10.08 -0.03 -2.17
N LYS A 114 11.20 -0.58 -1.73
CA LYS A 114 12.14 -1.26 -2.61
C LYS A 114 12.22 -2.75 -2.29
N THR A 115 12.50 -3.56 -3.31
CA THR A 115 12.60 -5.00 -3.13
C THR A 115 14.04 -5.42 -2.87
N ASN A 116 14.21 -6.62 -2.31
CA ASN A 116 15.54 -7.14 -2.02
C ASN A 116 16.37 -7.26 -3.29
N SER A 117 17.59 -6.76 -3.25
CA SER A 117 18.49 -6.81 -4.40
C SER A 117 18.34 -8.13 -5.14
N GLN A 118 18.85 -9.20 -4.54
CA GLN A 118 18.77 -10.53 -5.15
C GLN A 118 18.35 -11.57 -4.12
N PRO A 119 17.52 -12.53 -4.55
CA PRO A 119 17.03 -13.60 -3.68
C PRO A 119 18.14 -14.59 -3.30
N PHE A 120 19.34 -14.34 -3.80
CA PHE A 120 20.48 -15.21 -3.52
C PHE A 120 20.80 -15.22 -2.02
N LYS A 121 21.12 -16.39 -1.50
CA LYS A 121 21.45 -16.54 -0.09
C LYS A 121 22.93 -16.26 0.16
N SER A 122 23.20 -15.30 1.03
CA SER A 122 24.58 -14.93 1.36
C SER A 122 24.88 -15.19 2.83
N GLY A 123 24.37 -16.30 3.35
CA GLY A 123 24.59 -16.64 4.74
C GLY A 123 23.65 -15.92 5.67
N PRO A 124 22.35 -16.25 5.59
CA PRO A 124 21.31 -15.64 6.42
C PRO A 124 21.43 -16.06 7.89
N SER A 125 21.66 -15.08 8.75
CA SER A 125 21.80 -15.35 10.18
C SER A 125 20.51 -15.94 10.75
N SER A 126 20.64 -17.02 11.52
CA SER A 126 19.49 -17.68 12.12
C SER A 126 19.45 -17.44 13.62
N GLY A 127 18.25 -17.22 14.15
CA GLY A 127 18.09 -16.98 15.57
C GLY A 127 17.73 -18.23 16.33
N GLY A 1 -1.48 -2.04 18.35
CA GLY A 1 -1.36 -2.23 19.79
C GLY A 1 -1.31 -0.93 20.55
N SER A 2 -0.12 -0.50 20.93
CA SER A 2 0.06 0.74 21.68
C SER A 2 0.82 1.76 20.85
N SER A 3 0.47 1.87 19.57
CA SER A 3 1.12 2.81 18.67
C SER A 3 1.41 4.13 19.38
N GLY A 4 0.40 4.68 20.04
CA GLY A 4 0.57 5.93 20.75
C GLY A 4 -0.65 6.82 20.65
N SER A 5 -0.42 8.13 20.65
CA SER A 5 -1.51 9.09 20.56
C SER A 5 -2.13 9.10 19.17
N SER A 6 -3.01 8.13 18.91
CA SER A 6 -3.67 8.01 17.61
C SER A 6 -4.53 9.24 17.34
N GLY A 7 -5.16 9.77 18.38
CA GLY A 7 -6.01 10.93 18.23
C GLY A 7 -7.46 10.64 18.59
N GLU A 8 -8.38 11.36 17.95
CA GLU A 8 -9.80 11.17 18.20
C GLU A 8 -10.64 11.67 17.03
N GLY A 9 -11.32 10.74 16.37
CA GLY A 9 -12.15 11.11 15.23
C GLY A 9 -13.43 11.80 15.65
N LEU A 10 -14.29 12.08 14.67
CA LEU A 10 -15.57 12.74 14.94
C LEU A 10 -16.74 11.87 14.51
N ASP A 11 -17.94 12.40 14.64
CA ASP A 11 -19.16 11.67 14.27
C ASP A 11 -19.43 11.81 12.77
N TYR A 12 -18.36 11.94 11.99
CA TYR A 12 -18.49 12.08 10.54
C TYR A 12 -18.12 10.78 9.84
N LEU A 13 -18.93 10.40 8.85
CA LEU A 13 -18.68 9.18 8.09
C LEU A 13 -18.70 9.46 6.59
N THR A 14 -19.07 10.68 6.22
CA THR A 14 -19.11 11.08 4.83
C THR A 14 -17.97 10.46 4.04
N ALA A 15 -16.85 10.20 4.72
CA ALA A 15 -15.69 9.61 4.08
C ALA A 15 -14.98 8.64 5.03
N PRO A 16 -14.49 7.53 4.47
CA PRO A 16 -13.80 6.50 5.24
C PRO A 16 -12.42 6.96 5.73
N ASN A 17 -12.17 6.79 7.02
CA ASN A 17 -10.90 7.20 7.61
C ASN A 17 -9.73 6.71 6.76
N PRO A 18 -8.75 7.62 6.52
CA PRO A 18 -7.57 7.30 5.72
C PRO A 18 -6.62 6.34 6.44
N PRO A 19 -6.33 5.20 5.79
CA PRO A 19 -5.44 4.18 6.34
C PRO A 19 -3.99 4.64 6.41
N SER A 20 -3.27 4.18 7.42
CA SER A 20 -1.87 4.56 7.60
C SER A 20 -0.95 3.39 7.27
N ILE A 21 -0.28 3.47 6.13
CA ILE A 21 0.64 2.42 5.71
C ILE A 21 1.87 2.35 6.62
N ARG A 22 2.00 1.24 7.33
CA ARG A 22 3.12 1.05 8.23
C ARG A 22 4.34 0.52 7.48
N GLU A 23 5.32 1.39 7.25
CA GLU A 23 6.53 1.01 6.54
C GLU A 23 7.38 0.06 7.39
N GLU A 24 7.41 0.31 8.70
CA GLU A 24 8.18 -0.51 9.61
C GLU A 24 7.75 -1.97 9.54
N LEU A 25 6.45 -2.19 9.37
CA LEU A 25 5.90 -3.54 9.29
C LEU A 25 5.99 -4.07 7.87
N CYS A 26 6.00 -3.16 6.89
CA CYS A 26 6.08 -3.55 5.49
C CYS A 26 7.31 -4.43 5.25
N THR A 27 7.29 -5.16 4.14
CA THR A 27 8.39 -6.05 3.79
C THR A 27 8.58 -6.11 2.28
N ALA A 28 9.84 -6.07 1.83
CA ALA A 28 10.15 -6.13 0.41
C ALA A 28 10.90 -7.41 0.08
N SER A 29 10.53 -8.03 -1.04
CA SER A 29 11.16 -9.27 -1.47
C SER A 29 11.61 -9.17 -2.94
N HIS A 30 12.42 -10.13 -3.36
CA HIS A 30 12.92 -10.16 -4.74
C HIS A 30 11.81 -9.80 -5.72
N ASP A 31 10.79 -10.66 -5.78
CA ASP A 31 9.66 -10.44 -6.68
C ASP A 31 8.34 -10.44 -5.91
N THR A 32 8.37 -9.91 -4.69
CA THR A 32 7.19 -9.85 -3.86
C THR A 32 7.29 -8.73 -2.82
N ILE A 33 6.15 -8.24 -2.37
CA ILE A 33 6.12 -7.16 -1.38
C ILE A 33 4.82 -7.19 -0.58
N THR A 34 4.94 -7.12 0.74
CA THR A 34 3.78 -7.14 1.61
C THR A 34 3.62 -5.81 2.35
N VAL A 35 2.55 -5.09 2.03
CA VAL A 35 2.29 -3.79 2.64
C VAL A 35 1.27 -3.94 3.78
N HIS A 36 1.61 -3.37 4.93
CA HIS A 36 0.73 -3.43 6.10
C HIS A 36 0.11 -2.06 6.38
N TRP A 37 -1.21 -2.02 6.45
CA TRP A 37 -1.93 -0.78 6.71
C TRP A 37 -2.68 -0.85 8.04
N ILE A 38 -2.65 0.24 8.79
CA ILE A 38 -3.33 0.30 10.07
C ILE A 38 -4.57 1.19 10.00
N SER A 39 -5.64 0.74 10.65
CA SER A 39 -6.89 1.50 10.67
C SER A 39 -7.53 1.48 12.05
N ASP A 40 -8.24 2.55 12.37
CA ASP A 40 -8.89 2.66 13.68
C ASP A 40 -10.17 1.83 13.71
N ASP A 41 -10.83 1.71 12.56
CA ASP A 41 -12.06 0.94 12.46
C ASP A 41 -12.29 0.47 11.03
N GLU A 42 -12.16 -0.84 10.81
CA GLU A 42 -12.35 -1.41 9.50
C GLU A 42 -13.63 -2.24 9.44
N PHE A 43 -14.55 -1.96 10.35
CA PHE A 43 -15.82 -2.67 10.41
C PHE A 43 -16.81 -2.11 9.40
N SER A 44 -16.85 -0.79 9.29
CA SER A 44 -17.76 -0.13 8.36
C SER A 44 -17.26 -0.27 6.93
N ILE A 45 -15.95 -0.21 6.76
CA ILE A 45 -15.35 -0.33 5.43
C ILE A 45 -15.80 -1.60 4.74
N SER A 46 -16.40 -1.44 3.56
CA SER A 46 -16.89 -2.57 2.78
C SER A 46 -15.74 -3.45 2.33
N SER A 47 -14.67 -2.82 1.86
CA SER A 47 -13.49 -3.56 1.38
C SER A 47 -12.32 -2.60 1.16
N TYR A 48 -11.12 -3.17 1.11
CA TYR A 48 -9.91 -2.38 0.89
C TYR A 48 -9.39 -2.53 -0.53
N GLU A 49 -8.66 -1.52 -1.00
CA GLU A 49 -8.12 -1.55 -2.35
C GLU A 49 -6.60 -1.34 -2.33
N LEU A 50 -5.88 -2.20 -3.04
CA LEU A 50 -4.42 -2.10 -3.09
C LEU A 50 -3.97 -1.59 -4.46
N GLN A 51 -3.26 -0.46 -4.45
CA GLN A 51 -2.77 0.12 -5.69
C GLN A 51 -1.24 0.12 -5.72
N TYR A 52 -0.67 -0.55 -6.71
CA TYR A 52 0.77 -0.63 -6.85
C TYR A 52 1.21 -0.32 -8.28
N THR A 53 2.39 0.28 -8.41
CA THR A 53 2.92 0.65 -9.72
C THR A 53 4.43 0.74 -9.69
N ILE A 54 5.07 0.38 -10.80
CA ILE A 54 6.52 0.42 -10.91
C ILE A 54 7.02 1.85 -11.07
N PHE A 55 7.88 2.28 -10.15
CA PHE A 55 8.42 3.63 -10.19
C PHE A 55 9.89 3.61 -10.62
N THR A 56 10.14 4.00 -11.86
CA THR A 56 11.50 4.02 -12.39
C THR A 56 11.99 5.45 -12.57
N GLY A 57 12.41 6.07 -11.47
CA GLY A 57 12.91 7.43 -11.52
C GLY A 57 12.20 8.26 -12.57
N GLN A 58 10.88 8.14 -12.63
CA GLN A 58 10.08 8.89 -13.61
C GLN A 58 10.32 10.38 -13.46
N ALA A 59 10.47 11.06 -14.60
CA ALA A 59 10.71 12.51 -14.60
C ALA A 59 9.95 13.18 -13.46
N ASN A 60 8.67 12.83 -13.32
CA ASN A 60 7.84 13.42 -12.27
C ASN A 60 6.76 12.43 -11.83
N PHE A 61 6.52 12.36 -10.52
CA PHE A 61 5.52 11.46 -9.97
C PHE A 61 4.12 11.81 -10.49
N ILE A 62 3.92 13.08 -10.83
CA ILE A 62 2.64 13.53 -11.35
C ILE A 62 2.37 12.97 -12.72
N SER A 63 3.35 13.11 -13.62
CA SER A 63 3.22 12.61 -14.99
C SER A 63 2.67 11.19 -14.99
N LEU A 64 3.24 10.33 -14.15
CA LEU A 64 2.82 8.94 -14.06
C LEU A 64 1.45 8.84 -13.38
N TYR A 65 1.34 9.46 -12.20
CA TYR A 65 0.09 9.43 -11.45
C TYR A 65 -1.06 9.96 -12.29
N ASN A 66 -0.74 10.77 -13.29
CA ASN A 66 -1.75 11.34 -14.17
C ASN A 66 -2.48 10.25 -14.95
N SER A 67 -1.73 9.24 -15.38
CA SER A 67 -2.31 8.14 -16.14
C SER A 67 -2.59 6.94 -15.23
N VAL A 68 -3.15 7.22 -14.06
CA VAL A 68 -3.47 6.17 -13.10
C VAL A 68 -4.24 5.03 -13.76
N ASP A 69 -4.83 5.31 -14.91
CA ASP A 69 -5.59 4.31 -15.65
C ASP A 69 -4.76 3.05 -15.88
N SER A 70 -3.44 3.22 -15.84
CA SER A 70 -2.52 2.10 -16.06
C SER A 70 -2.22 1.38 -14.75
N TRP A 71 -2.13 2.16 -13.67
CA TRP A 71 -1.84 1.60 -12.35
C TRP A 71 -2.56 0.27 -12.15
N MET A 72 -1.93 -0.64 -11.41
CA MET A 72 -2.51 -1.95 -11.15
C MET A 72 -3.16 -1.99 -9.78
N ILE A 73 -4.43 -2.38 -9.74
CA ILE A 73 -5.17 -2.46 -8.49
C ILE A 73 -5.52 -3.91 -8.15
N VAL A 74 -5.84 -4.16 -6.89
CA VAL A 74 -6.20 -5.49 -6.44
C VAL A 74 -7.43 -5.46 -5.54
N PRO A 75 -8.62 -5.55 -6.14
CA PRO A 75 -9.88 -5.53 -5.41
C PRO A 75 -10.10 -6.79 -4.60
N ASN A 76 -11.20 -6.83 -3.84
CA ASN A 76 -11.52 -7.99 -3.01
C ASN A 76 -10.45 -8.20 -1.94
N ILE A 77 -10.19 -7.16 -1.16
CA ILE A 77 -9.19 -7.24 -0.10
C ILE A 77 -9.84 -7.15 1.28
N LYS A 78 -9.81 -8.26 2.01
CA LYS A 78 -10.39 -8.31 3.34
C LYS A 78 -9.33 -8.63 4.39
N GLN A 79 -8.16 -8.02 4.24
CA GLN A 79 -7.06 -8.25 5.18
C GLN A 79 -6.34 -6.94 5.50
N ASN A 80 -5.41 -6.99 6.45
CA ASN A 80 -4.66 -5.81 6.84
C ASN A 80 -3.28 -5.80 6.19
N HIS A 81 -3.10 -6.68 5.19
CA HIS A 81 -1.83 -6.77 4.49
C HIS A 81 -1.95 -7.69 3.27
N TYR A 82 -1.66 -7.15 2.09
CA TYR A 82 -1.74 -7.92 0.86
C TYR A 82 -0.35 -8.14 0.26
N THR A 83 0.00 -9.40 0.05
CA THR A 83 1.30 -9.75 -0.52
C THR A 83 1.24 -9.80 -2.04
N VAL A 84 1.84 -8.80 -2.68
CA VAL A 84 1.86 -8.74 -4.14
C VAL A 84 2.98 -9.59 -4.72
N HIS A 85 2.61 -10.67 -5.39
CA HIS A 85 3.60 -11.57 -6.00
C HIS A 85 3.74 -11.28 -7.49
N GLY A 86 4.94 -11.53 -8.02
CA GLY A 86 5.18 -11.29 -9.44
C GLY A 86 5.76 -9.92 -9.70
N LEU A 87 6.67 -9.48 -8.83
CA LEU A 87 7.29 -8.17 -8.98
C LEU A 87 8.72 -8.31 -9.51
N GLN A 88 9.39 -7.18 -9.68
CA GLN A 88 10.76 -7.17 -10.20
C GLN A 88 11.76 -7.01 -9.05
N SER A 89 12.94 -7.60 -9.23
CA SER A 89 13.99 -7.54 -8.21
C SER A 89 14.74 -6.21 -8.29
N GLY A 90 15.10 -5.66 -7.15
CA GLY A 90 15.82 -4.41 -7.11
C GLY A 90 15.11 -3.31 -7.89
N THR A 91 13.87 -3.03 -7.53
CA THR A 91 13.09 -2.00 -8.20
C THR A 91 12.13 -1.32 -7.24
N ARG A 92 11.96 -0.01 -7.40
CA ARG A 92 11.07 0.76 -6.54
C ARG A 92 9.61 0.44 -6.85
N TYR A 93 8.80 0.36 -5.81
CA TYR A 93 7.37 0.06 -5.97
C TYR A 93 6.53 0.89 -5.01
N ILE A 94 5.65 1.71 -5.56
CA ILE A 94 4.78 2.56 -4.76
C ILE A 94 3.47 1.84 -4.42
N PHE A 95 3.01 2.01 -3.18
CA PHE A 95 1.78 1.38 -2.73
C PHE A 95 0.84 2.40 -2.09
N ILE A 96 -0.43 2.35 -2.46
CA ILE A 96 -1.42 3.28 -1.92
C ILE A 96 -2.71 2.54 -1.56
N VAL A 97 -2.96 2.42 -0.25
CA VAL A 97 -4.16 1.74 0.23
C VAL A 97 -5.36 2.69 0.23
N LYS A 98 -6.49 2.20 -0.25
CA LYS A 98 -7.71 2.99 -0.30
C LYS A 98 -8.84 2.31 0.45
N ALA A 99 -9.49 3.04 1.35
CA ALA A 99 -10.61 2.51 2.12
C ALA A 99 -11.94 2.92 1.53
N ILE A 100 -12.67 1.94 0.98
CA ILE A 100 -13.97 2.21 0.38
C ILE A 100 -15.09 1.69 1.26
N ASN A 101 -16.09 2.54 1.52
CA ASN A 101 -17.23 2.17 2.35
C ASN A 101 -18.54 2.65 1.72
N GLN A 102 -19.63 2.46 2.44
CA GLN A 102 -20.95 2.88 1.96
C GLN A 102 -20.95 4.35 1.58
N ALA A 103 -20.24 5.16 2.37
CA ALA A 103 -20.15 6.59 2.12
C ALA A 103 -19.36 6.88 0.86
N GLY A 104 -18.04 6.70 0.93
CA GLY A 104 -17.19 6.95 -0.22
C GLY A 104 -15.86 6.22 -0.12
N SER A 105 -14.79 6.89 -0.53
CA SER A 105 -13.46 6.29 -0.49
C SER A 105 -12.42 7.32 -0.06
N ARG A 106 -11.33 6.83 0.53
CA ARG A 106 -10.25 7.71 0.99
C ARG A 106 -8.89 7.12 0.65
N ASN A 107 -8.24 7.69 -0.36
CA ASN A 107 -6.92 7.22 -0.78
C ASN A 107 -5.84 7.76 0.14
N SER A 108 -4.95 6.87 0.60
CA SER A 108 -3.87 7.25 1.49
C SER A 108 -2.68 7.79 0.70
N GLU A 109 -1.66 8.26 1.41
CA GLU A 109 -0.47 8.80 0.77
C GLU A 109 0.37 7.68 0.16
N PRO A 110 1.10 8.02 -0.92
CA PRO A 110 1.95 7.05 -1.63
C PRO A 110 3.17 6.65 -0.81
N THR A 111 3.28 5.35 -0.51
CA THR A 111 4.39 4.83 0.26
C THR A 111 5.45 4.21 -0.64
N ARG A 112 6.56 4.91 -0.81
CA ARG A 112 7.66 4.43 -1.65
C ARG A 112 8.39 3.28 -0.96
N LEU A 113 8.53 2.17 -1.68
CA LEU A 113 9.21 1.00 -1.15
C LEU A 113 10.22 0.45 -2.15
N LYS A 114 11.20 -0.31 -1.66
CA LYS A 114 12.22 -0.90 -2.51
C LYS A 114 12.41 -2.37 -2.19
N THR A 115 12.57 -3.19 -3.24
CA THR A 115 12.76 -4.62 -3.06
C THR A 115 14.23 -4.96 -2.83
N ASN A 116 14.50 -6.22 -2.54
CA ASN A 116 15.86 -6.67 -2.29
C ASN A 116 16.56 -7.05 -3.60
N SER A 117 17.88 -6.92 -3.61
CA SER A 117 18.66 -7.25 -4.80
C SER A 117 18.20 -8.57 -5.40
N GLN A 118 18.49 -9.66 -4.71
CA GLN A 118 18.11 -10.99 -5.17
C GLN A 118 17.53 -11.83 -4.03
N PRO A 119 16.82 -12.91 -4.39
CA PRO A 119 16.20 -13.80 -3.41
C PRO A 119 17.23 -14.61 -2.62
N PHE A 120 18.48 -14.51 -3.04
CA PHE A 120 19.56 -15.23 -2.37
C PHE A 120 20.51 -14.26 -1.66
N LYS A 121 20.91 -14.62 -0.45
CA LYS A 121 21.80 -13.79 0.35
C LYS A 121 23.25 -13.92 -0.15
N SER A 122 23.99 -12.82 -0.13
CA SER A 122 25.37 -12.82 -0.57
C SER A 122 26.31 -13.25 0.55
N GLY A 123 25.99 -12.81 1.77
CA GLY A 123 26.81 -13.16 2.92
C GLY A 123 26.79 -12.09 3.99
N PRO A 124 25.74 -12.10 4.83
CA PRO A 124 25.57 -11.14 5.92
C PRO A 124 26.58 -11.35 7.04
N SER A 125 26.78 -12.61 7.42
CA SER A 125 27.72 -12.95 8.48
C SER A 125 29.16 -12.79 8.00
N SER A 126 29.94 -12.02 8.76
CA SER A 126 31.34 -11.80 8.41
C SER A 126 32.01 -13.08 7.95
N GLY A 127 31.82 -14.16 8.71
CA GLY A 127 32.41 -15.43 8.35
C GLY A 127 31.39 -16.56 8.35
N GLY A 1 -11.08 15.42 17.50
CA GLY A 1 -11.23 16.77 18.01
C GLY A 1 -10.00 17.25 18.76
N SER A 2 -9.78 18.57 18.74
CA SER A 2 -8.62 19.15 19.41
C SER A 2 -8.42 18.51 20.78
N SER A 3 -9.51 18.35 21.53
CA SER A 3 -9.45 17.75 22.86
C SER A 3 -10.59 16.75 23.07
N GLY A 4 -10.45 15.91 24.08
CA GLY A 4 -11.48 14.93 24.37
C GLY A 4 -11.47 13.79 23.36
N SER A 5 -10.29 13.33 22.99
CA SER A 5 -10.15 12.25 22.03
C SER A 5 -9.65 10.97 22.72
N SER A 6 -10.53 9.96 22.77
CA SER A 6 -10.18 8.70 23.40
C SER A 6 -10.44 7.53 22.46
N GLY A 7 -11.62 7.53 21.83
CA GLY A 7 -11.97 6.48 20.90
C GLY A 7 -12.60 7.01 19.63
N GLU A 8 -13.89 7.30 19.69
CA GLU A 8 -14.61 7.81 18.52
C GLU A 8 -14.28 9.28 18.28
N GLY A 9 -14.07 9.64 17.02
CA GLY A 9 -13.76 11.01 16.68
C GLY A 9 -14.56 11.52 15.50
N LEU A 10 -13.86 11.86 14.41
CA LEU A 10 -14.53 12.37 13.22
C LEU A 10 -15.85 11.65 12.98
N ASP A 11 -16.95 12.34 13.27
CA ASP A 11 -18.28 11.78 13.08
C ASP A 11 -18.59 11.59 11.61
N TYR A 12 -18.20 12.57 10.80
CA TYR A 12 -18.45 12.52 9.36
C TYR A 12 -18.05 11.16 8.79
N LEU A 13 -18.86 10.65 7.86
CA LEU A 13 -18.61 9.36 7.24
C LEU A 13 -18.56 9.50 5.72
N THR A 14 -18.95 10.66 5.21
CA THR A 14 -18.95 10.92 3.78
C THR A 14 -17.77 10.22 3.10
N ALA A 15 -16.67 10.09 3.83
CA ALA A 15 -15.48 9.43 3.30
C ALA A 15 -14.82 8.55 4.36
N PRO A 16 -14.37 7.36 3.94
CA PRO A 16 -13.72 6.39 4.82
C PRO A 16 -12.34 6.86 5.27
N ASN A 17 -12.14 6.96 6.57
CA ASN A 17 -10.86 7.40 7.12
C ASN A 17 -9.70 6.77 6.36
N PRO A 18 -8.69 7.60 6.05
CA PRO A 18 -7.50 7.15 5.32
C PRO A 18 -6.61 6.21 6.15
N PRO A 19 -6.23 5.08 5.55
CA PRO A 19 -5.38 4.09 6.21
C PRO A 19 -3.96 4.59 6.43
N SER A 20 -3.19 3.84 7.22
CA SER A 20 -1.81 4.21 7.49
C SER A 20 -0.85 3.08 7.09
N ILE A 21 -0.22 3.24 5.93
CA ILE A 21 0.71 2.23 5.42
C ILE A 21 1.95 2.17 6.30
N ARG A 22 2.02 1.15 7.16
CA ARG A 22 3.16 0.98 8.04
C ARG A 22 4.39 0.53 7.26
N GLU A 23 5.48 1.27 7.41
CA GLU A 23 6.73 0.95 6.72
C GLU A 23 7.57 -0.01 7.53
N GLU A 24 7.38 0.01 8.85
CA GLU A 24 8.13 -0.86 9.75
C GLU A 24 7.55 -2.28 9.75
N LEU A 25 6.29 -2.38 9.33
CA LEU A 25 5.61 -3.68 9.28
C LEU A 25 5.68 -4.27 7.87
N CYS A 26 5.81 -3.42 6.87
CA CYS A 26 5.89 -3.85 5.48
C CYS A 26 7.26 -4.46 5.18
N THR A 27 7.26 -5.54 4.43
CA THR A 27 8.50 -6.22 4.07
C THR A 27 8.76 -6.15 2.56
N ALA A 28 10.00 -6.41 2.17
CA ALA A 28 10.38 -6.37 0.76
C ALA A 28 11.12 -7.63 0.36
N SER A 29 10.75 -8.19 -0.79
CA SER A 29 11.38 -9.41 -1.28
C SER A 29 11.83 -9.24 -2.73
N HIS A 30 12.67 -10.16 -3.19
CA HIS A 30 13.17 -10.12 -4.57
C HIS A 30 12.05 -9.78 -5.54
N ASP A 31 11.04 -10.64 -5.61
CA ASP A 31 9.92 -10.44 -6.51
C ASP A 31 8.60 -10.48 -5.74
N THR A 32 8.60 -9.88 -4.54
CA THR A 32 7.41 -9.85 -3.70
C THR A 32 7.52 -8.76 -2.65
N ILE A 33 6.36 -8.26 -2.20
CA ILE A 33 6.33 -7.21 -1.19
C ILE A 33 5.02 -7.26 -0.40
N THR A 34 5.14 -7.14 0.92
CA THR A 34 3.96 -7.16 1.79
C THR A 34 3.72 -5.80 2.42
N VAL A 35 2.66 -5.12 1.98
CA VAL A 35 2.31 -3.81 2.51
C VAL A 35 1.32 -3.92 3.66
N HIS A 36 1.66 -3.32 4.79
CA HIS A 36 0.80 -3.35 5.96
C HIS A 36 0.17 -1.98 6.21
N TRP A 37 -1.15 -1.96 6.33
CA TRP A 37 -1.88 -0.72 6.57
C TRP A 37 -2.71 -0.80 7.84
N ILE A 38 -2.88 0.33 8.51
CA ILE A 38 -3.66 0.37 9.75
C ILE A 38 -4.73 1.46 9.68
N SER A 39 -5.85 1.23 10.35
CA SER A 39 -6.94 2.19 10.37
C SER A 39 -7.56 2.29 11.76
N ASP A 40 -8.17 3.43 12.06
CA ASP A 40 -8.80 3.65 13.35
C ASP A 40 -10.21 3.04 13.38
N ASP A 41 -10.91 3.13 12.25
CA ASP A 41 -12.25 2.59 12.15
C ASP A 41 -12.44 1.81 10.86
N GLU A 42 -12.34 0.48 10.96
CA GLU A 42 -12.50 -0.38 9.79
C GLU A 42 -13.93 -0.90 9.67
N PHE A 43 -14.62 -0.96 10.81
CA PHE A 43 -15.99 -1.44 10.84
C PHE A 43 -16.81 -0.81 9.71
N SER A 44 -16.55 0.47 9.44
CA SER A 44 -17.27 1.19 8.40
C SER A 44 -16.84 0.70 7.02
N ILE A 45 -15.55 0.47 6.85
CA ILE A 45 -15.01 0.00 5.58
C ILE A 45 -15.53 -1.40 5.25
N SER A 46 -16.28 -1.49 4.15
CA SER A 46 -16.84 -2.77 3.73
C SER A 46 -15.78 -3.61 3.02
N SER A 47 -14.78 -2.95 2.45
CA SER A 47 -13.71 -3.64 1.74
C SER A 47 -12.54 -2.69 1.48
N TYR A 48 -11.35 -3.26 1.31
CA TYR A 48 -10.15 -2.47 1.06
C TYR A 48 -9.68 -2.64 -0.38
N GLU A 49 -8.99 -1.63 -0.89
CA GLU A 49 -8.48 -1.66 -2.26
C GLU A 49 -6.99 -1.35 -2.30
N LEU A 50 -6.24 -2.20 -2.98
CA LEU A 50 -4.79 -2.02 -3.10
C LEU A 50 -4.43 -1.34 -4.41
N GLN A 51 -3.34 -0.59 -4.40
CA GLN A 51 -2.88 0.11 -5.59
C GLN A 51 -1.36 0.22 -5.61
N TYR A 52 -0.73 -0.44 -6.58
CA TYR A 52 0.72 -0.42 -6.71
C TYR A 52 1.14 -0.13 -8.15
N THR A 53 2.33 0.44 -8.31
CA THR A 53 2.85 0.77 -9.62
C THR A 53 4.36 0.90 -9.61
N ILE A 54 5.02 0.40 -10.66
CA ILE A 54 6.47 0.47 -10.75
C ILE A 54 6.94 1.90 -10.99
N PHE A 55 7.68 2.44 -10.03
CA PHE A 55 8.20 3.80 -10.14
C PHE A 55 9.58 3.81 -10.76
N THR A 56 9.71 4.48 -11.91
CA THR A 56 10.98 4.56 -12.60
C THR A 56 11.37 6.01 -12.87
N GLY A 57 12.60 6.22 -13.31
CA GLY A 57 13.08 7.56 -13.60
C GLY A 57 12.30 8.23 -14.72
N GLN A 58 11.22 8.92 -14.35
CA GLN A 58 10.39 9.61 -15.33
C GLN A 58 10.16 11.06 -14.93
N ALA A 59 9.61 11.85 -15.86
CA ALA A 59 9.34 13.25 -15.59
C ALA A 59 8.59 13.44 -14.29
N ASN A 60 8.28 14.68 -13.95
CA ASN A 60 7.57 15.00 -12.71
C ASN A 60 6.55 13.90 -12.39
N PHE A 61 6.63 13.38 -11.17
CA PHE A 61 5.73 12.32 -10.73
C PHE A 61 4.34 12.51 -11.34
N ILE A 62 3.81 13.72 -11.20
CA ILE A 62 2.48 14.03 -11.73
C ILE A 62 2.25 13.33 -13.06
N SER A 63 3.23 13.42 -13.96
CA SER A 63 3.13 12.80 -15.27
C SER A 63 2.68 11.35 -15.15
N LEU A 64 3.30 10.62 -14.22
CA LEU A 64 2.97 9.22 -14.00
C LEU A 64 1.68 9.08 -13.20
N TYR A 65 1.60 9.79 -12.08
CA TYR A 65 0.42 9.73 -11.23
C TYR A 65 -0.81 10.26 -11.98
N ASN A 66 -0.58 10.97 -13.08
CA ASN A 66 -1.66 11.52 -13.88
C ASN A 66 -2.51 10.40 -14.46
N SER A 67 -1.87 9.40 -15.04
CA SER A 67 -2.57 8.28 -15.65
C SER A 67 -2.69 7.11 -14.66
N VAL A 68 -3.23 7.40 -13.48
CA VAL A 68 -3.40 6.38 -12.44
C VAL A 68 -4.14 5.17 -12.99
N ASP A 69 -5.07 5.41 -13.91
CA ASP A 69 -5.84 4.33 -14.51
C ASP A 69 -4.96 3.13 -14.83
N SER A 70 -3.69 3.39 -15.11
CA SER A 70 -2.73 2.34 -15.42
C SER A 70 -2.38 1.53 -14.18
N TRP A 71 -2.24 2.23 -13.06
CA TRP A 71 -1.89 1.58 -11.80
C TRP A 71 -2.59 0.24 -11.66
N MET A 72 -2.02 -0.63 -10.84
CA MET A 72 -2.59 -1.96 -10.62
C MET A 72 -3.45 -1.99 -9.37
N ILE A 73 -4.71 -2.37 -9.53
CA ILE A 73 -5.65 -2.44 -8.41
C ILE A 73 -6.08 -3.88 -8.14
N VAL A 74 -6.25 -4.21 -6.87
CA VAL A 74 -6.67 -5.56 -6.48
C VAL A 74 -7.76 -5.50 -5.41
N PRO A 75 -9.03 -5.60 -5.86
CA PRO A 75 -10.18 -5.56 -4.95
C PRO A 75 -10.28 -6.81 -4.09
N ASN A 76 -11.45 -7.03 -3.51
CA ASN A 76 -11.68 -8.20 -2.66
C ASN A 76 -10.55 -8.36 -1.64
N ILE A 77 -10.25 -7.29 -0.91
CA ILE A 77 -9.19 -7.32 0.09
C ILE A 77 -9.77 -7.16 1.49
N LYS A 78 -9.93 -8.28 2.19
CA LYS A 78 -10.46 -8.26 3.54
C LYS A 78 -9.36 -8.54 4.56
N GLN A 79 -8.20 -7.95 4.35
CA GLN A 79 -7.06 -8.14 5.25
C GLN A 79 -6.33 -6.83 5.49
N ASN A 80 -5.40 -6.84 6.44
CA ASN A 80 -4.62 -5.64 6.77
C ASN A 80 -3.26 -5.67 6.08
N HIS A 81 -3.08 -6.61 5.15
CA HIS A 81 -1.82 -6.74 4.43
C HIS A 81 -1.99 -7.66 3.22
N TYR A 82 -1.61 -7.15 2.06
CA TYR A 82 -1.72 -7.91 0.81
C TYR A 82 -0.35 -8.11 0.17
N THR A 83 0.09 -9.37 0.09
CA THR A 83 1.38 -9.69 -0.50
C THR A 83 1.29 -9.74 -2.02
N VAL A 84 1.97 -8.81 -2.68
CA VAL A 84 1.96 -8.76 -4.13
C VAL A 84 3.10 -9.59 -4.73
N HIS A 85 2.73 -10.62 -5.48
CA HIS A 85 3.71 -11.51 -6.10
C HIS A 85 3.85 -11.20 -7.59
N GLY A 86 5.09 -11.15 -8.06
CA GLY A 86 5.34 -10.87 -9.47
C GLY A 86 6.02 -9.53 -9.68
N LEU A 87 6.90 -9.16 -8.75
CA LEU A 87 7.62 -7.90 -8.84
C LEU A 87 9.02 -8.10 -9.41
N GLN A 88 9.79 -7.03 -9.47
CA GLN A 88 11.15 -7.09 -9.99
C GLN A 88 12.17 -6.82 -8.89
N SER A 89 13.33 -7.47 -9.00
CA SER A 89 14.39 -7.30 -8.00
C SER A 89 14.97 -5.89 -8.05
N GLY A 90 15.45 -5.41 -6.91
CA GLY A 90 16.02 -4.09 -6.85
C GLY A 90 15.28 -3.09 -7.71
N THR A 91 14.02 -2.85 -7.38
CA THR A 91 13.20 -1.91 -8.13
C THR A 91 12.22 -1.17 -7.23
N ARG A 92 11.99 0.10 -7.52
CA ARG A 92 11.09 0.92 -6.72
C ARG A 92 9.63 0.51 -6.96
N TYR A 93 8.84 0.50 -5.89
CA TYR A 93 7.43 0.12 -5.99
C TYR A 93 6.58 0.94 -5.02
N ILE A 94 5.70 1.77 -5.57
CA ILE A 94 4.83 2.60 -4.76
C ILE A 94 3.52 1.89 -4.44
N PHE A 95 3.03 2.08 -3.22
CA PHE A 95 1.78 1.45 -2.79
C PHE A 95 0.85 2.47 -2.16
N ILE A 96 -0.45 2.32 -2.41
CA ILE A 96 -1.44 3.23 -1.85
C ILE A 96 -2.76 2.52 -1.61
N VAL A 97 -3.11 2.33 -0.34
CA VAL A 97 -4.35 1.67 0.03
C VAL A 97 -5.54 2.63 -0.03
N LYS A 98 -6.65 2.16 -0.58
CA LYS A 98 -7.85 2.97 -0.69
C LYS A 98 -9.02 2.34 0.06
N ALA A 99 -9.39 2.95 1.18
CA ALA A 99 -10.50 2.45 1.99
C ALA A 99 -11.84 2.80 1.36
N ILE A 100 -12.63 1.77 1.06
CA ILE A 100 -13.94 1.96 0.46
C ILE A 100 -15.05 1.60 1.43
N ASN A 101 -16.13 2.38 1.41
CA ASN A 101 -17.26 2.14 2.29
C ASN A 101 -18.56 2.63 1.65
N GLN A 102 -19.66 2.50 2.38
CA GLN A 102 -20.96 2.92 1.89
C GLN A 102 -20.94 4.40 1.49
N ALA A 103 -20.11 5.18 2.17
CA ALA A 103 -19.98 6.60 1.89
C ALA A 103 -19.19 6.84 0.60
N GLY A 104 -17.89 6.61 0.67
CA GLY A 104 -17.04 6.80 -0.50
C GLY A 104 -15.72 6.09 -0.38
N SER A 105 -14.65 6.72 -0.87
CA SER A 105 -13.33 6.12 -0.81
C SER A 105 -12.29 7.16 -0.43
N ARG A 106 -11.11 6.69 -0.02
CA ARG A 106 -10.03 7.58 0.39
C ARG A 106 -8.67 6.99 0.03
N ASN A 107 -7.93 7.69 -0.82
CA ASN A 107 -6.61 7.24 -1.25
C ASN A 107 -5.53 7.70 -0.28
N SER A 108 -4.76 6.76 0.26
CA SER A 108 -3.70 7.08 1.20
C SER A 108 -2.48 7.64 0.48
N GLU A 109 -1.51 8.12 1.24
CA GLU A 109 -0.29 8.69 0.67
C GLU A 109 0.56 7.61 0.02
N PRO A 110 1.32 8.00 -1.01
CA PRO A 110 2.19 7.07 -1.75
C PRO A 110 3.38 6.61 -0.91
N THR A 111 3.40 5.33 -0.57
CA THR A 111 4.49 4.76 0.22
C THR A 111 5.54 4.12 -0.66
N ARG A 112 6.67 4.80 -0.83
CA ARG A 112 7.76 4.29 -1.65
C ARG A 112 8.47 3.14 -0.96
N LEU A 113 8.64 2.03 -1.67
CA LEU A 113 9.30 0.85 -1.13
C LEU A 113 10.26 0.26 -2.14
N LYS A 114 11.38 -0.30 -1.64
CA LYS A 114 12.37 -0.91 -2.51
C LYS A 114 12.59 -2.36 -2.13
N THR A 115 12.67 -3.23 -3.15
CA THR A 115 12.87 -4.65 -2.92
C THR A 115 14.34 -4.96 -2.65
N ASN A 116 14.62 -6.19 -2.25
CA ASN A 116 15.99 -6.61 -1.95
C ASN A 116 16.76 -6.88 -3.24
N SER A 117 17.97 -6.32 -3.33
CA SER A 117 18.81 -6.50 -4.51
C SER A 117 18.60 -7.88 -5.12
N GLN A 118 19.10 -8.90 -4.43
CA GLN A 118 18.96 -10.27 -4.91
C GLN A 118 18.54 -11.20 -3.78
N PRO A 119 17.66 -12.17 -4.10
CA PRO A 119 17.16 -13.14 -3.13
C PRO A 119 18.23 -14.13 -2.70
N PHE A 120 19.40 -14.04 -3.31
CA PHE A 120 20.51 -14.93 -3.00
C PHE A 120 21.70 -14.15 -2.46
N LYS A 121 22.29 -14.65 -1.37
CA LYS A 121 23.44 -13.99 -0.76
C LYS A 121 24.74 -14.57 -1.31
N SER A 122 25.79 -13.74 -1.31
CA SER A 122 27.09 -14.16 -1.81
C SER A 122 28.12 -14.17 -0.70
N GLY A 123 27.69 -14.56 0.50
CA GLY A 123 28.59 -14.60 1.64
C GLY A 123 28.12 -13.73 2.78
N PRO A 124 28.28 -14.23 4.02
CA PRO A 124 27.88 -13.50 5.23
C PRO A 124 28.76 -12.29 5.50
N SER A 125 30.02 -12.38 5.07
CA SER A 125 30.97 -11.29 5.27
C SER A 125 32.23 -11.50 4.45
N SER A 126 32.95 -10.42 4.19
CA SER A 126 34.18 -10.50 3.41
C SER A 126 35.32 -11.06 4.24
N GLY A 127 36.06 -12.02 3.67
CA GLY A 127 37.16 -12.63 4.38
C GLY A 127 36.73 -13.81 5.24
N GLY A 1 -20.15 -4.52 30.62
CA GLY A 1 -18.71 -4.57 30.79
C GLY A 1 -18.05 -3.24 30.46
N SER A 2 -18.61 -2.15 30.97
CA SER A 2 -18.07 -0.82 30.71
C SER A 2 -16.55 -0.84 30.71
N SER A 3 -15.96 -0.24 29.68
CA SER A 3 -14.50 -0.19 29.55
C SER A 3 -13.97 1.18 29.95
N GLY A 4 -14.58 2.23 29.41
CA GLY A 4 -14.16 3.58 29.72
C GLY A 4 -14.31 4.52 28.54
N SER A 5 -13.73 4.14 27.40
CA SER A 5 -13.79 4.96 26.20
C SER A 5 -15.22 5.43 25.94
N SER A 6 -15.43 6.73 26.06
CA SER A 6 -16.76 7.30 25.84
C SER A 6 -17.49 6.60 24.71
N GLY A 7 -16.85 6.54 23.55
CA GLY A 7 -17.44 5.88 22.40
C GLY A 7 -16.98 6.49 21.08
N GLU A 8 -17.39 5.86 19.99
CA GLU A 8 -17.01 6.35 18.66
C GLU A 8 -17.59 7.74 18.39
N GLY A 9 -16.84 8.76 18.79
CA GLY A 9 -17.30 10.13 18.59
C GLY A 9 -17.83 10.37 17.20
N LEU A 10 -16.96 10.88 16.32
CA LEU A 10 -17.34 11.16 14.94
C LEU A 10 -18.17 10.01 14.36
N ASP A 11 -19.47 10.20 14.29
CA ASP A 11 -20.37 9.18 13.75
C ASP A 11 -20.65 9.42 12.27
N TYR A 12 -19.64 9.91 11.56
CA TYR A 12 -19.78 10.21 10.13
C TYR A 12 -19.04 9.17 9.30
N LEU A 13 -19.64 8.80 8.16
CA LEU A 13 -19.04 7.82 7.27
C LEU A 13 -18.91 8.37 5.86
N THR A 14 -19.49 9.55 5.62
CA THR A 14 -19.43 10.19 4.33
C THR A 14 -18.15 9.82 3.59
N ALA A 15 -17.05 9.77 4.32
CA ALA A 15 -15.75 9.42 3.75
C ALA A 15 -14.96 8.51 4.68
N PRO A 16 -14.43 7.41 4.11
CA PRO A 16 -13.63 6.44 4.87
C PRO A 16 -12.28 7.00 5.30
N ASN A 17 -12.02 6.96 6.60
CA ASN A 17 -10.76 7.47 7.13
C ASN A 17 -9.57 6.90 6.36
N PRO A 18 -8.58 7.77 6.08
CA PRO A 18 -7.38 7.37 5.35
C PRO A 18 -6.47 6.45 6.15
N PRO A 19 -6.17 5.27 5.58
CA PRO A 19 -5.32 4.27 6.23
C PRO A 19 -3.86 4.72 6.31
N SER A 20 -3.10 4.08 7.18
CA SER A 20 -1.68 4.41 7.35
C SER A 20 -0.81 3.20 7.07
N ILE A 21 -0.09 3.23 5.95
CA ILE A 21 0.79 2.14 5.57
C ILE A 21 2.02 2.09 6.48
N ARG A 22 2.05 1.13 7.38
CA ARG A 22 3.16 0.97 8.30
C ARG A 22 4.41 0.46 7.58
N GLU A 23 5.27 1.39 7.19
CA GLU A 23 6.50 1.05 6.48
C GLU A 23 7.40 0.17 7.35
N GLU A 24 7.34 0.37 8.65
CA GLU A 24 8.14 -0.41 9.58
C GLU A 24 7.75 -1.88 9.56
N LEU A 25 6.45 -2.13 9.42
CA LEU A 25 5.94 -3.50 9.38
C LEU A 25 6.04 -4.07 7.96
N CYS A 26 6.00 -3.19 6.97
CA CYS A 26 6.08 -3.60 5.57
C CYS A 26 7.32 -4.47 5.33
N THR A 27 7.32 -5.18 4.21
CA THR A 27 8.44 -6.06 3.87
C THR A 27 8.64 -6.12 2.36
N ALA A 28 9.90 -6.12 1.93
CA ALA A 28 10.23 -6.18 0.51
C ALA A 28 10.96 -7.47 0.18
N SER A 29 10.55 -8.12 -0.91
CA SER A 29 11.16 -9.37 -1.33
C SER A 29 11.58 -9.30 -2.80
N HIS A 30 12.39 -10.26 -3.23
CA HIS A 30 12.86 -10.30 -4.61
C HIS A 30 11.77 -9.86 -5.58
N ASP A 31 10.76 -10.70 -5.74
CA ASP A 31 9.65 -10.39 -6.63
C ASP A 31 8.33 -10.33 -5.86
N THR A 32 8.42 -10.08 -4.56
CA THR A 32 7.23 -10.01 -3.71
C THR A 32 7.34 -8.85 -2.73
N ILE A 33 6.19 -8.38 -2.24
CA ILE A 33 6.16 -7.28 -1.29
C ILE A 33 4.87 -7.29 -0.48
N THR A 34 5.01 -7.16 0.83
CA THR A 34 3.85 -7.16 1.73
C THR A 34 3.68 -5.81 2.41
N VAL A 35 2.55 -5.16 2.16
CA VAL A 35 2.27 -3.85 2.75
C VAL A 35 1.25 -3.97 3.88
N HIS A 36 1.58 -3.40 5.03
CA HIS A 36 0.70 -3.44 6.19
C HIS A 36 0.09 -2.06 6.46
N TRP A 37 -1.24 -1.99 6.41
CA TRP A 37 -1.95 -0.74 6.64
C TRP A 37 -2.70 -0.77 7.97
N ILE A 38 -2.54 0.28 8.76
CA ILE A 38 -3.20 0.37 10.05
C ILE A 38 -4.41 1.31 9.98
N SER A 39 -5.55 0.81 10.47
CA SER A 39 -6.78 1.60 10.46
C SER A 39 -7.56 1.42 11.76
N ASP A 40 -8.23 2.47 12.21
CA ASP A 40 -9.00 2.42 13.44
C ASP A 40 -10.46 2.08 13.15
N ASP A 41 -10.99 2.63 12.07
CA ASP A 41 -12.37 2.39 11.68
C ASP A 41 -12.44 1.58 10.38
N GLU A 42 -12.34 0.25 10.52
CA GLU A 42 -12.38 -0.64 9.37
C GLU A 42 -13.61 -1.54 9.42
N PHE A 43 -14.63 -1.10 10.16
CA PHE A 43 -15.86 -1.86 10.30
C PHE A 43 -16.88 -1.43 9.25
N SER A 44 -16.86 -0.14 8.90
CA SER A 44 -17.79 0.40 7.92
C SER A 44 -17.29 0.13 6.51
N ILE A 45 -16.00 0.34 6.28
CA ILE A 45 -15.41 0.12 4.97
C ILE A 45 -15.91 -1.18 4.36
N SER A 46 -16.53 -1.08 3.19
CA SER A 46 -17.06 -2.25 2.49
C SER A 46 -15.93 -3.19 2.08
N SER A 47 -14.82 -2.61 1.63
CA SER A 47 -13.67 -3.40 1.21
C SER A 47 -12.45 -2.52 0.99
N TYR A 48 -11.26 -3.12 1.04
CA TYR A 48 -10.02 -2.38 0.86
C TYR A 48 -9.48 -2.58 -0.56
N GLU A 49 -8.80 -1.57 -1.07
CA GLU A 49 -8.23 -1.64 -2.42
C GLU A 49 -6.73 -1.34 -2.39
N LEU A 50 -5.96 -2.18 -3.06
CA LEU A 50 -4.51 -2.02 -3.12
C LEU A 50 -4.06 -1.51 -4.49
N GLN A 51 -3.17 -0.54 -4.49
CA GLN A 51 -2.66 0.03 -5.74
C GLN A 51 -1.14 0.06 -5.75
N TYR A 52 -0.54 -0.62 -6.72
CA TYR A 52 0.91 -0.67 -6.84
C TYR A 52 1.36 -0.40 -8.27
N THR A 53 2.51 0.24 -8.42
CA THR A 53 3.05 0.55 -9.75
C THR A 53 4.57 0.71 -9.69
N ILE A 54 5.22 0.46 -10.82
CA ILE A 54 6.67 0.58 -10.91
C ILE A 54 7.10 2.04 -11.04
N PHE A 55 7.88 2.51 -10.09
CA PHE A 55 8.36 3.89 -10.10
C PHE A 55 9.69 4.00 -10.83
N THR A 56 9.70 4.75 -11.93
CA THR A 56 10.91 4.93 -12.73
C THR A 56 11.25 6.40 -12.87
N GLY A 57 12.44 6.69 -13.41
CA GLY A 57 12.87 8.06 -13.58
C GLY A 57 12.13 8.75 -14.72
N GLN A 58 10.99 9.36 -14.40
CA GLN A 58 10.20 10.06 -15.40
C GLN A 58 10.29 11.57 -15.21
N ALA A 59 9.96 12.31 -16.27
CA ALA A 59 10.00 13.77 -16.21
C ALA A 59 9.44 14.28 -14.89
N ASN A 60 8.23 13.86 -14.55
CA ASN A 60 7.58 14.28 -13.32
C ASN A 60 6.71 13.17 -12.76
N PHE A 61 6.68 13.06 -11.43
CA PHE A 61 5.89 12.03 -10.76
C PHE A 61 4.40 12.23 -11.04
N ILE A 62 3.98 13.49 -11.07
CA ILE A 62 2.58 13.82 -11.32
C ILE A 62 2.13 13.31 -12.69
N SER A 63 3.01 13.47 -13.69
CA SER A 63 2.70 13.03 -15.05
C SER A 63 2.18 11.61 -15.05
N LEU A 64 2.74 10.77 -14.18
CA LEU A 64 2.34 9.37 -14.08
C LEU A 64 1.12 9.23 -13.19
N TYR A 65 1.25 9.65 -11.94
CA TYR A 65 0.16 9.56 -10.98
C TYR A 65 -1.15 10.06 -11.59
N ASN A 66 -1.05 11.06 -12.46
CA ASN A 66 -2.22 11.63 -13.12
C ASN A 66 -2.89 10.60 -14.02
N SER A 67 -2.08 9.85 -14.76
CA SER A 67 -2.59 8.82 -15.66
C SER A 67 -2.56 7.45 -15.00
N VAL A 68 -3.52 7.20 -14.12
CA VAL A 68 -3.60 5.93 -13.43
C VAL A 68 -4.14 4.83 -14.34
N ASP A 69 -3.52 4.68 -15.50
CA ASP A 69 -3.93 3.67 -16.47
C ASP A 69 -3.12 2.40 -16.29
N SER A 70 -1.87 2.55 -15.87
CA SER A 70 -0.98 1.41 -15.67
C SER A 70 -1.13 0.85 -14.26
N TRP A 71 -1.25 1.76 -13.29
CA TRP A 71 -1.38 1.36 -11.89
C TRP A 71 -2.23 0.09 -11.77
N MET A 72 -1.72 -0.88 -11.01
CA MET A 72 -2.43 -2.13 -10.82
C MET A 72 -3.34 -2.06 -9.60
N ILE A 73 -4.46 -2.79 -9.65
CA ILE A 73 -5.41 -2.81 -8.55
C ILE A 73 -5.84 -4.22 -8.22
N VAL A 74 -6.03 -4.49 -6.92
CA VAL A 74 -6.43 -5.81 -6.46
C VAL A 74 -7.55 -5.71 -5.43
N PRO A 75 -8.81 -5.76 -5.91
CA PRO A 75 -9.98 -5.67 -5.04
C PRO A 75 -10.17 -6.93 -4.19
N ASN A 76 -11.25 -6.96 -3.41
CA ASN A 76 -11.53 -8.09 -2.55
C ASN A 76 -10.44 -8.27 -1.50
N ILE A 77 -10.09 -7.19 -0.82
CA ILE A 77 -9.07 -7.22 0.21
C ILE A 77 -9.66 -7.07 1.60
N LYS A 78 -9.80 -8.19 2.31
CA LYS A 78 -10.35 -8.18 3.65
C LYS A 78 -9.29 -8.52 4.69
N GLN A 79 -8.11 -7.94 4.53
CA GLN A 79 -7.01 -8.18 5.45
C GLN A 79 -6.21 -6.89 5.71
N ASN A 80 -5.31 -6.94 6.68
CA ASN A 80 -4.50 -5.78 7.02
C ASN A 80 -3.12 -5.88 6.37
N HIS A 81 -2.99 -6.78 5.40
CA HIS A 81 -1.73 -6.96 4.69
C HIS A 81 -1.92 -7.87 3.48
N TYR A 82 -1.54 -7.37 2.31
CA TYR A 82 -1.67 -8.13 1.08
C TYR A 82 -0.31 -8.29 0.40
N THR A 83 0.10 -9.54 0.21
CA THR A 83 1.37 -9.84 -0.43
C THR A 83 1.25 -9.81 -1.95
N VAL A 84 1.87 -8.81 -2.58
CA VAL A 84 1.82 -8.68 -4.03
C VAL A 84 2.86 -9.58 -4.70
N HIS A 85 2.40 -10.41 -5.62
CA HIS A 85 3.29 -11.32 -6.33
C HIS A 85 3.40 -10.93 -7.80
N GLY A 86 4.59 -11.09 -8.37
CA GLY A 86 4.81 -10.75 -9.76
C GLY A 86 5.48 -9.40 -9.93
N LEU A 87 6.48 -9.12 -9.09
CA LEU A 87 7.20 -7.85 -9.15
C LEU A 87 8.60 -8.05 -9.73
N GLN A 88 9.34 -6.96 -9.82
CA GLN A 88 10.71 -7.00 -10.36
C GLN A 88 11.73 -6.89 -9.23
N SER A 89 12.80 -7.68 -9.33
CA SER A 89 13.85 -7.67 -8.33
C SER A 89 14.63 -6.35 -8.37
N GLY A 90 15.03 -5.87 -7.19
CA GLY A 90 15.77 -4.63 -7.12
C GLY A 90 15.12 -3.51 -7.91
N THR A 91 13.90 -3.13 -7.53
CA THR A 91 13.17 -2.08 -8.21
C THR A 91 12.24 -1.35 -7.26
N ARG A 92 12.07 -0.05 -7.48
CA ARG A 92 11.20 0.77 -6.64
C ARG A 92 9.74 0.44 -6.90
N TYR A 93 8.93 0.44 -5.84
CA TYR A 93 7.50 0.14 -5.96
C TYR A 93 6.69 1.00 -5.00
N ILE A 94 5.73 1.73 -5.54
CA ILE A 94 4.88 2.59 -4.74
C ILE A 94 3.54 1.93 -4.45
N PHE A 95 3.12 1.99 -3.19
CA PHE A 95 1.85 1.39 -2.78
C PHE A 95 0.92 2.44 -2.19
N ILE A 96 -0.37 2.31 -2.46
CA ILE A 96 -1.37 3.24 -1.96
C ILE A 96 -2.68 2.53 -1.65
N VAL A 97 -3.01 2.44 -0.36
CA VAL A 97 -4.25 1.79 0.06
C VAL A 97 -5.43 2.75 0.01
N LYS A 98 -6.48 2.35 -0.68
CA LYS A 98 -7.68 3.18 -0.81
C LYS A 98 -8.89 2.47 -0.21
N ALA A 99 -9.41 3.03 0.87
CA ALA A 99 -10.58 2.46 1.55
C ALA A 99 -11.87 2.92 0.87
N ILE A 100 -12.75 1.97 0.59
CA ILE A 100 -14.03 2.27 -0.05
C ILE A 100 -15.20 1.83 0.82
N ASN A 101 -16.23 2.66 0.87
CA ASN A 101 -17.41 2.36 1.67
C ASN A 101 -18.67 2.83 0.97
N GLN A 102 -19.82 2.49 1.53
CA GLN A 102 -21.11 2.88 0.96
C GLN A 102 -21.11 4.36 0.60
N ALA A 103 -20.39 5.15 1.37
CA ALA A 103 -20.31 6.59 1.14
C ALA A 103 -19.43 6.91 -0.05
N GLY A 104 -18.12 6.75 0.13
CA GLY A 104 -17.18 7.02 -0.94
C GLY A 104 -15.87 6.28 -0.78
N SER A 105 -14.76 6.99 -0.98
CA SER A 105 -13.44 6.39 -0.85
C SER A 105 -12.40 7.45 -0.49
N ARG A 106 -11.30 7.01 0.11
CA ARG A 106 -10.22 7.92 0.50
C ARG A 106 -8.85 7.29 0.23
N ASN A 107 -8.12 7.87 -0.71
CA ASN A 107 -6.80 7.38 -1.06
C ASN A 107 -5.75 7.85 -0.06
N SER A 108 -4.88 6.94 0.36
CA SER A 108 -3.84 7.27 1.32
C SER A 108 -2.60 7.79 0.62
N GLU A 109 -1.58 8.14 1.40
CA GLU A 109 -0.34 8.66 0.84
C GLU A 109 0.49 7.53 0.21
N PRO A 110 1.28 7.88 -0.81
CA PRO A 110 2.13 6.92 -1.52
C PRO A 110 3.29 6.43 -0.66
N THR A 111 3.36 5.12 -0.46
CA THR A 111 4.42 4.52 0.34
C THR A 111 5.52 3.93 -0.54
N ARG A 112 6.66 4.58 -0.57
CA ARG A 112 7.79 4.12 -1.38
C ARG A 112 8.45 2.89 -0.74
N LEU A 113 8.64 1.85 -1.55
CA LEU A 113 9.25 0.63 -1.07
C LEU A 113 10.18 0.03 -2.12
N LYS A 114 11.32 -0.49 -1.68
CA LYS A 114 12.30 -1.09 -2.58
C LYS A 114 12.49 -2.57 -2.26
N THR A 115 12.53 -3.39 -3.30
CA THR A 115 12.71 -4.83 -3.14
C THR A 115 14.18 -5.17 -2.94
N ASN A 116 14.44 -6.40 -2.51
CA ASN A 116 15.80 -6.86 -2.27
C ASN A 116 16.47 -7.28 -3.58
N SER A 117 17.73 -6.92 -3.74
CA SER A 117 18.48 -7.25 -4.96
C SER A 117 18.03 -8.60 -5.51
N GLN A 118 18.34 -9.67 -4.79
CA GLN A 118 17.97 -11.02 -5.21
C GLN A 118 17.43 -11.82 -4.04
N PRO A 119 16.73 -12.92 -4.35
CA PRO A 119 16.14 -13.80 -3.33
C PRO A 119 17.19 -14.58 -2.56
N PHE A 120 16.75 -15.61 -1.84
CA PHE A 120 17.66 -16.43 -1.05
C PHE A 120 18.69 -17.13 -1.95
N LYS A 121 19.93 -17.13 -1.53
CA LYS A 121 21.01 -17.76 -2.28
C LYS A 121 20.90 -19.29 -2.20
N SER A 122 20.90 -19.94 -3.36
CA SER A 122 20.80 -21.39 -3.43
C SER A 122 22.13 -22.04 -3.05
N GLY A 123 23.15 -21.79 -3.85
CA GLY A 123 24.46 -22.35 -3.58
C GLY A 123 25.12 -22.91 -4.83
N PRO A 124 26.31 -23.51 -4.66
CA PRO A 124 27.06 -24.09 -5.76
C PRO A 124 26.41 -25.35 -6.31
N SER A 125 26.82 -25.77 -7.51
CA SER A 125 26.28 -26.96 -8.15
C SER A 125 26.75 -28.21 -7.42
N SER A 126 25.88 -28.74 -6.55
CA SER A 126 26.21 -29.95 -5.80
C SER A 126 26.37 -31.14 -6.73
N GLY A 127 27.62 -31.51 -7.00
CA GLY A 127 27.89 -32.64 -7.87
C GLY A 127 29.32 -32.66 -8.37
N GLY A 1 1.68 -7.35 27.38
CA GLY A 1 1.06 -6.06 27.17
C GLY A 1 1.78 -4.94 27.88
N SER A 2 1.50 -3.70 27.48
CA SER A 2 2.14 -2.54 28.08
C SER A 2 1.11 -1.47 28.43
N SER A 3 0.39 -1.01 27.42
CA SER A 3 -0.64 0.01 27.61
C SER A 3 -1.51 0.16 26.38
N GLY A 4 -2.72 0.67 26.57
CA GLY A 4 -3.64 0.85 25.46
C GLY A 4 -4.98 1.39 25.90
N SER A 5 -5.77 1.87 24.94
CA SER A 5 -7.09 2.42 25.24
C SER A 5 -7.83 2.78 23.95
N SER A 6 -9.10 3.13 24.09
CA SER A 6 -9.92 3.50 22.94
C SER A 6 -9.79 4.99 22.63
N GLY A 7 -9.79 5.33 21.34
CA GLY A 7 -9.66 6.71 20.94
C GLY A 7 -11.01 7.39 20.80
N GLU A 8 -10.98 8.70 20.52
CA GLU A 8 -12.20 9.47 20.37
C GLU A 8 -12.18 10.28 19.08
N GLY A 9 -12.93 9.82 18.08
CA GLY A 9 -12.98 10.52 16.82
C GLY A 9 -14.26 11.31 16.64
N LEU A 10 -15.01 10.99 15.59
CA LEU A 10 -16.27 11.68 15.32
C LEU A 10 -17.32 10.70 14.80
N ASP A 11 -18.58 11.14 14.81
CA ASP A 11 -19.69 10.31 14.34
C ASP A 11 -19.94 10.54 12.86
N TYR A 12 -18.88 10.84 12.12
CA TYR A 12 -18.99 11.08 10.68
C TYR A 12 -18.55 9.85 9.89
N LEU A 13 -19.32 9.50 8.86
CA LEU A 13 -18.99 8.35 8.02
C LEU A 13 -19.02 8.74 6.55
N THR A 14 -19.46 9.96 6.26
CA THR A 14 -19.54 10.45 4.89
C THR A 14 -18.42 9.87 4.04
N ALA A 15 -17.22 9.76 4.61
CA ALA A 15 -16.08 9.21 3.90
C ALA A 15 -15.26 8.30 4.80
N PRO A 16 -14.72 7.21 4.23
CA PRO A 16 -13.91 6.25 4.97
C PRO A 16 -12.55 6.82 5.37
N ASN A 17 -12.25 6.76 6.66
CA ASN A 17 -10.98 7.27 7.17
C ASN A 17 -9.80 6.67 6.40
N PRO A 18 -8.81 7.52 6.09
CA PRO A 18 -7.62 7.11 5.36
C PRO A 18 -6.71 6.20 6.18
N PRO A 19 -6.34 5.05 5.59
CA PRO A 19 -5.47 4.07 6.26
C PRO A 19 -4.04 4.57 6.41
N SER A 20 -3.30 3.95 7.32
CA SER A 20 -1.90 4.34 7.56
C SER A 20 -0.95 3.24 7.14
N ILE A 21 -0.26 3.46 6.02
CA ILE A 21 0.69 2.48 5.51
C ILE A 21 1.94 2.41 6.38
N ARG A 22 2.05 1.34 7.17
CA ARG A 22 3.19 1.15 8.04
C ARG A 22 4.40 0.62 7.28
N GLU A 23 5.52 1.31 7.40
CA GLU A 23 6.75 0.91 6.71
C GLU A 23 7.54 -0.08 7.56
N GLU A 24 7.39 0.02 8.88
CA GLU A 24 8.10 -0.86 9.79
C GLU A 24 7.49 -2.26 9.79
N LEU A 25 6.21 -2.34 9.43
CA LEU A 25 5.51 -3.61 9.39
C LEU A 25 5.59 -4.23 7.99
N CYS A 26 5.67 -3.38 6.98
CA CYS A 26 5.76 -3.84 5.60
C CYS A 26 7.13 -4.46 5.31
N THR A 27 7.14 -5.50 4.47
CA THR A 27 8.38 -6.18 4.12
C THR A 27 8.60 -6.19 2.62
N ALA A 28 9.86 -6.27 2.20
CA ALA A 28 10.20 -6.28 0.80
C ALA A 28 10.94 -7.56 0.42
N SER A 29 10.54 -8.17 -0.69
CA SER A 29 11.16 -9.42 -1.14
C SER A 29 11.57 -9.30 -2.61
N HIS A 30 12.38 -10.25 -3.06
CA HIS A 30 12.84 -10.26 -4.45
C HIS A 30 11.75 -9.77 -5.39
N ASP A 31 10.74 -10.60 -5.59
CA ASP A 31 9.63 -10.25 -6.48
C ASP A 31 8.32 -10.16 -5.70
N THR A 32 8.43 -10.16 -4.37
CA THR A 32 7.25 -10.09 -3.51
C THR A 32 7.37 -8.92 -2.54
N ILE A 33 6.22 -8.46 -2.04
CA ILE A 33 6.20 -7.36 -1.09
C ILE A 33 4.91 -7.36 -0.27
N THR A 34 5.05 -7.25 1.05
CA THR A 34 3.90 -7.24 1.94
C THR A 34 3.70 -5.87 2.56
N VAL A 35 2.59 -5.23 2.22
CA VAL A 35 2.27 -3.90 2.75
C VAL A 35 1.22 -3.99 3.85
N HIS A 36 1.55 -3.46 5.02
CA HIS A 36 0.64 -3.48 6.16
C HIS A 36 0.04 -2.09 6.39
N TRP A 37 -1.29 -2.03 6.44
CA TRP A 37 -1.99 -0.76 6.65
C TRP A 37 -2.79 -0.79 7.95
N ILE A 38 -2.67 0.26 8.74
CA ILE A 38 -3.39 0.35 10.00
C ILE A 38 -4.47 1.42 9.95
N SER A 39 -5.69 1.04 10.33
CA SER A 39 -6.81 1.98 10.32
C SER A 39 -7.49 2.02 11.69
N ASP A 40 -7.93 3.21 12.08
CA ASP A 40 -8.60 3.39 13.36
C ASP A 40 -9.94 2.64 13.39
N ASP A 41 -10.35 2.15 12.23
CA ASP A 41 -11.62 1.42 12.11
C ASP A 41 -11.79 0.86 10.71
N GLU A 42 -12.04 -0.45 10.62
CA GLU A 42 -12.22 -1.10 9.34
C GLU A 42 -13.43 -2.04 9.38
N PHE A 43 -14.34 -1.79 10.33
CA PHE A 43 -15.53 -2.61 10.48
C PHE A 43 -16.59 -2.22 9.44
N SER A 44 -16.69 -0.92 9.17
CA SER A 44 -17.66 -0.42 8.21
C SER A 44 -17.20 -0.68 6.78
N ILE A 45 -15.93 -0.43 6.52
CA ILE A 45 -15.35 -0.64 5.19
C ILE A 45 -15.68 -2.03 4.67
N SER A 46 -16.33 -2.10 3.52
CA SER A 46 -16.70 -3.37 2.92
C SER A 46 -15.47 -4.10 2.39
N SER A 47 -14.51 -3.35 1.88
CA SER A 47 -13.29 -3.93 1.34
C SER A 47 -12.20 -2.86 1.18
N TYR A 48 -10.97 -3.30 0.98
CA TYR A 48 -9.84 -2.39 0.83
C TYR A 48 -9.30 -2.44 -0.59
N GLU A 49 -8.40 -1.52 -0.91
CA GLU A 49 -7.80 -1.45 -2.24
C GLU A 49 -6.27 -1.43 -2.15
N LEU A 50 -5.62 -2.05 -3.13
CA LEU A 50 -4.17 -2.10 -3.16
C LEU A 50 -3.64 -1.70 -4.53
N GLN A 51 -2.85 -0.63 -4.56
CA GLN A 51 -2.27 -0.14 -5.80
C GLN A 51 -0.75 -0.11 -5.73
N TYR A 52 -0.10 -0.57 -6.80
CA TYR A 52 1.36 -0.59 -6.85
C TYR A 52 1.85 -0.45 -8.28
N THR A 53 2.99 0.22 -8.44
CA THR A 53 3.56 0.44 -9.77
C THR A 53 5.07 0.69 -9.67
N ILE A 54 5.79 0.33 -10.73
CA ILE A 54 7.23 0.51 -10.77
C ILE A 54 7.59 1.99 -10.85
N PHE A 55 8.29 2.49 -9.84
CA PHE A 55 8.71 3.89 -9.80
C PHE A 55 10.15 4.04 -10.27
N THR A 56 10.32 4.56 -11.49
CA THR A 56 11.64 4.76 -12.06
C THR A 56 11.71 6.06 -12.85
N GLY A 57 12.93 6.56 -13.07
CA GLY A 57 13.09 7.79 -13.80
C GLY A 57 12.11 7.94 -14.94
N GLN A 58 11.25 8.95 -14.84
CA GLN A 58 10.24 9.21 -15.86
C GLN A 58 10.10 10.69 -16.14
N ALA A 59 9.36 11.03 -17.18
CA ALA A 59 9.13 12.42 -17.55
C ALA A 59 8.85 13.27 -16.32
N ASN A 60 7.82 12.91 -15.57
CA ASN A 60 7.44 13.64 -14.38
C ASN A 60 6.34 12.90 -13.61
N PHE A 61 6.63 12.58 -12.35
CA PHE A 61 5.67 11.87 -11.50
C PHE A 61 4.25 12.35 -11.78
N ILE A 62 3.99 13.62 -11.51
CA ILE A 62 2.67 14.19 -11.73
C ILE A 62 2.00 13.57 -12.95
N SER A 63 2.69 13.62 -14.09
CA SER A 63 2.17 13.06 -15.32
C SER A 63 1.52 11.70 -15.08
N LEU A 64 2.35 10.72 -14.71
CA LEU A 64 1.86 9.37 -14.45
C LEU A 64 0.72 9.39 -13.43
N TYR A 65 0.98 9.98 -12.27
CA TYR A 65 -0.03 10.07 -11.22
C TYR A 65 -1.32 10.66 -11.75
N ASN A 66 -1.22 11.47 -12.81
CA ASN A 66 -2.38 12.10 -13.41
C ASN A 66 -3.33 11.05 -14.00
N SER A 67 -2.76 10.10 -14.76
CA SER A 67 -3.55 9.05 -15.38
C SER A 67 -3.60 7.82 -14.47
N VAL A 68 -4.02 8.02 -13.23
CA VAL A 68 -4.13 6.92 -12.28
C VAL A 68 -4.96 5.77 -12.85
N ASP A 69 -5.72 6.06 -13.90
CA ASP A 69 -6.56 5.05 -14.53
C ASP A 69 -5.72 3.88 -15.01
N SER A 70 -4.42 4.11 -15.18
CA SER A 70 -3.51 3.07 -15.64
C SER A 70 -3.00 2.23 -14.48
N TRP A 71 -2.81 2.88 -13.33
CA TRP A 71 -2.33 2.19 -12.14
C TRP A 71 -3.07 0.88 -11.93
N MET A 72 -2.39 -0.09 -11.32
CA MET A 72 -2.99 -1.40 -11.06
C MET A 72 -3.62 -1.44 -9.68
N ILE A 73 -4.76 -2.10 -9.58
CA ILE A 73 -5.48 -2.21 -8.31
C ILE A 73 -6.00 -3.63 -8.10
N VAL A 74 -6.15 -4.01 -6.84
CA VAL A 74 -6.64 -5.34 -6.49
C VAL A 74 -7.77 -5.27 -5.47
N PRO A 75 -9.01 -5.22 -5.97
CA PRO A 75 -10.21 -5.14 -5.12
C PRO A 75 -10.46 -6.44 -4.36
N ASN A 76 -11.55 -6.47 -3.60
CA ASN A 76 -11.91 -7.65 -2.82
C ASN A 76 -10.85 -7.94 -1.76
N ILE A 77 -10.45 -6.90 -1.04
CA ILE A 77 -9.43 -7.05 0.00
C ILE A 77 -10.06 -6.89 1.39
N LYS A 78 -9.84 -7.87 2.25
CA LYS A 78 -10.37 -7.84 3.60
C LYS A 78 -9.30 -8.26 4.62
N GLN A 79 -8.08 -7.78 4.41
CA GLN A 79 -6.97 -8.10 5.31
C GLN A 79 -6.16 -6.86 5.62
N ASN A 80 -5.30 -6.96 6.64
CA ASN A 80 -4.46 -5.84 7.03
C ASN A 80 -3.10 -5.91 6.35
N HIS A 81 -2.99 -6.77 5.35
CA HIS A 81 -1.74 -6.93 4.61
C HIS A 81 -1.95 -7.81 3.39
N TYR A 82 -1.60 -7.28 2.21
CA TYR A 82 -1.74 -8.03 0.97
C TYR A 82 -0.38 -8.30 0.32
N THR A 83 -0.01 -9.57 0.24
CA THR A 83 1.26 -9.96 -0.34
C THR A 83 1.20 -9.90 -1.86
N VAL A 84 1.96 -8.99 -2.45
CA VAL A 84 2.00 -8.83 -3.89
C VAL A 84 3.00 -9.80 -4.53
N HIS A 85 2.55 -10.49 -5.56
CA HIS A 85 3.40 -11.46 -6.26
C HIS A 85 3.54 -11.09 -7.74
N GLY A 86 4.77 -11.06 -8.22
CA GLY A 86 5.02 -10.73 -9.61
C GLY A 86 5.73 -9.39 -9.78
N LEU A 87 6.83 -9.22 -9.05
CA LEU A 87 7.60 -7.99 -9.12
C LEU A 87 9.02 -8.27 -9.60
N GLN A 88 9.85 -7.22 -9.61
CA GLN A 88 11.23 -7.35 -10.04
C GLN A 88 12.19 -7.12 -8.88
N SER A 89 13.24 -7.94 -8.81
CA SER A 89 14.23 -7.83 -7.75
C SER A 89 14.94 -6.48 -7.81
N GLY A 90 15.32 -5.96 -6.64
CA GLY A 90 16.01 -4.69 -6.58
C GLY A 90 15.33 -3.62 -7.42
N THR A 91 14.04 -3.41 -7.17
CA THR A 91 13.28 -2.41 -7.91
C THR A 91 12.31 -1.66 -6.99
N ARG A 92 12.18 -0.36 -7.22
CA ARG A 92 11.28 0.47 -6.41
C ARG A 92 9.83 0.16 -6.74
N TYR A 93 8.95 0.43 -5.78
CA TYR A 93 7.53 0.18 -5.96
C TYR A 93 6.70 1.05 -5.01
N ILE A 94 5.85 1.90 -5.58
CA ILE A 94 5.01 2.78 -4.79
C ILE A 94 3.65 2.14 -4.50
N PHE A 95 3.38 1.90 -3.22
CA PHE A 95 2.12 1.28 -2.81
C PHE A 95 1.14 2.33 -2.31
N ILE A 96 -0.12 2.19 -2.71
CA ILE A 96 -1.16 3.13 -2.30
C ILE A 96 -2.45 2.40 -1.95
N VAL A 97 -2.73 2.30 -0.65
CA VAL A 97 -3.94 1.63 -0.17
C VAL A 97 -5.10 2.60 -0.09
N LYS A 98 -6.29 2.13 -0.50
CA LYS A 98 -7.49 2.96 -0.47
C LYS A 98 -8.65 2.21 0.17
N ALA A 99 -9.31 2.85 1.13
CA ALA A 99 -10.45 2.23 1.81
C ALA A 99 -11.76 2.61 1.13
N ILE A 100 -12.59 1.59 0.87
CA ILE A 100 -13.88 1.82 0.22
C ILE A 100 -15.03 1.35 1.11
N ASN A 101 -16.12 2.11 1.11
CA ASN A 101 -17.28 1.76 1.91
C ASN A 101 -18.56 2.33 1.28
N GLN A 102 -19.70 2.08 1.93
CA GLN A 102 -20.98 2.56 1.43
C GLN A 102 -20.94 4.06 1.19
N ALA A 103 -20.20 4.77 2.03
CA ALA A 103 -20.08 6.22 1.91
C ALA A 103 -19.28 6.60 0.68
N GLY A 104 -17.97 6.36 0.71
CA GLY A 104 -17.12 6.68 -0.41
C GLY A 104 -15.78 5.96 -0.35
N SER A 105 -14.72 6.65 -0.76
CA SER A 105 -13.39 6.07 -0.75
C SER A 105 -12.34 7.12 -0.41
N ARG A 106 -11.22 6.67 0.15
CA ARG A 106 -10.14 7.58 0.54
C ARG A 106 -8.78 6.94 0.24
N ASN A 107 -8.07 7.51 -0.74
CA ASN A 107 -6.76 7.00 -1.12
C ASN A 107 -5.68 7.54 -0.20
N SER A 108 -4.86 6.63 0.33
CA SER A 108 -3.78 7.01 1.24
C SER A 108 -2.60 7.60 0.47
N GLU A 109 -1.57 7.99 1.21
CA GLU A 109 -0.38 8.57 0.59
C GLU A 109 0.49 7.49 -0.04
N PRO A 110 1.23 7.86 -1.10
CA PRO A 110 2.11 6.94 -1.81
C PRO A 110 3.33 6.53 -0.98
N THR A 111 3.38 5.25 -0.61
CA THR A 111 4.48 4.73 0.18
C THR A 111 5.52 4.03 -0.70
N ARG A 112 6.64 4.69 -0.94
CA ARG A 112 7.69 4.13 -1.76
C ARG A 112 8.44 3.02 -1.02
N LEU A 113 8.60 1.88 -1.68
CA LEU A 113 9.30 0.75 -1.08
C LEU A 113 10.40 0.23 -2.00
N LYS A 114 11.24 -0.64 -1.47
CA LYS A 114 12.34 -1.22 -2.24
C LYS A 114 12.50 -2.71 -1.95
N THR A 115 12.60 -3.50 -3.00
CA THR A 115 12.75 -4.95 -2.86
C THR A 115 14.19 -5.32 -2.53
N ASN A 116 14.39 -6.56 -2.10
CA ASN A 116 15.72 -7.04 -1.75
C ASN A 116 16.53 -7.36 -3.00
N SER A 117 17.83 -7.58 -2.82
CA SER A 117 18.72 -7.89 -3.95
C SER A 117 18.24 -9.15 -4.68
N GLN A 118 18.39 -10.30 -4.04
CA GLN A 118 17.97 -11.57 -4.63
C GLN A 118 17.22 -12.41 -3.61
N PRO A 119 16.48 -13.41 -4.11
CA PRO A 119 15.70 -14.32 -3.26
C PRO A 119 16.58 -15.26 -2.45
N PHE A 120 17.81 -15.45 -2.91
CA PHE A 120 18.76 -16.32 -2.23
C PHE A 120 20.03 -15.57 -1.86
N LYS A 121 20.38 -15.58 -0.58
CA LYS A 121 21.58 -14.90 -0.11
C LYS A 121 22.71 -15.89 0.13
N SER A 122 23.93 -15.47 -0.20
CA SER A 122 25.11 -16.32 -0.03
C SER A 122 26.11 -15.69 0.92
N GLY A 123 26.03 -16.07 2.19
CA GLY A 123 26.94 -15.53 3.18
C GLY A 123 27.02 -16.38 4.44
N PRO A 124 28.06 -17.23 4.51
CA PRO A 124 28.27 -18.13 5.64
C PRO A 124 28.67 -17.37 6.91
N SER A 125 27.68 -17.07 7.75
CA SER A 125 27.93 -16.35 8.99
C SER A 125 27.47 -17.16 10.19
N SER A 126 28.23 -17.09 11.27
CA SER A 126 27.91 -17.83 12.49
C SER A 126 28.16 -16.97 13.73
N GLY A 127 27.15 -16.86 14.58
CA GLY A 127 27.28 -16.07 15.79
C GLY A 127 25.94 -15.55 16.29
N GLY A 1 0.40 16.07 11.02
CA GLY A 1 -0.03 14.69 11.03
C GLY A 1 -1.44 14.50 10.52
N SER A 2 -2.15 13.53 11.07
CA SER A 2 -3.53 13.26 10.68
C SER A 2 -4.50 14.24 11.32
N SER A 3 -5.18 15.02 10.49
CA SER A 3 -6.14 16.00 10.98
C SER A 3 -7.48 15.85 10.29
N GLY A 4 -8.56 16.08 11.05
CA GLY A 4 -9.89 15.96 10.50
C GLY A 4 -10.25 17.12 9.57
N SER A 5 -11.13 17.99 10.04
CA SER A 5 -11.56 19.14 9.26
C SER A 5 -10.77 20.38 9.64
N SER A 6 -9.45 20.21 9.81
CA SER A 6 -8.59 21.32 10.18
C SER A 6 -8.87 21.79 11.60
N GLY A 7 -9.03 20.83 12.52
CA GLY A 7 -9.30 21.17 13.90
C GLY A 7 -9.86 19.99 14.68
N GLU A 8 -10.93 20.24 15.43
CA GLU A 8 -11.56 19.20 16.24
C GLU A 8 -11.85 17.97 15.38
N GLY A 9 -10.94 16.99 15.41
CA GLY A 9 -11.13 15.78 14.65
C GLY A 9 -12.57 15.31 14.63
N LEU A 10 -12.92 14.51 13.63
CA LEU A 10 -14.28 13.99 13.50
C LEU A 10 -14.29 12.68 12.73
N ASP A 11 -14.84 11.63 13.34
CA ASP A 11 -14.91 10.33 12.71
C ASP A 11 -16.18 10.22 11.85
N TYR A 12 -16.41 11.22 11.01
CA TYR A 12 -17.58 11.23 10.14
C TYR A 12 -17.64 9.96 9.29
N LEU A 13 -18.73 9.81 8.55
CA LEU A 13 -18.92 8.64 7.70
C LEU A 13 -18.83 9.02 6.22
N THR A 14 -19.39 10.19 5.88
CA THR A 14 -19.37 10.67 4.50
C THR A 14 -18.17 10.11 3.75
N ALA A 15 -17.01 10.12 4.39
CA ALA A 15 -15.79 9.61 3.77
C ALA A 15 -15.01 8.74 4.75
N PRO A 16 -14.51 7.59 4.25
CA PRO A 16 -13.74 6.65 5.06
C PRO A 16 -12.36 7.19 5.43
N ASN A 17 -12.02 7.11 6.71
CA ASN A 17 -10.73 7.58 7.20
C ASN A 17 -9.59 6.99 6.39
N PRO A 18 -8.60 7.83 6.05
CA PRO A 18 -7.43 7.41 5.27
C PRO A 18 -6.51 6.49 6.07
N PRO A 19 -6.18 5.33 5.48
CA PRO A 19 -5.30 4.34 6.11
C PRO A 19 -3.86 4.82 6.21
N SER A 20 -3.11 4.25 7.15
CA SER A 20 -1.72 4.63 7.36
C SER A 20 -0.78 3.49 6.97
N ILE A 21 -0.21 3.57 5.78
CA ILE A 21 0.70 2.55 5.28
C ILE A 21 1.96 2.48 6.13
N ARG A 22 2.05 1.47 6.99
CA ARG A 22 3.21 1.29 7.86
C ARG A 22 4.39 0.71 7.08
N GLU A 23 5.54 1.37 7.16
CA GLU A 23 6.73 0.92 6.47
C GLU A 23 7.53 -0.06 7.34
N GLU A 24 7.43 0.12 8.65
CA GLU A 24 8.14 -0.75 9.58
C GLU A 24 7.51 -2.14 9.62
N LEU A 25 6.23 -2.20 9.26
CA LEU A 25 5.51 -3.48 9.26
C LEU A 25 5.59 -4.14 7.89
N CYS A 26 5.68 -3.32 6.84
CA CYS A 26 5.75 -3.82 5.48
C CYS A 26 7.12 -4.44 5.20
N THR A 27 7.16 -5.37 4.25
CA THR A 27 8.41 -6.04 3.90
C THR A 27 8.62 -6.03 2.39
N ALA A 28 9.89 -6.02 1.98
CA ALA A 28 10.22 -6.03 0.55
C ALA A 28 10.99 -7.29 0.17
N SER A 29 10.56 -7.93 -0.91
CA SER A 29 11.20 -9.15 -1.37
C SER A 29 11.56 -9.05 -2.86
N HIS A 30 12.38 -9.97 -3.33
CA HIS A 30 12.79 -9.99 -4.73
C HIS A 30 11.61 -9.69 -5.65
N ASP A 31 10.66 -10.62 -5.70
CA ASP A 31 9.49 -10.47 -6.54
C ASP A 31 8.21 -10.56 -5.70
N THR A 32 8.26 -9.99 -4.50
CA THR A 32 7.11 -10.00 -3.60
C THR A 32 7.24 -8.93 -2.52
N ILE A 33 6.15 -8.22 -2.27
CA ILE A 33 6.15 -7.16 -1.27
C ILE A 33 4.87 -7.20 -0.43
N THR A 34 5.03 -7.10 0.89
CA THR A 34 3.89 -7.12 1.79
C THR A 34 3.69 -5.76 2.46
N VAL A 35 2.60 -5.09 2.10
CA VAL A 35 2.30 -3.77 2.66
C VAL A 35 1.26 -3.89 3.77
N HIS A 36 1.54 -3.25 4.90
CA HIS A 36 0.63 -3.28 6.05
C HIS A 36 0.01 -1.90 6.29
N TRP A 37 -1.31 -1.84 6.29
CA TRP A 37 -2.02 -0.59 6.50
C TRP A 37 -2.76 -0.60 7.84
N ILE A 38 -2.63 0.49 8.59
CA ILE A 38 -3.29 0.60 9.90
C ILE A 38 -4.41 1.63 9.85
N SER A 39 -5.58 1.24 10.32
CA SER A 39 -6.74 2.12 10.34
C SER A 39 -7.42 2.11 11.71
N ASP A 40 -8.09 3.21 12.04
CA ASP A 40 -8.77 3.33 13.32
C ASP A 40 -10.21 2.83 13.22
N ASP A 41 -10.80 2.99 12.04
CA ASP A 41 -12.17 2.54 11.81
C ASP A 41 -12.27 1.73 10.52
N GLU A 42 -12.31 0.41 10.66
CA GLU A 42 -12.40 -0.47 9.50
C GLU A 42 -13.74 -1.21 9.48
N PHE A 43 -14.26 -1.51 10.67
CA PHE A 43 -15.53 -2.21 10.79
C PHE A 43 -16.54 -1.67 9.79
N SER A 44 -16.44 -0.39 9.48
CA SER A 44 -17.35 0.25 8.54
C SER A 44 -16.95 -0.05 7.10
N ILE A 45 -15.65 0.07 6.81
CA ILE A 45 -15.14 -0.20 5.47
C ILE A 45 -15.59 -1.56 4.97
N SER A 46 -16.32 -1.56 3.85
CA SER A 46 -16.81 -2.80 3.27
C SER A 46 -15.66 -3.64 2.72
N SER A 47 -14.74 -3.00 2.01
CA SER A 47 -13.60 -3.70 1.44
C SER A 47 -12.43 -2.73 1.22
N TYR A 48 -11.23 -3.29 1.13
CA TYR A 48 -10.03 -2.48 0.93
C TYR A 48 -9.50 -2.63 -0.50
N GLU A 49 -8.74 -1.65 -0.94
CA GLU A 49 -8.16 -1.67 -2.29
C GLU A 49 -6.67 -1.34 -2.26
N LEU A 50 -5.88 -2.13 -2.96
CA LEU A 50 -4.44 -1.92 -3.01
C LEU A 50 -4.01 -1.40 -4.38
N GLN A 51 -3.06 -0.48 -4.39
CA GLN A 51 -2.56 0.10 -5.63
C GLN A 51 -1.03 0.06 -5.68
N TYR A 52 -0.50 -0.69 -6.63
CA TYR A 52 0.95 -0.81 -6.79
C TYR A 52 1.37 -0.52 -8.21
N THR A 53 2.55 0.09 -8.36
CA THR A 53 3.07 0.43 -9.68
C THR A 53 4.59 0.58 -9.65
N ILE A 54 5.24 0.16 -10.72
CA ILE A 54 6.69 0.24 -10.82
C ILE A 54 7.14 1.70 -10.94
N PHE A 55 7.87 2.18 -9.94
CA PHE A 55 8.36 3.55 -9.94
C PHE A 55 9.79 3.61 -10.45
N THR A 56 9.94 4.08 -11.69
CA THR A 56 11.27 4.19 -12.30
C THR A 56 11.55 5.62 -12.75
N GLY A 57 12.77 5.86 -13.21
CA GLY A 57 13.15 7.19 -13.65
C GLY A 57 12.32 7.66 -14.83
N GLN A 58 11.39 8.57 -14.56
CA GLN A 58 10.52 9.10 -15.61
C GLN A 58 9.91 10.43 -15.17
N ALA A 59 9.16 11.06 -16.08
CA ALA A 59 8.51 12.33 -15.79
C ALA A 59 8.08 12.41 -14.34
N ASN A 60 8.10 13.62 -13.78
CA ASN A 60 7.70 13.82 -12.40
C ASN A 60 6.58 12.87 -12.00
N PHE A 61 6.71 12.27 -10.82
CA PHE A 61 5.71 11.34 -10.31
C PHE A 61 4.31 11.82 -10.67
N ILE A 62 4.06 13.11 -10.49
CA ILE A 62 2.76 13.68 -10.78
C ILE A 62 2.27 13.29 -12.17
N SER A 63 3.17 13.37 -13.15
CA SER A 63 2.85 13.00 -14.53
C SER A 63 2.23 11.61 -14.59
N LEU A 64 2.99 10.61 -14.14
CA LEU A 64 2.53 9.23 -14.15
C LEU A 64 1.31 9.06 -13.25
N TYR A 65 1.45 9.44 -11.98
CA TYR A 65 0.35 9.33 -11.03
C TYR A 65 -0.90 9.99 -11.56
N ASN A 66 -0.72 11.06 -12.33
CA ASN A 66 -1.84 11.79 -12.91
C ASN A 66 -2.68 10.88 -13.80
N SER A 67 -2.02 9.96 -14.49
CA SER A 67 -2.70 9.03 -15.39
C SER A 67 -2.76 7.63 -14.78
N VAL A 68 -3.52 7.49 -13.70
CA VAL A 68 -3.67 6.21 -13.02
C VAL A 68 -4.56 5.27 -13.80
N ASP A 69 -4.15 4.95 -15.03
CA ASP A 69 -4.92 4.06 -15.89
C ASP A 69 -4.26 2.68 -15.97
N SER A 70 -2.94 2.66 -15.88
CA SER A 70 -2.18 1.40 -15.95
C SER A 70 -2.04 0.79 -14.57
N TRP A 71 -1.97 1.63 -13.55
CA TRP A 71 -1.83 1.17 -12.18
C TRP A 71 -2.57 -0.15 -11.97
N MET A 72 -1.90 -1.10 -11.33
CA MET A 72 -2.49 -2.41 -11.07
C MET A 72 -3.18 -2.43 -9.70
N ILE A 73 -4.47 -2.74 -9.70
CA ILE A 73 -5.24 -2.79 -8.46
C ILE A 73 -5.63 -4.22 -8.11
N VAL A 74 -5.88 -4.48 -6.85
CA VAL A 74 -6.26 -5.81 -6.38
C VAL A 74 -7.44 -5.73 -5.41
N PRO A 75 -8.66 -5.89 -5.95
CA PRO A 75 -9.88 -5.85 -5.15
C PRO A 75 -10.02 -7.06 -4.22
N ASN A 76 -11.22 -7.26 -3.68
CA ASN A 76 -11.47 -8.38 -2.79
C ASN A 76 -10.39 -8.49 -1.72
N ILE A 77 -10.16 -7.40 -1.01
CA ILE A 77 -9.14 -7.38 0.04
C ILE A 77 -9.78 -7.33 1.42
N LYS A 78 -9.69 -8.43 2.14
CA LYS A 78 -10.26 -8.52 3.49
C LYS A 78 -9.17 -8.78 4.52
N GLN A 79 -8.05 -8.10 4.39
CA GLN A 79 -6.93 -8.27 5.31
C GLN A 79 -6.23 -6.93 5.57
N ASN A 80 -5.38 -6.91 6.58
CA ASN A 80 -4.64 -5.70 6.94
C ASN A 80 -3.34 -5.61 6.16
N HIS A 81 -3.02 -6.67 5.42
CA HIS A 81 -1.80 -6.71 4.62
C HIS A 81 -1.95 -7.66 3.44
N TYR A 82 -1.54 -7.20 2.26
CA TYR A 82 -1.64 -8.00 1.04
C TYR A 82 -0.28 -8.17 0.39
N THR A 83 0.07 -9.41 0.08
CA THR A 83 1.36 -9.70 -0.56
C THR A 83 1.23 -9.71 -2.07
N VAL A 84 1.76 -8.67 -2.71
CA VAL A 84 1.71 -8.55 -4.16
C VAL A 84 2.76 -9.44 -4.83
N HIS A 85 2.31 -10.32 -5.71
CA HIS A 85 3.22 -11.22 -6.42
C HIS A 85 3.42 -10.77 -7.87
N GLY A 86 4.59 -11.06 -8.40
CA GLY A 86 4.89 -10.69 -9.78
C GLY A 86 5.56 -9.33 -9.87
N LEU A 87 6.52 -9.08 -8.99
CA LEU A 87 7.22 -7.80 -8.97
C LEU A 87 8.64 -7.96 -9.51
N GLN A 88 9.33 -6.84 -9.72
CA GLN A 88 10.69 -6.86 -10.24
C GLN A 88 11.70 -6.73 -9.10
N SER A 89 12.76 -7.53 -9.18
CA SER A 89 13.81 -7.51 -8.16
C SER A 89 14.59 -6.20 -8.20
N GLY A 90 15.08 -5.77 -7.04
CA GLY A 90 15.84 -4.54 -6.97
C GLY A 90 15.20 -3.41 -7.75
N THR A 91 13.91 -3.17 -7.49
CA THR A 91 13.18 -2.11 -8.18
C THR A 91 12.22 -1.40 -7.22
N ARG A 92 12.03 -0.11 -7.44
CA ARG A 92 11.14 0.68 -6.60
C ARG A 92 9.68 0.34 -6.89
N TYR A 93 8.85 0.44 -5.86
CA TYR A 93 7.43 0.14 -6.00
C TYR A 93 6.59 0.99 -5.04
N ILE A 94 5.70 1.79 -5.61
CA ILE A 94 4.85 2.65 -4.80
C ILE A 94 3.54 1.95 -4.43
N PHE A 95 3.08 2.19 -3.21
CA PHE A 95 1.84 1.57 -2.74
C PHE A 95 0.89 2.62 -2.17
N ILE A 96 -0.38 2.53 -2.54
CA ILE A 96 -1.39 3.47 -2.07
C ILE A 96 -2.70 2.77 -1.77
N VAL A 97 -3.00 2.61 -0.48
CA VAL A 97 -4.23 1.94 -0.06
C VAL A 97 -5.41 2.92 -0.06
N LYS A 98 -6.54 2.47 -0.59
CA LYS A 98 -7.74 3.30 -0.65
C LYS A 98 -8.94 2.57 -0.05
N ALA A 99 -9.41 3.04 1.10
CA ALA A 99 -10.55 2.44 1.77
C ALA A 99 -11.86 2.82 1.08
N ILE A 100 -12.74 1.85 0.90
CA ILE A 100 -14.02 2.09 0.26
C ILE A 100 -15.17 1.63 1.15
N ASN A 101 -16.17 2.50 1.31
CA ASN A 101 -17.33 2.19 2.13
C ASN A 101 -18.61 2.68 1.46
N GLN A 102 -19.73 2.54 2.18
CA GLN A 102 -21.02 2.97 1.66
C GLN A 102 -21.02 4.46 1.34
N ALA A 103 -20.29 5.23 2.14
CA ALA A 103 -20.20 6.66 1.95
C ALA A 103 -19.39 7.00 0.70
N GLY A 104 -18.16 6.51 0.64
CA GLY A 104 -17.31 6.77 -0.51
C GLY A 104 -15.96 6.08 -0.39
N SER A 105 -14.89 6.82 -0.67
CA SER A 105 -13.55 6.28 -0.60
C SER A 105 -12.54 7.36 -0.21
N ARG A 106 -11.36 6.94 0.22
CA ARG A 106 -10.31 7.87 0.63
C ARG A 106 -8.94 7.32 0.28
N ASN A 107 -8.26 7.98 -0.66
CA ASN A 107 -6.93 7.56 -1.08
C ASN A 107 -5.87 8.04 -0.11
N SER A 108 -4.95 7.15 0.27
CA SER A 108 -3.88 7.49 1.21
C SER A 108 -2.66 8.02 0.47
N GLU A 109 -1.64 8.40 1.22
CA GLU A 109 -0.42 8.92 0.63
C GLU A 109 0.42 7.81 0.02
N PRO A 110 1.20 8.15 -1.02
CA PRO A 110 2.06 7.18 -1.71
C PRO A 110 3.23 6.72 -0.86
N THR A 111 3.47 5.42 -0.84
CA THR A 111 4.56 4.85 -0.06
C THR A 111 5.54 4.10 -0.95
N ARG A 112 6.67 4.74 -1.25
CA ARG A 112 7.69 4.13 -2.10
C ARG A 112 8.44 3.05 -1.34
N LEU A 113 8.52 1.87 -1.95
CA LEU A 113 9.22 0.75 -1.33
C LEU A 113 10.24 0.14 -2.29
N LYS A 114 11.31 -0.42 -1.74
CA LYS A 114 12.36 -1.03 -2.54
C LYS A 114 12.47 -2.52 -2.25
N THR A 115 12.52 -3.33 -3.30
CA THR A 115 12.63 -4.77 -3.15
C THR A 115 14.07 -5.20 -2.93
N ASN A 116 14.26 -6.43 -2.45
CA ASN A 116 15.59 -6.95 -2.19
C ASN A 116 16.31 -7.27 -3.50
N SER A 117 17.60 -6.95 -3.55
CA SER A 117 18.40 -7.19 -4.74
C SER A 117 17.99 -8.51 -5.40
N GLN A 118 18.29 -9.62 -4.73
CA GLN A 118 17.96 -10.94 -5.26
C GLN A 118 17.35 -11.82 -4.18
N PRO A 119 16.67 -12.89 -4.60
CA PRO A 119 16.02 -13.83 -3.68
C PRO A 119 17.04 -14.66 -2.90
N PHE A 120 16.54 -15.61 -2.11
CA PHE A 120 17.40 -16.47 -1.30
C PHE A 120 18.19 -17.43 -2.19
N LYS A 121 19.47 -17.13 -2.39
CA LYS A 121 20.32 -17.97 -3.22
C LYS A 121 21.03 -19.03 -2.37
N SER A 122 20.70 -20.29 -2.61
CA SER A 122 21.30 -21.39 -1.85
C SER A 122 22.29 -22.16 -2.73
N GLY A 123 21.79 -22.74 -3.81
CA GLY A 123 22.64 -23.49 -4.71
C GLY A 123 22.01 -24.79 -5.15
N PRO A 124 22.86 -25.79 -5.47
CA PRO A 124 22.40 -27.11 -5.91
C PRO A 124 21.73 -27.90 -4.78
N SER A 125 21.65 -27.29 -3.61
CA SER A 125 21.04 -27.94 -2.45
C SER A 125 19.70 -28.57 -2.83
N SER A 126 18.77 -27.75 -3.31
CA SER A 126 17.45 -28.22 -3.70
C SER A 126 16.63 -28.59 -2.47
N GLY A 127 16.68 -27.74 -1.45
CA GLY A 127 15.92 -27.99 -0.23
C GLY A 127 14.47 -28.33 -0.50
N GLY A 1 7.54 6.53 4.36
CA GLY A 1 7.75 7.67 5.25
C GLY A 1 6.56 8.60 5.28
N SER A 2 6.12 8.94 6.50
CA SER A 2 4.98 9.83 6.68
C SER A 2 5.33 10.98 7.61
N SER A 3 4.81 12.17 7.29
CA SER A 3 5.07 13.35 8.10
C SER A 3 4.51 13.18 9.51
N GLY A 4 3.23 12.83 9.60
CA GLY A 4 2.60 12.64 10.88
C GLY A 4 1.16 12.19 10.75
N SER A 5 0.82 11.08 11.41
CA SER A 5 -0.53 10.55 11.38
C SER A 5 -1.48 11.37 12.25
N SER A 6 -2.19 12.30 11.63
CA SER A 6 -3.12 13.15 12.36
C SER A 6 -4.50 12.52 12.41
N GLY A 7 -5.20 12.72 13.53
CA GLY A 7 -6.53 12.17 13.69
C GLY A 7 -7.59 12.97 12.97
N GLU A 8 -8.27 12.33 12.02
CA GLU A 8 -9.32 13.00 11.25
C GLU A 8 -10.06 14.02 12.11
N GLY A 9 -10.65 13.55 13.20
CA GLY A 9 -11.39 14.43 14.09
C GLY A 9 -12.86 14.10 14.15
N LEU A 10 -13.51 14.04 12.99
CA LEU A 10 -14.93 13.73 12.92
C LEU A 10 -15.16 12.31 12.39
N ASP A 11 -14.18 11.82 11.63
CA ASP A 11 -14.27 10.48 11.06
C ASP A 11 -15.66 10.22 10.49
N TYR A 12 -16.34 11.29 10.09
CA TYR A 12 -17.68 11.17 9.53
C TYR A 12 -17.76 10.02 8.54
N LEU A 13 -18.96 9.48 8.37
CA LEU A 13 -19.18 8.36 7.47
C LEU A 13 -19.05 8.82 6.01
N THR A 14 -19.59 9.99 5.72
CA THR A 14 -19.54 10.54 4.37
C THR A 14 -18.27 10.10 3.64
N ALA A 15 -17.16 10.04 4.38
CA ALA A 15 -15.88 9.62 3.82
C ALA A 15 -15.07 8.81 4.81
N PRO A 16 -14.56 7.66 4.36
CA PRO A 16 -13.76 6.77 5.21
C PRO A 16 -12.40 7.36 5.54
N ASN A 17 -11.99 7.22 6.80
CA ASN A 17 -10.70 7.75 7.24
C ASN A 17 -9.56 7.16 6.43
N PRO A 18 -8.55 7.99 6.12
CA PRO A 18 -7.38 7.58 5.34
C PRO A 18 -6.48 6.61 6.12
N PRO A 19 -6.23 5.44 5.53
CA PRO A 19 -5.39 4.41 6.14
C PRO A 19 -3.92 4.81 6.18
N SER A 20 -3.22 4.39 7.22
CA SER A 20 -1.80 4.71 7.38
C SER A 20 -0.94 3.50 7.04
N ILE A 21 -0.06 3.66 6.05
CA ILE A 21 0.83 2.60 5.62
C ILE A 21 2.07 2.53 6.51
N ARG A 22 2.27 1.39 7.16
CA ARG A 22 3.42 1.20 8.04
C ARG A 22 4.62 0.66 7.26
N GLU A 23 5.73 1.39 7.32
CA GLU A 23 6.95 0.99 6.62
C GLU A 23 7.78 0.04 7.47
N GLU A 24 7.64 0.16 8.79
CA GLU A 24 8.39 -0.68 9.72
C GLU A 24 7.80 -2.09 9.76
N LEU A 25 6.53 -2.21 9.38
CA LEU A 25 5.85 -3.50 9.38
C LEU A 25 5.89 -4.12 7.99
N CYS A 26 5.92 -3.29 6.96
CA CYS A 26 5.96 -3.76 5.58
C CYS A 26 7.32 -4.38 5.26
N THR A 27 7.31 -5.38 4.38
CA THR A 27 8.54 -6.06 3.99
C THR A 27 8.73 -6.01 2.48
N ALA A 28 9.96 -6.26 2.03
CA ALA A 28 10.28 -6.26 0.61
C ALA A 28 11.01 -7.53 0.20
N SER A 29 10.63 -8.09 -0.93
CA SER A 29 11.25 -9.30 -1.44
C SER A 29 11.61 -9.17 -2.91
N HIS A 30 12.43 -10.08 -3.40
CA HIS A 30 12.85 -10.06 -4.79
C HIS A 30 11.73 -9.56 -5.70
N ASP A 31 10.73 -10.42 -5.92
CA ASP A 31 9.60 -10.06 -6.77
C ASP A 31 8.30 -10.09 -5.97
N THR A 32 8.38 -9.71 -4.70
CA THR A 32 7.22 -9.69 -3.83
C THR A 32 7.36 -8.65 -2.72
N ILE A 33 6.23 -8.17 -2.21
CA ILE A 33 6.25 -7.18 -1.15
C ILE A 33 4.96 -7.24 -0.33
N THR A 34 5.10 -7.11 0.98
CA THR A 34 3.95 -7.14 1.88
C THR A 34 3.75 -5.80 2.57
N VAL A 35 2.68 -5.11 2.19
CA VAL A 35 2.37 -3.81 2.77
C VAL A 35 1.38 -3.94 3.92
N HIS A 36 1.64 -3.23 5.01
CA HIS A 36 0.77 -3.27 6.18
C HIS A 36 0.14 -1.90 6.43
N TRP A 37 -1.18 -1.84 6.39
CA TRP A 37 -1.90 -0.59 6.62
C TRP A 37 -2.69 -0.64 7.91
N ILE A 38 -2.56 0.40 8.73
CA ILE A 38 -3.27 0.47 10.01
C ILE A 38 -4.51 1.34 9.90
N SER A 39 -5.61 0.86 10.47
CA SER A 39 -6.87 1.60 10.43
C SER A 39 -7.58 1.51 11.78
N ASP A 40 -8.17 2.63 12.20
CA ASP A 40 -8.87 2.69 13.47
C ASP A 40 -10.39 2.60 13.25
N ASP A 41 -10.79 2.19 12.06
CA ASP A 41 -12.19 2.07 11.71
C ASP A 41 -12.38 1.31 10.41
N GLU A 42 -13.10 0.19 10.48
CA GLU A 42 -13.35 -0.64 9.31
C GLU A 42 -14.83 -1.01 9.19
N PHE A 43 -15.48 -1.16 10.34
CA PHE A 43 -16.89 -1.52 10.39
C PHE A 43 -17.65 -0.85 9.25
N SER A 44 -17.29 0.40 8.96
CA SER A 44 -17.94 1.15 7.89
C SER A 44 -17.42 0.72 6.53
N ILE A 45 -16.11 0.49 6.44
CA ILE A 45 -15.50 0.08 5.19
C ILE A 45 -16.04 -1.27 4.73
N SER A 46 -16.51 -1.31 3.48
CA SER A 46 -17.06 -2.53 2.92
C SER A 46 -15.95 -3.46 2.41
N SER A 47 -14.92 -2.85 1.81
CA SER A 47 -13.80 -3.62 1.28
C SER A 47 -12.60 -2.71 1.03
N TYR A 48 -11.41 -3.30 1.07
CA TYR A 48 -10.18 -2.55 0.84
C TYR A 48 -9.63 -2.79 -0.55
N GLU A 49 -8.90 -1.82 -1.09
CA GLU A 49 -8.32 -1.94 -2.42
C GLU A 49 -6.83 -1.61 -2.40
N LEU A 50 -6.05 -2.33 -3.19
CA LEU A 50 -4.61 -2.11 -3.26
C LEU A 50 -4.21 -1.52 -4.61
N GLN A 51 -3.29 -0.57 -4.58
CA GLN A 51 -2.82 0.08 -5.81
C GLN A 51 -1.30 0.22 -5.81
N TYR A 52 -0.65 -0.49 -6.71
CA TYR A 52 0.81 -0.45 -6.82
C TYR A 52 1.25 -0.18 -8.25
N THR A 53 2.39 0.48 -8.39
CA THR A 53 2.93 0.81 -9.71
C THR A 53 4.44 0.97 -9.67
N ILE A 54 5.12 0.49 -10.71
CA ILE A 54 6.57 0.59 -10.78
C ILE A 54 7.02 2.04 -10.77
N PHE A 55 7.77 2.42 -9.75
CA PHE A 55 8.28 3.78 -9.62
C PHE A 55 9.71 3.89 -10.15
N THR A 56 9.87 4.62 -11.25
CA THR A 56 11.18 4.81 -11.86
C THR A 56 11.57 6.27 -11.92
N GLY A 57 12.75 6.55 -12.46
CA GLY A 57 13.21 7.93 -12.56
C GLY A 57 12.63 8.65 -13.77
N GLN A 58 11.34 8.46 -14.01
CA GLN A 58 10.67 9.09 -15.14
C GLN A 58 10.70 10.60 -15.02
N ALA A 59 10.21 11.29 -16.04
CA ALA A 59 10.18 12.75 -16.05
C ALA A 59 9.80 13.28 -14.67
N ASN A 60 8.72 12.75 -14.11
CA ASN A 60 8.25 13.18 -12.80
C ASN A 60 7.12 12.29 -12.30
N PHE A 61 6.94 12.25 -10.98
CA PHE A 61 5.89 11.43 -10.39
C PHE A 61 4.51 11.91 -10.81
N ILE A 62 4.31 13.23 -10.77
CA ILE A 62 3.03 13.82 -11.16
C ILE A 62 2.57 13.28 -12.51
N SER A 63 3.43 13.37 -13.51
CA SER A 63 3.10 12.89 -14.84
C SER A 63 2.47 11.50 -14.79
N LEU A 64 3.12 10.59 -14.08
CA LEU A 64 2.62 9.22 -13.94
C LEU A 64 1.29 9.20 -13.19
N TYR A 65 1.35 9.58 -11.91
CA TYR A 65 0.15 9.61 -11.08
C TYR A 65 -1.01 10.28 -11.80
N ASN A 66 -0.67 11.14 -12.77
CA ASN A 66 -1.68 11.86 -13.53
C ASN A 66 -2.60 10.89 -14.27
N SER A 67 -2.00 9.91 -14.93
CA SER A 67 -2.77 8.91 -15.67
C SER A 67 -2.84 7.59 -14.91
N VAL A 68 -3.67 7.56 -13.87
CA VAL A 68 -3.83 6.37 -13.05
C VAL A 68 -4.69 5.33 -13.77
N ASP A 69 -4.45 5.15 -15.06
CA ASP A 69 -5.21 4.19 -15.85
C ASP A 69 -4.46 2.85 -15.93
N SER A 70 -3.14 2.91 -15.95
CA SER A 70 -2.32 1.71 -16.03
C SER A 70 -2.16 1.07 -14.66
N TRP A 71 -2.07 1.90 -13.63
CA TRP A 71 -1.92 1.42 -12.27
C TRP A 71 -2.64 0.09 -12.07
N MET A 72 -2.08 -0.77 -11.23
CA MET A 72 -2.68 -2.07 -10.95
C MET A 72 -3.59 -2.01 -9.74
N ILE A 73 -4.62 -2.87 -9.72
CA ILE A 73 -5.56 -2.90 -8.61
C ILE A 73 -5.97 -4.33 -8.29
N VAL A 74 -6.15 -4.62 -7.00
CA VAL A 74 -6.56 -5.96 -6.57
C VAL A 74 -7.69 -5.89 -5.55
N PRO A 75 -8.93 -5.98 -6.03
CA PRO A 75 -10.12 -5.93 -5.18
C PRO A 75 -10.26 -7.17 -4.31
N ASN A 76 -11.31 -7.21 -3.51
CA ASN A 76 -11.57 -8.35 -2.63
C ASN A 76 -10.47 -8.47 -1.58
N ILE A 77 -10.16 -7.36 -0.92
CA ILE A 77 -9.13 -7.35 0.12
C ILE A 77 -9.74 -7.17 1.49
N LYS A 78 -9.84 -8.26 2.24
CA LYS A 78 -10.40 -8.23 3.59
C LYS A 78 -9.33 -8.53 4.63
N GLN A 79 -8.16 -7.91 4.46
CA GLN A 79 -7.06 -8.11 5.39
C GLN A 79 -6.30 -6.80 5.64
N ASN A 80 -5.40 -6.81 6.61
CA ASN A 80 -4.62 -5.63 6.94
C ASN A 80 -3.25 -5.67 6.27
N HIS A 81 -3.08 -6.63 5.35
CA HIS A 81 -1.82 -6.78 4.64
C HIS A 81 -1.98 -7.73 3.45
N TYR A 82 -1.54 -7.28 2.27
CA TYR A 82 -1.64 -8.08 1.06
C TYR A 82 -0.27 -8.28 0.43
N THR A 83 0.05 -9.53 0.09
CA THR A 83 1.33 -9.86 -0.53
C THR A 83 1.24 -9.79 -2.05
N VAL A 84 1.84 -8.75 -2.62
CA VAL A 84 1.83 -8.58 -4.07
C VAL A 84 2.85 -9.49 -4.74
N HIS A 85 2.38 -10.34 -5.64
CA HIS A 85 3.24 -11.26 -6.36
C HIS A 85 3.43 -10.83 -7.81
N GLY A 86 4.62 -11.08 -8.35
CA GLY A 86 4.91 -10.70 -9.72
C GLY A 86 5.52 -9.31 -9.83
N LEU A 87 6.54 -9.06 -9.02
CA LEU A 87 7.21 -7.76 -9.03
C LEU A 87 8.62 -7.88 -9.59
N GLN A 88 9.31 -6.75 -9.70
CA GLN A 88 10.67 -6.73 -10.22
C GLN A 88 11.68 -6.54 -9.09
N SER A 89 12.76 -7.32 -9.13
CA SER A 89 13.81 -7.25 -8.12
C SER A 89 14.63 -5.98 -8.28
N GLY A 90 15.03 -5.39 -7.17
CA GLY A 90 15.83 -4.17 -7.21
C GLY A 90 15.12 -3.04 -7.93
N THR A 91 13.87 -2.80 -7.56
CA THR A 91 13.09 -1.74 -8.18
C THR A 91 12.12 -1.11 -7.17
N ARG A 92 11.95 0.21 -7.27
CA ARG A 92 11.07 0.92 -6.37
C ARG A 92 9.60 0.65 -6.72
N TYR A 93 8.78 0.49 -5.68
CA TYR A 93 7.36 0.20 -5.87
C TYR A 93 6.51 1.05 -4.92
N ILE A 94 5.64 1.86 -5.48
CA ILE A 94 4.76 2.71 -4.69
C ILE A 94 3.40 2.05 -4.46
N PHE A 95 2.99 2.00 -3.19
CA PHE A 95 1.71 1.40 -2.84
C PHE A 95 0.76 2.44 -2.25
N ILE A 96 -0.52 2.34 -2.60
CA ILE A 96 -1.52 3.26 -2.11
C ILE A 96 -2.81 2.54 -1.75
N VAL A 97 -3.08 2.41 -0.45
CA VAL A 97 -4.28 1.73 0.02
C VAL A 97 -5.47 2.68 0.02
N LYS A 98 -6.60 2.20 -0.48
CA LYS A 98 -7.82 3.00 -0.54
C LYS A 98 -8.97 2.31 0.18
N ALA A 99 -9.63 3.03 1.08
CA ALA A 99 -10.75 2.49 1.85
C ALA A 99 -12.08 2.91 1.25
N ILE A 100 -12.79 1.95 0.66
CA ILE A 100 -14.08 2.23 0.04
C ILE A 100 -15.22 1.81 0.96
N ASN A 101 -16.31 2.57 0.93
CA ASN A 101 -17.48 2.28 1.75
C ASN A 101 -18.75 2.84 1.13
N GLN A 102 -19.88 2.62 1.79
CA GLN A 102 -21.16 3.11 1.30
C GLN A 102 -21.10 4.61 1.02
N ALA A 103 -20.33 5.33 1.84
CA ALA A 103 -20.20 6.77 1.68
C ALA A 103 -19.37 7.11 0.45
N GLY A 104 -18.14 6.60 0.40
CA GLY A 104 -17.27 6.86 -0.73
C GLY A 104 -15.94 6.15 -0.61
N SER A 105 -14.85 6.88 -0.81
CA SER A 105 -13.52 6.30 -0.73
C SER A 105 -12.49 7.36 -0.37
N ARG A 106 -11.41 6.93 0.28
CA ARG A 106 -10.35 7.85 0.69
C ARG A 106 -8.97 7.26 0.38
N ASN A 107 -8.29 7.84 -0.59
CA ASN A 107 -6.96 7.38 -0.98
C ASN A 107 -5.89 7.92 -0.04
N SER A 108 -4.99 7.04 0.39
CA SER A 108 -3.92 7.44 1.30
C SER A 108 -2.70 7.93 0.51
N GLU A 109 -1.67 8.34 1.25
CA GLU A 109 -0.44 8.84 0.62
C GLU A 109 0.36 7.70 0.00
N PRO A 110 1.10 8.01 -1.08
CA PRO A 110 1.90 7.02 -1.79
C PRO A 110 3.12 6.57 -0.98
N THR A 111 3.33 5.26 -0.93
CA THR A 111 4.45 4.70 -0.18
C THR A 111 5.38 3.91 -1.09
N ARG A 112 6.57 4.43 -1.32
CA ARG A 112 7.55 3.78 -2.18
C ARG A 112 8.41 2.81 -1.37
N LEU A 113 8.67 1.64 -1.94
CA LEU A 113 9.48 0.63 -1.28
C LEU A 113 10.52 0.04 -2.23
N LYS A 114 11.60 -0.48 -1.68
CA LYS A 114 12.67 -1.07 -2.48
C LYS A 114 12.78 -2.57 -2.20
N THR A 115 12.69 -3.36 -3.27
CA THR A 115 12.78 -4.81 -3.15
C THR A 115 14.23 -5.26 -3.02
N ASN A 116 14.42 -6.50 -2.55
CA ASN A 116 15.75 -7.05 -2.38
C ASN A 116 16.43 -7.26 -3.73
N SER A 117 17.63 -6.71 -3.89
CA SER A 117 18.37 -6.84 -5.14
C SER A 117 18.09 -8.18 -5.80
N GLN A 118 18.62 -9.25 -5.21
CA GLN A 118 18.43 -10.59 -5.73
C GLN A 118 18.08 -11.58 -4.62
N PRO A 119 17.15 -12.50 -4.91
CA PRO A 119 16.70 -13.50 -3.95
C PRO A 119 17.78 -14.54 -3.65
N PHE A 120 18.93 -14.40 -4.31
CA PHE A 120 20.04 -15.32 -4.12
C PHE A 120 20.55 -15.27 -2.68
N LYS A 121 20.76 -16.44 -2.09
CA LYS A 121 21.25 -16.52 -0.72
C LYS A 121 22.69 -16.01 -0.62
N SER A 122 22.89 -14.94 0.14
CA SER A 122 24.21 -14.36 0.31
C SER A 122 24.38 -13.80 1.72
N GLY A 123 25.56 -14.03 2.31
CA GLY A 123 25.82 -13.56 3.65
C GLY A 123 25.16 -12.21 3.93
N PRO A 124 24.75 -11.99 5.19
CA PRO A 124 24.09 -10.76 5.62
C PRO A 124 25.04 -9.57 5.61
N SER A 125 24.61 -8.46 5.01
CA SER A 125 25.43 -7.26 4.93
C SER A 125 24.58 -6.05 4.55
N SER A 126 25.09 -4.86 4.83
CA SER A 126 24.38 -3.62 4.52
C SER A 126 24.74 -3.13 3.12
N GLY A 127 26.03 -3.09 2.83
CA GLY A 127 26.48 -2.64 1.52
C GLY A 127 27.90 -3.09 1.21
N GLY A 1 5.65 1.92 26.02
CA GLY A 1 5.22 3.11 26.74
C GLY A 1 3.87 3.62 26.26
N SER A 2 3.76 4.94 26.12
CA SER A 2 2.51 5.56 25.68
C SER A 2 2.75 6.44 24.46
N SER A 3 2.33 5.96 23.29
CA SER A 3 2.51 6.70 22.05
C SER A 3 1.28 7.57 21.76
N GLY A 4 0.76 8.20 22.80
CA GLY A 4 -0.41 9.05 22.64
C GLY A 4 -1.55 8.34 21.93
N SER A 5 -2.48 9.11 21.38
CA SER A 5 -3.62 8.55 20.68
C SER A 5 -4.39 9.63 19.94
N SER A 6 -5.03 9.25 18.82
CA SER A 6 -5.79 10.19 18.02
C SER A 6 -6.54 9.48 16.90
N GLY A 7 -7.86 9.56 16.92
CA GLY A 7 -8.66 8.92 15.91
C GLY A 7 -9.57 7.84 16.47
N GLU A 8 -10.23 8.15 17.59
CA GLU A 8 -11.13 7.21 18.23
C GLU A 8 -12.42 7.89 18.67
N GLY A 9 -13.55 7.39 18.17
CA GLY A 9 -14.84 7.97 18.51
C GLY A 9 -15.31 8.97 17.48
N LEU A 10 -15.88 8.48 16.38
CA LEU A 10 -16.38 9.35 15.32
C LEU A 10 -17.73 8.85 14.80
N ASP A 11 -18.76 9.67 14.98
CA ASP A 11 -20.10 9.32 14.52
C ASP A 11 -20.24 9.55 13.02
N TYR A 12 -19.62 10.62 12.53
CA TYR A 12 -19.69 10.95 11.11
C TYR A 12 -19.31 9.73 10.25
N LEU A 13 -20.00 9.59 9.12
CA LEU A 13 -19.74 8.48 8.22
C LEU A 13 -19.64 8.97 6.77
N THR A 14 -19.70 10.28 6.58
CA THR A 14 -19.61 10.88 5.26
C THR A 14 -18.72 10.05 4.35
N ALA A 15 -17.49 9.81 4.79
CA ALA A 15 -16.53 9.04 4.01
C ALA A 15 -15.65 8.19 4.92
N PRO A 16 -15.02 7.16 4.33
CA PRO A 16 -14.13 6.25 5.07
C PRO A 16 -12.84 6.93 5.50
N ASN A 17 -12.37 6.61 6.70
CA ASN A 17 -11.14 7.18 7.23
C ASN A 17 -9.93 6.66 6.47
N PRO A 18 -8.96 7.55 6.21
CA PRO A 18 -7.74 7.21 5.49
C PRO A 18 -6.82 6.31 6.31
N PRO A 19 -6.43 5.16 5.75
CA PRO A 19 -5.56 4.20 6.41
C PRO A 19 -4.12 4.72 6.55
N SER A 20 -3.29 3.95 7.23
CA SER A 20 -1.89 4.34 7.44
C SER A 20 -0.94 3.23 6.99
N ILE A 21 -0.20 3.49 5.92
CA ILE A 21 0.74 2.51 5.39
C ILE A 21 2.01 2.45 6.24
N ARG A 22 2.08 1.47 7.13
CA ARG A 22 3.24 1.31 8.00
C ARG A 22 4.44 0.82 7.21
N GLU A 23 5.55 1.55 7.32
CA GLU A 23 6.77 1.18 6.61
C GLU A 23 7.62 0.23 7.44
N GLU A 24 7.52 0.35 8.76
CA GLU A 24 8.28 -0.50 9.67
C GLU A 24 7.72 -1.92 9.67
N LEU A 25 6.44 -2.04 9.31
CA LEU A 25 5.80 -3.35 9.28
C LEU A 25 5.84 -3.95 7.88
N CYS A 26 5.87 -3.08 6.88
CA CYS A 26 5.93 -3.52 5.48
C CYS A 26 7.28 -4.14 5.16
N THR A 27 7.27 -5.23 4.39
CA THR A 27 8.50 -5.91 4.01
C THR A 27 8.63 -6.01 2.49
N ALA A 28 9.86 -6.20 2.02
CA ALA A 28 10.12 -6.32 0.59
C ALA A 28 10.87 -7.60 0.27
N SER A 29 10.58 -8.16 -0.90
CA SER A 29 11.23 -9.40 -1.33
C SER A 29 11.61 -9.34 -2.81
N HIS A 30 12.43 -10.29 -3.24
CA HIS A 30 12.88 -10.35 -4.63
C HIS A 30 11.78 -9.85 -5.56
N ASP A 31 10.77 -10.69 -5.80
CA ASP A 31 9.67 -10.33 -6.67
C ASP A 31 8.35 -10.31 -5.90
N THR A 32 8.43 -10.00 -4.60
CA THR A 32 7.25 -9.94 -3.75
C THR A 32 7.40 -8.89 -2.68
N ILE A 33 6.28 -8.37 -2.19
CA ILE A 33 6.28 -7.35 -1.15
C ILE A 33 5.00 -7.40 -0.32
N THR A 34 5.15 -7.26 1.00
CA THR A 34 4.01 -7.30 1.91
C THR A 34 3.81 -5.94 2.58
N VAL A 35 2.74 -5.24 2.19
CA VAL A 35 2.44 -3.94 2.76
C VAL A 35 1.44 -4.05 3.91
N HIS A 36 1.79 -3.45 5.04
CA HIS A 36 0.92 -3.49 6.21
C HIS A 36 0.27 -2.12 6.45
N TRP A 37 -1.06 -2.10 6.43
CA TRP A 37 -1.80 -0.86 6.65
C TRP A 37 -2.57 -0.91 7.95
N ILE A 38 -2.53 0.19 8.71
CA ILE A 38 -3.24 0.27 9.98
C ILE A 38 -4.33 1.32 9.94
N SER A 39 -5.48 1.01 10.52
CA SER A 39 -6.61 1.93 10.55
C SER A 39 -7.25 1.97 11.94
N ASP A 40 -7.93 3.06 12.24
CA ASP A 40 -8.60 3.21 13.53
C ASP A 40 -9.81 2.30 13.64
N ASP A 41 -10.42 2.00 12.49
CA ASP A 41 -11.59 1.13 12.45
C ASP A 41 -11.86 0.64 11.03
N GLU A 42 -11.79 -0.67 10.83
CA GLU A 42 -12.02 -1.27 9.52
C GLU A 42 -13.28 -2.13 9.53
N PHE A 43 -14.17 -1.86 10.48
CA PHE A 43 -15.41 -2.62 10.60
C PHE A 43 -16.41 -2.19 9.55
N SER A 44 -16.51 -0.88 9.32
CA SER A 44 -17.43 -0.34 8.34
C SER A 44 -16.95 -0.62 6.92
N ILE A 45 -15.64 -0.45 6.70
CA ILE A 45 -15.06 -0.70 5.39
C ILE A 45 -15.41 -2.10 4.88
N SER A 46 -16.15 -2.15 3.78
CA SER A 46 -16.55 -3.43 3.19
C SER A 46 -15.34 -4.18 2.65
N SER A 47 -14.45 -3.46 1.97
CA SER A 47 -13.26 -4.05 1.39
C SER A 47 -12.21 -2.99 1.09
N TYR A 48 -10.94 -3.41 1.06
CA TYR A 48 -9.85 -2.49 0.80
C TYR A 48 -9.36 -2.62 -0.64
N GLU A 49 -8.74 -1.56 -1.15
CA GLU A 49 -8.23 -1.56 -2.52
C GLU A 49 -6.73 -1.27 -2.54
N LEU A 50 -5.97 -2.20 -3.10
CA LEU A 50 -4.51 -2.07 -3.19
C LEU A 50 -4.11 -1.44 -4.51
N GLN A 51 -3.46 -0.29 -4.45
CA GLN A 51 -3.02 0.41 -5.65
C GLN A 51 -1.49 0.54 -5.67
N TYR A 52 -0.86 -0.14 -6.63
CA TYR A 52 0.59 -0.10 -6.76
C TYR A 52 1.00 0.10 -8.21
N THR A 53 2.23 0.57 -8.41
CA THR A 53 2.75 0.82 -9.75
C THR A 53 4.26 0.96 -9.74
N ILE A 54 4.90 0.52 -10.82
CA ILE A 54 6.35 0.59 -10.94
C ILE A 54 6.81 2.03 -11.10
N PHE A 55 7.65 2.48 -10.17
CA PHE A 55 8.17 3.85 -10.21
C PHE A 55 9.61 3.87 -10.71
N THR A 56 9.81 4.45 -11.89
CA THR A 56 11.14 4.54 -12.49
C THR A 56 11.56 5.99 -12.69
N GLY A 57 12.71 6.18 -13.32
CA GLY A 57 13.21 7.52 -13.56
C GLY A 57 12.27 8.33 -14.44
N GLN A 58 11.46 9.17 -13.81
CA GLN A 58 10.51 10.01 -14.55
C GLN A 58 10.79 11.48 -14.30
N ALA A 59 10.51 12.31 -15.30
CA ALA A 59 10.72 13.75 -15.19
C ALA A 59 10.07 14.30 -13.92
N ASN A 60 8.82 13.91 -13.69
CA ASN A 60 8.08 14.37 -12.51
C ASN A 60 7.05 13.33 -12.08
N PHE A 61 7.00 13.07 -10.77
CA PHE A 61 6.06 12.10 -10.23
C PHE A 61 4.67 12.28 -10.85
N ILE A 62 4.26 13.53 -11.00
CA ILE A 62 2.95 13.84 -11.57
C ILE A 62 2.74 13.07 -12.88
N SER A 63 3.64 13.28 -13.83
CA SER A 63 3.55 12.62 -15.13
C SER A 63 3.01 11.20 -14.98
N LEU A 64 3.66 10.41 -14.13
CA LEU A 64 3.24 9.04 -13.89
C LEU A 64 1.89 8.99 -13.19
N TYR A 65 1.81 9.62 -12.02
CA TYR A 65 0.58 9.65 -11.25
C TYR A 65 -0.57 10.20 -12.08
N ASN A 66 -0.24 10.85 -13.19
CA ASN A 66 -1.24 11.42 -14.08
C ASN A 66 -2.14 10.33 -14.66
N SER A 67 -1.53 9.24 -15.09
CA SER A 67 -2.26 8.12 -15.67
C SER A 67 -2.45 7.00 -14.65
N VAL A 68 -3.15 7.30 -13.57
CA VAL A 68 -3.39 6.31 -12.52
C VAL A 68 -4.17 5.12 -13.05
N ASP A 69 -5.04 5.38 -14.03
CA ASP A 69 -5.84 4.32 -14.64
C ASP A 69 -4.98 3.09 -14.94
N SER A 70 -3.68 3.30 -15.04
CA SER A 70 -2.75 2.20 -15.32
C SER A 70 -2.41 1.44 -14.05
N TRP A 71 -2.29 2.17 -12.95
CA TRP A 71 -1.96 1.56 -11.66
C TRP A 71 -2.67 0.22 -11.50
N MET A 72 -2.05 -0.68 -10.74
CA MET A 72 -2.62 -2.00 -10.51
C MET A 72 -3.56 -1.98 -9.31
N ILE A 73 -4.78 -2.46 -9.51
CA ILE A 73 -5.78 -2.49 -8.44
C ILE A 73 -6.22 -3.93 -8.14
N VAL A 74 -6.39 -4.23 -6.86
CA VAL A 74 -6.81 -5.56 -6.44
C VAL A 74 -7.90 -5.48 -5.39
N PRO A 75 -9.16 -5.45 -5.84
CA PRO A 75 -10.33 -5.38 -4.95
C PRO A 75 -10.53 -6.67 -4.16
N ASN A 76 -11.62 -6.73 -3.40
CA ASN A 76 -11.93 -7.91 -2.60
C ASN A 76 -10.86 -8.14 -1.54
N ILE A 77 -10.48 -7.08 -0.84
CA ILE A 77 -9.47 -7.18 0.20
C ILE A 77 -10.08 -7.00 1.59
N LYS A 78 -9.85 -7.97 2.46
CA LYS A 78 -10.37 -7.93 3.82
C LYS A 78 -9.29 -8.33 4.83
N GLN A 79 -8.08 -7.84 4.61
CA GLN A 79 -6.96 -8.15 5.51
C GLN A 79 -6.17 -6.88 5.84
N ASN A 80 -5.12 -7.05 6.63
CA ASN A 80 -4.27 -5.92 7.03
C ASN A 80 -2.91 -6.02 6.35
N HIS A 81 -2.82 -6.87 5.34
CA HIS A 81 -1.57 -7.04 4.61
C HIS A 81 -1.77 -7.94 3.38
N TYR A 82 -1.47 -7.40 2.21
CA TYR A 82 -1.63 -8.15 0.96
C TYR A 82 -0.28 -8.36 0.29
N THR A 83 0.10 -9.64 0.16
CA THR A 83 1.38 -9.99 -0.47
C THR A 83 1.27 -9.91 -2.00
N VAL A 84 1.95 -8.94 -2.58
CA VAL A 84 1.94 -8.76 -4.03
C VAL A 84 2.99 -9.65 -4.70
N HIS A 85 2.55 -10.48 -5.63
CA HIS A 85 3.45 -11.38 -6.34
C HIS A 85 3.62 -10.94 -7.80
N GLY A 86 4.82 -11.11 -8.32
CA GLY A 86 5.10 -10.72 -9.70
C GLY A 86 5.70 -9.33 -9.79
N LEU A 87 6.68 -9.04 -8.94
CA LEU A 87 7.34 -7.74 -8.93
C LEU A 87 8.73 -7.83 -9.54
N GLN A 88 9.42 -6.69 -9.59
CA GLN A 88 10.77 -6.64 -10.15
C GLN A 88 11.80 -6.46 -9.04
N SER A 89 13.03 -6.84 -9.33
CA SER A 89 14.12 -6.72 -8.36
C SER A 89 14.81 -5.36 -8.48
N GLY A 90 15.33 -4.87 -7.35
CA GLY A 90 16.00 -3.58 -7.35
C GLY A 90 15.22 -2.51 -8.10
N THR A 91 13.92 -2.44 -7.85
CA THR A 91 13.07 -1.47 -8.50
C THR A 91 12.11 -0.81 -7.51
N ARG A 92 11.88 0.49 -7.68
CA ARG A 92 11.00 1.23 -6.80
C ARG A 92 9.54 0.85 -7.05
N TYR A 93 8.79 0.67 -5.97
CA TYR A 93 7.39 0.29 -6.07
C TYR A 93 6.54 1.09 -5.09
N ILE A 94 5.66 1.93 -5.62
CA ILE A 94 4.79 2.75 -4.80
C ILE A 94 3.46 2.05 -4.51
N PHE A 95 3.02 2.11 -3.26
CA PHE A 95 1.77 1.49 -2.87
C PHE A 95 0.82 2.50 -2.24
N ILE A 96 -0.47 2.34 -2.51
CA ILE A 96 -1.48 3.25 -1.97
C ILE A 96 -2.78 2.51 -1.67
N VAL A 97 -3.08 2.36 -0.39
CA VAL A 97 -4.30 1.68 0.03
C VAL A 97 -5.51 2.61 0.00
N LYS A 98 -6.62 2.11 -0.53
CA LYS A 98 -7.84 2.90 -0.62
C LYS A 98 -9.01 2.19 0.05
N ALA A 99 -9.52 2.77 1.13
CA ALA A 99 -10.64 2.19 1.85
C ALA A 99 -11.96 2.53 1.20
N ILE A 100 -12.81 1.53 0.99
CA ILE A 100 -14.11 1.74 0.36
C ILE A 100 -15.24 1.22 1.25
N ASN A 101 -16.33 1.96 1.30
CA ASN A 101 -17.48 1.57 2.11
C ASN A 101 -18.78 2.14 1.54
N GLN A 102 -19.89 1.85 2.21
CA GLN A 102 -21.19 2.33 1.76
C GLN A 102 -21.16 3.85 1.55
N ALA A 103 -20.39 4.54 2.38
CA ALA A 103 -20.27 6.00 2.29
C ALA A 103 -19.54 6.41 1.01
N GLY A 104 -18.24 6.16 0.97
CA GLY A 104 -17.45 6.52 -0.19
C GLY A 104 -16.13 5.78 -0.24
N SER A 105 -15.07 6.48 -0.62
CA SER A 105 -13.74 5.89 -0.71
C SER A 105 -12.66 6.92 -0.43
N ARG A 106 -11.61 6.50 0.27
CA ARG A 106 -10.51 7.40 0.60
C ARG A 106 -9.18 6.83 0.09
N ASN A 107 -8.27 7.72 -0.27
CA ASN A 107 -6.97 7.32 -0.78
C ASN A 107 -5.85 7.76 0.17
N SER A 108 -4.98 6.82 0.54
CA SER A 108 -3.89 7.10 1.44
C SER A 108 -2.68 7.64 0.68
N GLU A 109 -1.71 8.17 1.42
CA GLU A 109 -0.50 8.72 0.81
C GLU A 109 0.35 7.63 0.19
N PRO A 110 1.08 7.97 -0.88
CA PRO A 110 1.95 7.03 -1.60
C PRO A 110 3.17 6.63 -0.77
N THR A 111 3.36 5.32 -0.61
CA THR A 111 4.49 4.81 0.15
C THR A 111 5.53 4.18 -0.76
N ARG A 112 6.69 4.83 -0.88
CA ARG A 112 7.77 4.33 -1.72
C ARG A 112 8.46 3.14 -1.07
N LEU A 113 8.45 2.00 -1.76
CA LEU A 113 9.08 0.79 -1.24
C LEU A 113 10.02 0.19 -2.27
N LYS A 114 10.93 -0.67 -1.81
CA LYS A 114 11.89 -1.31 -2.69
C LYS A 114 12.12 -2.77 -2.29
N THR A 115 12.40 -3.62 -3.27
CA THR A 115 12.64 -5.03 -3.00
C THR A 115 14.05 -5.27 -2.46
N ASN A 116 14.36 -6.52 -2.14
CA ASN A 116 15.67 -6.87 -1.61
C ASN A 116 16.67 -7.12 -2.74
N SER A 117 16.51 -8.24 -3.42
CA SER A 117 17.39 -8.60 -4.53
C SER A 117 16.88 -9.82 -5.28
N GLN A 118 17.34 -10.00 -6.51
CA GLN A 118 16.92 -11.14 -7.32
C GLN A 118 17.58 -12.42 -6.85
N PRO A 119 16.80 -13.50 -6.77
CA PRO A 119 17.29 -14.81 -6.34
C PRO A 119 18.23 -15.45 -7.36
N PHE A 120 18.41 -14.77 -8.49
CA PHE A 120 19.28 -15.28 -9.55
C PHE A 120 20.74 -15.32 -9.07
N LYS A 121 21.52 -16.20 -9.68
CA LYS A 121 22.93 -16.34 -9.33
C LYS A 121 23.82 -15.71 -10.39
N SER A 122 24.77 -14.88 -9.94
CA SER A 122 25.68 -14.21 -10.85
C SER A 122 26.87 -13.64 -10.09
N GLY A 123 28.00 -13.46 -10.79
CA GLY A 123 29.19 -12.93 -10.17
C GLY A 123 30.33 -13.93 -10.13
N PRO A 124 31.10 -13.92 -9.05
CA PRO A 124 32.24 -14.83 -8.86
C PRO A 124 31.80 -16.27 -8.66
N SER A 125 32.45 -17.19 -9.36
CA SER A 125 32.13 -18.61 -9.26
C SER A 125 31.84 -19.00 -7.80
N SER A 126 32.82 -18.77 -6.94
CA SER A 126 32.68 -19.09 -5.52
C SER A 126 31.62 -18.22 -4.87
N GLY A 127 30.39 -18.73 -4.81
CA GLY A 127 29.31 -17.98 -4.21
C GLY A 127 27.95 -18.37 -4.76
N GLY A 1 6.80 11.66 25.47
CA GLY A 1 6.95 12.34 24.20
C GLY A 1 5.76 12.15 23.29
N SER A 2 4.57 12.49 23.78
CA SER A 2 3.35 12.34 23.00
C SER A 2 3.15 13.54 22.07
N SER A 3 3.30 14.74 22.62
CA SER A 3 3.14 15.97 21.85
C SER A 3 1.96 15.84 20.88
N GLY A 4 0.87 15.26 21.37
CA GLY A 4 -0.31 15.09 20.54
C GLY A 4 -1.00 13.76 20.77
N SER A 5 -1.70 13.65 21.89
CA SER A 5 -2.41 12.41 22.23
C SER A 5 -3.88 12.68 22.51
N SER A 6 -4.50 13.52 21.67
CA SER A 6 -5.91 13.87 21.82
C SER A 6 -6.73 13.29 20.67
N GLY A 7 -7.96 12.87 20.99
CA GLY A 7 -8.83 12.31 19.99
C GLY A 7 -10.26 12.76 20.14
N GLU A 8 -10.50 14.05 19.94
CA GLU A 8 -11.84 14.61 20.07
C GLU A 8 -12.87 13.74 19.33
N GLY A 9 -14.14 14.06 19.52
CA GLY A 9 -15.20 13.30 18.88
C GLY A 9 -15.60 13.89 17.54
N LEU A 10 -15.56 13.07 16.50
CA LEU A 10 -15.94 13.51 15.16
C LEU A 10 -17.27 12.91 14.72
N ASP A 11 -17.38 11.60 14.82
CA ASP A 11 -18.61 10.90 14.46
C ASP A 11 -18.97 11.17 12.99
N TYR A 12 -17.94 11.48 12.19
CA TYR A 12 -18.15 11.76 10.77
C TYR A 12 -17.93 10.51 9.93
N LEU A 13 -18.82 10.25 8.99
CA LEU A 13 -18.73 9.09 8.12
C LEU A 13 -18.79 9.51 6.65
N THR A 14 -19.07 10.78 6.42
CA THR A 14 -19.17 11.30 5.06
C THR A 14 -18.13 10.64 4.15
N ALA A 15 -17.01 10.25 4.72
CA ALA A 15 -15.95 9.60 3.96
C ALA A 15 -15.19 8.59 4.81
N PRO A 16 -14.65 7.55 4.17
CA PRO A 16 -13.89 6.50 4.86
C PRO A 16 -12.56 7.00 5.39
N ASN A 17 -12.31 6.77 6.67
CA ASN A 17 -11.07 7.20 7.30
C ASN A 17 -9.86 6.70 6.51
N PRO A 18 -8.91 7.60 6.25
CA PRO A 18 -7.68 7.27 5.51
C PRO A 18 -6.75 6.36 6.30
N PRO A 19 -6.37 5.23 5.69
CA PRO A 19 -5.47 4.26 6.32
C PRO A 19 -4.05 4.78 6.45
N SER A 20 -3.25 4.10 7.27
CA SER A 20 -1.86 4.50 7.49
C SER A 20 -0.91 3.36 7.17
N ILE A 21 -0.16 3.50 6.07
CA ILE A 21 0.79 2.49 5.66
C ILE A 21 2.00 2.45 6.59
N ARG A 22 2.21 1.30 7.22
CA ARG A 22 3.34 1.13 8.13
C ARG A 22 4.56 0.59 7.41
N GLU A 23 5.56 1.44 7.22
CA GLU A 23 6.79 1.06 6.53
C GLU A 23 7.62 0.13 7.40
N GLU A 24 7.59 0.34 8.71
CA GLU A 24 8.34 -0.47 9.65
C GLU A 24 7.85 -1.92 9.63
N LEU A 25 6.55 -2.09 9.38
CA LEU A 25 5.95 -3.42 9.33
C LEU A 25 6.03 -4.00 7.92
N CYS A 26 6.08 -3.13 6.93
CA CYS A 26 6.17 -3.56 5.53
C CYS A 26 7.38 -4.44 5.32
N THR A 27 7.38 -5.18 4.20
CA THR A 27 8.47 -6.08 3.88
C THR A 27 8.69 -6.16 2.37
N ALA A 28 9.94 -6.23 1.95
CA ALA A 28 10.28 -6.32 0.53
C ALA A 28 10.97 -7.63 0.21
N SER A 29 10.62 -8.23 -0.92
CA SER A 29 11.20 -9.50 -1.34
C SER A 29 11.65 -9.43 -2.79
N HIS A 30 12.51 -10.36 -3.19
CA HIS A 30 13.01 -10.41 -4.55
C HIS A 30 11.95 -9.96 -5.55
N ASP A 31 10.89 -10.75 -5.67
CA ASP A 31 9.79 -10.44 -6.58
C ASP A 31 8.46 -10.40 -5.84
N THR A 32 8.51 -10.04 -4.56
CA THR A 32 7.30 -9.98 -3.74
C THR A 32 7.41 -8.87 -2.70
N ILE A 33 6.27 -8.29 -2.34
CA ILE A 33 6.23 -7.23 -1.35
C ILE A 33 4.91 -7.24 -0.58
N THR A 34 5.01 -7.13 0.74
CA THR A 34 3.83 -7.12 1.60
C THR A 34 3.68 -5.79 2.32
N VAL A 35 2.57 -5.10 2.07
CA VAL A 35 2.32 -3.81 2.69
C VAL A 35 1.32 -3.96 3.84
N HIS A 36 1.64 -3.33 4.97
CA HIS A 36 0.77 -3.39 6.15
C HIS A 36 0.16 -2.02 6.44
N TRP A 37 -1.16 -1.98 6.47
CA TRP A 37 -1.87 -0.73 6.73
C TRP A 37 -2.61 -0.78 8.07
N ILE A 38 -2.51 0.29 8.85
CA ILE A 38 -3.17 0.35 10.14
C ILE A 38 -4.38 1.27 10.10
N SER A 39 -5.51 0.78 10.63
CA SER A 39 -6.74 1.56 10.65
C SER A 39 -7.46 1.39 11.98
N ASP A 40 -8.08 2.48 12.45
CA ASP A 40 -8.81 2.45 13.71
C ASP A 40 -10.24 1.97 13.50
N ASP A 41 -10.88 2.45 12.44
CA ASP A 41 -12.25 2.07 12.13
C ASP A 41 -12.31 1.31 10.82
N GLU A 42 -12.10 -0.01 10.89
CA GLU A 42 -12.13 -0.85 9.70
C GLU A 42 -13.34 -1.77 9.72
N PHE A 43 -14.35 -1.39 10.48
CA PHE A 43 -15.57 -2.18 10.60
C PHE A 43 -16.59 -1.75 9.56
N SER A 44 -16.67 -0.45 9.30
CA SER A 44 -17.61 0.10 8.34
C SER A 44 -17.14 -0.16 6.91
N ILE A 45 -15.84 0.01 6.69
CA ILE A 45 -15.26 -0.20 5.38
C ILE A 45 -15.69 -1.54 4.79
N SER A 46 -16.49 -1.49 3.73
CA SER A 46 -16.97 -2.71 3.08
C SER A 46 -15.82 -3.56 2.60
N SER A 47 -14.81 -2.93 2.00
CA SER A 47 -13.65 -3.64 1.49
C SER A 47 -12.50 -2.67 1.22
N TYR A 48 -11.29 -3.20 1.17
CA TYR A 48 -10.11 -2.37 0.92
C TYR A 48 -9.61 -2.56 -0.51
N GLU A 49 -8.92 -1.54 -1.02
CA GLU A 49 -8.40 -1.59 -2.39
C GLU A 49 -6.89 -1.32 -2.40
N LEU A 50 -6.15 -2.17 -3.10
CA LEU A 50 -4.70 -2.03 -3.19
C LEU A 50 -4.29 -1.42 -4.52
N GLN A 51 -3.24 -0.62 -4.50
CA GLN A 51 -2.74 0.04 -5.71
C GLN A 51 -1.22 0.13 -5.69
N TYR A 52 -0.59 -0.57 -6.65
CA TYR A 52 0.87 -0.56 -6.73
C TYR A 52 1.32 -0.25 -8.16
N THR A 53 2.45 0.44 -8.28
CA THR A 53 2.99 0.80 -9.59
C THR A 53 4.50 0.94 -9.54
N ILE A 54 5.17 0.51 -10.60
CA ILE A 54 6.63 0.59 -10.67
C ILE A 54 7.09 2.04 -10.73
N PHE A 55 7.90 2.45 -9.76
CA PHE A 55 8.41 3.81 -9.70
C PHE A 55 9.82 3.88 -10.28
N THR A 56 10.01 4.80 -11.23
CA THR A 56 11.32 4.96 -11.87
C THR A 56 11.66 6.44 -12.01
N GLY A 57 12.82 6.71 -12.61
CA GLY A 57 13.26 8.08 -12.79
C GLY A 57 12.47 8.80 -13.88
N GLN A 58 11.30 9.31 -13.53
CA GLN A 58 10.46 10.02 -14.49
C GLN A 58 10.46 11.52 -14.23
N ALA A 59 10.05 12.29 -15.22
CA ALA A 59 10.01 13.74 -15.10
C ALA A 59 9.50 14.16 -13.72
N ASN A 60 8.44 13.50 -13.25
CA ASN A 60 7.87 13.80 -11.95
C ASN A 60 6.74 12.83 -11.61
N PHE A 61 6.36 12.80 -10.34
CA PHE A 61 5.29 11.91 -9.90
C PHE A 61 3.99 12.20 -10.64
N ILE A 62 3.68 13.48 -10.80
CA ILE A 62 2.46 13.89 -11.49
C ILE A 62 2.33 13.18 -12.83
N SER A 63 3.43 13.15 -13.58
CA SER A 63 3.43 12.49 -14.90
C SER A 63 2.87 11.08 -14.80
N LEU A 64 3.43 10.30 -13.88
CA LEU A 64 2.99 8.91 -13.69
C LEU A 64 1.60 8.87 -13.07
N TYR A 65 1.48 9.36 -11.84
CA TYR A 65 0.20 9.37 -11.14
C TYR A 65 -0.92 9.82 -12.06
N ASN A 66 -0.57 10.63 -13.06
CA ASN A 66 -1.56 11.13 -14.01
C ASN A 66 -2.19 9.98 -14.80
N SER A 67 -1.35 9.08 -15.28
CA SER A 67 -1.83 7.94 -16.05
C SER A 67 -2.19 6.77 -15.13
N VAL A 68 -2.90 7.08 -14.04
CA VAL A 68 -3.31 6.08 -13.08
C VAL A 68 -3.97 4.89 -13.78
N ASP A 69 -4.42 5.10 -15.01
CA ASP A 69 -5.07 4.06 -15.78
C ASP A 69 -4.17 2.82 -15.88
N SER A 70 -2.88 3.03 -15.72
CA SER A 70 -1.91 1.93 -15.80
C SER A 70 -1.74 1.26 -14.45
N TRP A 71 -1.86 2.05 -13.38
CA TRP A 71 -1.73 1.52 -12.03
C TRP A 71 -2.54 0.25 -11.85
N MET A 72 -1.97 -0.72 -11.13
CA MET A 72 -2.65 -1.98 -10.89
C MET A 72 -3.52 -1.90 -9.64
N ILE A 73 -4.65 -2.61 -9.67
CA ILE A 73 -5.58 -2.61 -8.54
C ILE A 73 -6.05 -4.03 -8.23
N VAL A 74 -6.23 -4.32 -6.94
CA VAL A 74 -6.68 -5.63 -6.51
C VAL A 74 -7.78 -5.52 -5.46
N PRO A 75 -9.05 -5.56 -5.92
CA PRO A 75 -10.21 -5.46 -5.05
C PRO A 75 -10.39 -6.71 -4.18
N ASN A 76 -11.57 -6.85 -3.59
CA ASN A 76 -11.86 -7.98 -2.73
C ASN A 76 -10.73 -8.22 -1.73
N ILE A 77 -10.37 -7.18 -1.00
CA ILE A 77 -9.31 -7.26 -0.01
C ILE A 77 -9.87 -7.23 1.41
N LYS A 78 -9.85 -8.38 2.08
CA LYS A 78 -10.35 -8.48 3.44
C LYS A 78 -9.22 -8.79 4.42
N GLN A 79 -8.09 -8.12 4.25
CA GLN A 79 -6.93 -8.33 5.11
C GLN A 79 -6.24 -7.00 5.43
N ASN A 80 -5.37 -7.02 6.43
CA ASN A 80 -4.64 -5.83 6.83
C ASN A 80 -3.29 -5.75 6.13
N HIS A 81 -3.11 -6.59 5.10
CA HIS A 81 -1.86 -6.61 4.35
C HIS A 81 -1.99 -7.53 3.14
N TYR A 82 -1.68 -6.99 1.96
CA TYR A 82 -1.75 -7.76 0.72
C TYR A 82 -0.36 -8.01 0.14
N THR A 83 -0.03 -9.28 -0.04
CA THR A 83 1.27 -9.66 -0.58
C THR A 83 1.23 -9.72 -2.11
N VAL A 84 1.84 -8.71 -2.74
CA VAL A 84 1.88 -8.66 -4.20
C VAL A 84 3.00 -9.52 -4.76
N HIS A 85 2.63 -10.46 -5.63
CA HIS A 85 3.61 -11.36 -6.24
C HIS A 85 3.81 -11.01 -7.71
N GLY A 86 5.00 -11.32 -8.22
CA GLY A 86 5.31 -11.04 -9.61
C GLY A 86 5.88 -9.64 -9.81
N LEU A 87 6.64 -9.17 -8.82
CA LEU A 87 7.25 -7.84 -8.89
C LEU A 87 8.64 -7.92 -9.51
N GLN A 88 9.32 -6.77 -9.54
CA GLN A 88 10.67 -6.70 -10.10
C GLN A 88 11.70 -6.51 -9.01
N SER A 89 12.82 -7.23 -9.11
CA SER A 89 13.89 -7.14 -8.13
C SER A 89 14.61 -5.80 -8.24
N GLY A 90 15.11 -5.31 -7.10
CA GLY A 90 15.82 -4.05 -7.09
C GLY A 90 15.09 -2.98 -7.89
N THR A 91 13.89 -2.62 -7.43
CA THR A 91 13.10 -1.60 -8.12
C THR A 91 12.13 -0.92 -7.15
N ARG A 92 11.95 0.37 -7.33
CA ARG A 92 11.05 1.15 -6.47
C ARG A 92 9.60 0.80 -6.76
N TYR A 93 8.80 0.64 -5.71
CA TYR A 93 7.40 0.30 -5.85
C TYR A 93 6.54 1.10 -4.87
N ILE A 94 5.61 1.90 -5.41
CA ILE A 94 4.73 2.71 -4.59
C ILE A 94 3.42 1.99 -4.30
N PHE A 95 3.01 1.99 -3.04
CA PHE A 95 1.78 1.34 -2.63
C PHE A 95 0.80 2.34 -2.03
N ILE A 96 -0.43 2.31 -2.49
CA ILE A 96 -1.47 3.22 -1.99
C ILE A 96 -2.75 2.46 -1.65
N VAL A 97 -3.06 2.38 -0.37
CA VAL A 97 -4.26 1.69 0.09
C VAL A 97 -5.47 2.62 0.06
N LYS A 98 -6.53 2.18 -0.60
CA LYS A 98 -7.75 2.96 -0.72
C LYS A 98 -8.93 2.23 -0.07
N ALA A 99 -9.47 2.81 1.00
CA ALA A 99 -10.60 2.20 1.70
C ALA A 99 -11.93 2.60 1.05
N ILE A 100 -12.80 1.62 0.86
CA ILE A 100 -14.10 1.86 0.24
C ILE A 100 -15.23 1.52 1.21
N ASN A 101 -16.13 2.47 1.42
CA ASN A 101 -17.27 2.26 2.32
C ASN A 101 -18.54 2.86 1.73
N GLN A 102 -19.62 2.82 2.50
CA GLN A 102 -20.90 3.36 2.05
C GLN A 102 -20.78 4.84 1.71
N ALA A 103 -19.96 5.55 2.48
CA ALA A 103 -19.76 6.98 2.26
C ALA A 103 -19.04 7.24 0.95
N GLY A 104 -17.86 6.63 0.79
CA GLY A 104 -17.09 6.81 -0.43
C GLY A 104 -15.77 6.08 -0.39
N SER A 105 -14.71 6.74 -0.86
CA SER A 105 -13.38 6.15 -0.88
C SER A 105 -12.32 7.17 -0.51
N ARG A 106 -11.32 6.73 0.26
CA ARG A 106 -10.25 7.63 0.68
C ARG A 106 -8.88 7.04 0.30
N ASN A 107 -8.08 7.84 -0.38
CA ASN A 107 -6.75 7.40 -0.81
C ASN A 107 -5.68 7.91 0.15
N SER A 108 -4.81 7.01 0.59
CA SER A 108 -3.74 7.36 1.51
C SER A 108 -2.53 7.93 0.76
N GLU A 109 -1.50 8.30 1.51
CA GLU A 109 -0.29 8.86 0.92
C GLU A 109 0.51 7.77 0.18
N PRO A 110 1.20 8.17 -0.88
CA PRO A 110 2.02 7.25 -1.69
C PRO A 110 3.25 6.77 -0.94
N THR A 111 3.35 5.46 -0.73
CA THR A 111 4.48 4.88 -0.02
C THR A 111 5.38 4.10 -0.98
N ARG A 112 6.57 4.64 -1.23
CA ARG A 112 7.53 3.99 -2.12
C ARG A 112 8.43 3.03 -1.36
N LEU A 113 8.60 1.83 -1.91
CA LEU A 113 9.44 0.82 -1.28
C LEU A 113 10.45 0.25 -2.27
N LYS A 114 11.33 -0.61 -1.78
CA LYS A 114 12.34 -1.23 -2.62
C LYS A 114 12.56 -2.69 -2.23
N THR A 115 12.72 -3.55 -3.23
CA THR A 115 12.93 -4.97 -2.99
C THR A 115 14.42 -5.29 -2.84
N ASN A 116 14.73 -6.56 -2.62
CA ASN A 116 16.11 -7.00 -2.47
C ASN A 116 16.63 -7.64 -3.76
N SER A 117 17.95 -7.79 -3.85
CA SER A 117 18.58 -8.39 -5.02
C SER A 117 17.85 -9.67 -5.43
N GLN A 118 18.27 -10.25 -6.54
CA GLN A 118 17.67 -11.49 -7.04
C GLN A 118 18.12 -12.68 -6.21
N PRO A 119 17.29 -13.74 -6.19
CA PRO A 119 17.58 -14.96 -5.44
C PRO A 119 18.72 -15.75 -6.06
N PHE A 120 19.26 -15.26 -7.16
CA PHE A 120 20.36 -15.92 -7.85
C PHE A 120 21.60 -15.98 -6.96
N LYS A 121 22.20 -17.16 -6.86
CA LYS A 121 23.39 -17.35 -6.05
C LYS A 121 24.64 -17.35 -6.91
N SER A 122 25.71 -16.76 -6.38
CA SER A 122 26.98 -16.67 -7.11
C SER A 122 28.13 -17.15 -6.23
N GLY A 123 28.57 -18.39 -6.46
CA GLY A 123 29.67 -18.93 -5.68
C GLY A 123 29.27 -19.21 -4.24
N PRO A 124 30.24 -19.67 -3.44
CA PRO A 124 30.03 -19.99 -2.02
C PRO A 124 29.80 -18.74 -1.18
N SER A 125 30.04 -17.57 -1.78
CA SER A 125 29.87 -16.31 -1.08
C SER A 125 28.46 -16.21 -0.49
N SER A 126 28.39 -15.86 0.79
CA SER A 126 27.11 -15.74 1.48
C SER A 126 27.16 -14.63 2.53
N GLY A 127 26.09 -13.85 2.62
CA GLY A 127 26.04 -12.77 3.59
C GLY A 127 26.18 -13.26 5.01
N GLY A 1 2.61 12.81 6.71
CA GLY A 1 2.25 14.22 6.66
C GLY A 1 1.00 14.53 7.47
N SER A 2 0.95 15.75 8.00
CA SER A 2 -0.19 16.17 8.82
C SER A 2 -1.32 16.69 7.93
N SER A 3 -2.51 16.12 8.11
CA SER A 3 -3.67 16.52 7.32
C SER A 3 -4.40 17.68 7.99
N GLY A 4 -4.68 17.55 9.28
CA GLY A 4 -5.36 18.59 10.02
C GLY A 4 -6.88 18.44 9.96
N SER A 5 -7.42 17.63 10.87
CA SER A 5 -8.85 17.40 10.92
C SER A 5 -9.63 18.71 10.80
N SER A 6 -10.20 18.96 9.63
CA SER A 6 -10.97 20.18 9.40
C SER A 6 -12.44 19.95 9.69
N GLY A 7 -13.01 18.91 9.09
CA GLY A 7 -14.42 18.61 9.29
C GLY A 7 -15.31 19.28 8.26
N GLU A 8 -16.36 18.58 7.84
CA GLU A 8 -17.28 19.11 6.86
C GLU A 8 -18.49 19.76 7.53
N GLY A 9 -19.02 19.08 8.56
CA GLY A 9 -20.17 19.60 9.27
C GLY A 9 -21.03 18.50 9.86
N LEU A 10 -21.20 17.41 9.11
CA LEU A 10 -22.01 16.30 9.56
C LEU A 10 -21.15 15.05 9.74
N ASP A 11 -21.33 14.36 10.86
CA ASP A 11 -20.57 13.15 11.15
C ASP A 11 -21.30 11.92 10.62
N TYR A 12 -22.00 12.09 9.51
CA TYR A 12 -22.75 10.99 8.90
C TYR A 12 -21.86 10.18 7.97
N LEU A 13 -20.80 9.61 8.52
CA LEU A 13 -19.87 8.81 7.74
C LEU A 13 -19.53 9.49 6.42
N THR A 14 -19.32 10.80 6.48
CA THR A 14 -18.99 11.57 5.28
C THR A 14 -18.10 10.77 4.34
N ALA A 15 -17.07 10.15 4.90
CA ALA A 15 -16.14 9.35 4.10
C ALA A 15 -15.26 8.49 4.99
N PRO A 16 -14.65 7.45 4.40
CA PRO A 16 -13.77 6.53 5.12
C PRO A 16 -12.46 7.19 5.55
N ASN A 17 -11.93 6.75 6.68
CA ASN A 17 -10.68 7.30 7.20
C ASN A 17 -9.49 6.82 6.38
N PRO A 18 -8.50 7.70 6.17
CA PRO A 18 -7.30 7.38 5.40
C PRO A 18 -6.39 6.41 6.14
N PRO A 19 -6.13 5.25 5.51
CA PRO A 19 -5.27 4.21 6.08
C PRO A 19 -3.80 4.62 6.13
N SER A 20 -3.11 4.19 7.18
CA SER A 20 -1.70 4.52 7.34
C SER A 20 -0.81 3.33 6.98
N ILE A 21 0.01 3.52 5.95
CA ILE A 21 0.91 2.46 5.49
C ILE A 21 2.17 2.41 6.34
N ARG A 22 2.25 1.43 7.23
CA ARG A 22 3.41 1.27 8.10
C ARG A 22 4.60 0.71 7.33
N GLU A 23 5.71 1.41 7.39
CA GLU A 23 6.93 0.99 6.69
C GLU A 23 7.75 0.04 7.57
N GLU A 24 7.49 0.07 8.87
CA GLU A 24 8.21 -0.79 9.81
C GLU A 24 7.62 -2.19 9.82
N LEU A 25 6.37 -2.32 9.41
CA LEU A 25 5.70 -3.60 9.37
C LEU A 25 5.75 -4.21 7.96
N CYS A 26 5.79 -3.35 6.95
CA CYS A 26 5.85 -3.79 5.57
C CYS A 26 7.16 -4.54 5.30
N THR A 27 7.08 -5.55 4.43
CA THR A 27 8.26 -6.34 4.08
C THR A 27 8.53 -6.29 2.59
N ALA A 28 9.80 -6.45 2.22
CA ALA A 28 10.19 -6.43 0.82
C ALA A 28 10.91 -7.71 0.43
N SER A 29 10.59 -8.22 -0.75
CA SER A 29 11.20 -9.46 -1.24
C SER A 29 11.62 -9.32 -2.71
N HIS A 30 12.48 -10.23 -3.16
CA HIS A 30 12.95 -10.21 -4.54
C HIS A 30 11.80 -9.91 -5.50
N ASP A 31 10.85 -10.83 -5.58
CA ASP A 31 9.70 -10.68 -6.47
C ASP A 31 8.39 -10.69 -5.67
N THR A 32 8.44 -10.13 -4.46
CA THR A 32 7.26 -10.08 -3.60
C THR A 32 7.42 -9.01 -2.52
N ILE A 33 6.30 -8.40 -2.13
CA ILE A 33 6.32 -7.36 -1.11
C ILE A 33 5.01 -7.34 -0.33
N THR A 34 5.11 -7.27 0.99
CA THR A 34 3.94 -7.24 1.85
C THR A 34 3.75 -5.87 2.49
N VAL A 35 2.62 -5.23 2.18
CA VAL A 35 2.32 -3.91 2.73
C VAL A 35 1.29 -4.00 3.84
N HIS A 36 1.59 -3.39 4.98
CA HIS A 36 0.69 -3.39 6.12
C HIS A 36 0.09 -2.01 6.34
N TRP A 37 -1.24 -1.95 6.40
CA TRP A 37 -1.95 -0.69 6.61
C TRP A 37 -2.71 -0.71 7.92
N ILE A 38 -2.54 0.35 8.72
CA ILE A 38 -3.22 0.46 10.00
C ILE A 38 -4.37 1.45 9.93
N SER A 39 -5.53 1.05 10.45
CA SER A 39 -6.70 1.90 10.44
C SER A 39 -7.46 1.79 11.76
N ASP A 40 -8.02 2.91 12.22
CA ASP A 40 -8.77 2.94 13.47
C ASP A 40 -10.20 2.49 13.24
N ASP A 41 -10.77 2.88 12.10
CA ASP A 41 -12.14 2.52 11.77
C ASP A 41 -12.20 1.76 10.46
N GLU A 42 -12.18 0.43 10.55
CA GLU A 42 -12.22 -0.42 9.36
C GLU A 42 -13.41 -1.38 9.43
N PHE A 43 -14.40 -1.03 10.24
CA PHE A 43 -15.58 -1.86 10.40
C PHE A 43 -16.66 -1.47 9.39
N SER A 44 -16.62 -0.22 8.95
CA SER A 44 -17.60 0.28 8.00
C SER A 44 -17.14 0.02 6.56
N ILE A 45 -15.86 0.27 6.30
CA ILE A 45 -15.30 0.05 4.97
C ILE A 45 -15.79 -1.27 4.38
N SER A 46 -16.42 -1.19 3.22
CA SER A 46 -16.93 -2.39 2.55
C SER A 46 -15.79 -3.28 2.09
N SER A 47 -14.78 -2.67 1.47
CA SER A 47 -13.63 -3.40 0.98
C SER A 47 -12.43 -2.48 0.77
N TYR A 48 -11.24 -3.05 0.80
CA TYR A 48 -10.01 -2.28 0.63
C TYR A 48 -9.44 -2.46 -0.77
N GLU A 49 -8.74 -1.45 -1.25
CA GLU A 49 -8.14 -1.50 -2.58
C GLU A 49 -6.64 -1.26 -2.52
N LEU A 50 -5.87 -2.15 -3.14
CA LEU A 50 -4.42 -2.03 -3.15
C LEU A 50 -3.92 -1.55 -4.51
N GLN A 51 -3.24 -0.40 -4.51
CA GLN A 51 -2.70 0.17 -5.74
C GLN A 51 -1.18 0.18 -5.71
N TYR A 52 -0.57 -0.49 -6.68
CA TYR A 52 0.88 -0.56 -6.77
C TYR A 52 1.35 -0.33 -8.21
N THR A 53 2.52 0.29 -8.35
CA THR A 53 3.08 0.58 -9.66
C THR A 53 4.58 0.81 -9.58
N ILE A 54 5.28 0.43 -10.65
CA ILE A 54 6.73 0.59 -10.70
C ILE A 54 7.12 2.07 -10.79
N PHE A 55 8.11 2.46 -10.00
CA PHE A 55 8.58 3.84 -9.99
C PHE A 55 9.97 3.95 -10.61
N THR A 56 10.07 4.73 -11.69
CA THR A 56 11.34 4.92 -12.39
C THR A 56 11.66 6.40 -12.53
N GLY A 57 12.77 6.69 -13.21
CA GLY A 57 13.18 8.07 -13.40
C GLY A 57 12.42 8.74 -14.53
N GLN A 58 11.10 8.87 -14.36
CA GLN A 58 10.26 9.51 -15.37
C GLN A 58 9.87 10.91 -14.95
N ALA A 59 9.17 11.62 -15.83
CA ALA A 59 8.73 12.97 -15.55
C ALA A 59 8.12 13.08 -14.16
N ASN A 60 7.87 14.31 -13.72
CA ASN A 60 7.30 14.55 -12.40
C ASN A 60 6.28 13.46 -12.04
N PHE A 61 6.15 13.18 -10.75
CA PHE A 61 5.22 12.16 -10.28
C PHE A 61 3.81 12.42 -10.82
N ILE A 62 3.35 13.67 -10.68
CA ILE A 62 2.03 14.04 -11.15
C ILE A 62 1.72 13.42 -12.51
N SER A 63 2.68 13.53 -13.42
CA SER A 63 2.52 12.98 -14.77
C SER A 63 1.90 11.58 -14.71
N LEU A 64 2.69 10.62 -14.25
CA LEU A 64 2.22 9.24 -14.15
C LEU A 64 0.98 9.15 -13.26
N TYR A 65 1.07 9.71 -12.06
CA TYR A 65 -0.04 9.69 -11.12
C TYR A 65 -1.33 10.13 -11.80
N ASN A 66 -1.20 11.04 -12.76
CA ASN A 66 -2.36 11.55 -13.50
C ASN A 66 -3.04 10.43 -14.29
N SER A 67 -2.23 9.54 -14.85
CA SER A 67 -2.75 8.42 -15.64
C SER A 67 -3.02 7.22 -14.75
N VAL A 68 -3.65 7.46 -13.61
CA VAL A 68 -3.97 6.38 -12.67
C VAL A 68 -4.80 5.30 -13.34
N ASP A 69 -5.33 5.61 -14.52
CA ASP A 69 -6.14 4.66 -15.27
C ASP A 69 -5.32 3.42 -15.66
N SER A 70 -4.02 3.49 -15.41
CA SER A 70 -3.13 2.38 -15.74
C SER A 70 -2.72 1.62 -14.48
N TRP A 71 -2.47 2.37 -13.40
CA TRP A 71 -2.08 1.77 -12.14
C TRP A 71 -2.79 0.43 -11.92
N MET A 72 -2.13 -0.47 -11.20
CA MET A 72 -2.70 -1.78 -10.92
C MET A 72 -3.59 -1.73 -9.68
N ILE A 73 -4.56 -2.64 -9.62
CA ILE A 73 -5.49 -2.70 -8.49
C ILE A 73 -5.90 -4.13 -8.20
N VAL A 74 -6.02 -4.46 -6.92
CA VAL A 74 -6.42 -5.80 -6.51
C VAL A 74 -7.53 -5.75 -5.46
N PRO A 75 -8.79 -5.83 -5.92
CA PRO A 75 -9.96 -5.79 -5.05
C PRO A 75 -10.09 -7.05 -4.21
N ASN A 76 -11.23 -7.19 -3.53
CA ASN A 76 -11.48 -8.36 -2.68
C ASN A 76 -10.44 -8.45 -1.56
N ILE A 77 -10.04 -7.29 -1.04
CA ILE A 77 -9.07 -7.23 0.04
C ILE A 77 -9.75 -7.06 1.39
N LYS A 78 -9.80 -8.14 2.17
CA LYS A 78 -10.42 -8.10 3.49
C LYS A 78 -9.39 -8.41 4.57
N GLN A 79 -8.17 -7.93 4.39
CA GLN A 79 -7.11 -8.16 5.36
C GLN A 79 -6.36 -6.86 5.66
N ASN A 80 -5.39 -6.94 6.57
CA ASN A 80 -4.60 -5.78 6.95
C ASN A 80 -3.23 -5.80 6.27
N HIS A 81 -3.08 -6.68 5.30
CA HIS A 81 -1.82 -6.80 4.57
C HIS A 81 -1.96 -7.75 3.38
N TYR A 82 -1.60 -7.25 2.20
CA TYR A 82 -1.70 -8.05 0.98
C TYR A 82 -0.32 -8.29 0.38
N THR A 83 0.01 -9.57 0.17
CA THR A 83 1.30 -9.94 -0.40
C THR A 83 1.27 -9.87 -1.93
N VAL A 84 1.93 -8.87 -2.48
CA VAL A 84 1.98 -8.70 -3.93
C VAL A 84 3.03 -9.61 -4.55
N HIS A 85 2.57 -10.62 -5.28
CA HIS A 85 3.47 -11.57 -5.93
C HIS A 85 3.61 -11.24 -7.42
N GLY A 86 4.83 -11.38 -7.93
CA GLY A 86 5.09 -11.10 -9.33
C GLY A 86 5.75 -9.75 -9.53
N LEU A 87 6.73 -9.44 -8.69
CA LEU A 87 7.45 -8.18 -8.78
C LEU A 87 8.86 -8.40 -9.31
N GLN A 88 9.65 -7.33 -9.36
CA GLN A 88 11.02 -7.40 -9.84
C GLN A 88 12.02 -7.16 -8.71
N SER A 89 13.10 -7.93 -8.71
CA SER A 89 14.13 -7.80 -7.69
C SER A 89 14.84 -6.45 -7.79
N GLY A 90 15.24 -5.91 -6.65
CA GLY A 90 15.94 -4.63 -6.64
C GLY A 90 15.26 -3.59 -7.51
N THR A 91 13.97 -3.37 -7.25
CA THR A 91 13.20 -2.40 -8.02
C THR A 91 12.24 -1.62 -7.12
N ARG A 92 12.12 -0.33 -7.39
CA ARG A 92 11.25 0.53 -6.61
C ARG A 92 9.78 0.24 -6.91
N TYR A 93 8.93 0.36 -5.88
CA TYR A 93 7.51 0.10 -6.03
C TYR A 93 6.70 0.96 -5.08
N ILE A 94 5.79 1.76 -5.64
CA ILE A 94 4.94 2.64 -4.84
C ILE A 94 3.60 1.99 -4.55
N PHE A 95 3.23 1.95 -3.27
CA PHE A 95 1.96 1.36 -2.86
C PHE A 95 1.03 2.43 -2.29
N ILE A 96 -0.25 2.31 -2.63
CA ILE A 96 -1.26 3.25 -2.14
C ILE A 96 -2.56 2.55 -1.82
N VAL A 97 -2.85 2.39 -0.53
CA VAL A 97 -4.07 1.74 -0.09
C VAL A 97 -5.23 2.72 -0.05
N LYS A 98 -6.34 2.34 -0.68
CA LYS A 98 -7.53 3.18 -0.72
C LYS A 98 -8.73 2.46 -0.14
N ALA A 99 -9.35 3.06 0.88
CA ALA A 99 -10.51 2.47 1.54
C ALA A 99 -11.80 2.94 0.88
N ILE A 100 -12.63 1.99 0.45
CA ILE A 100 -13.89 2.32 -0.19
C ILE A 100 -15.07 1.87 0.66
N ASN A 101 -16.11 2.69 0.69
CA ASN A 101 -17.31 2.38 1.47
C ASN A 101 -18.56 2.96 0.81
N GLN A 102 -19.69 2.83 1.49
CA GLN A 102 -20.96 3.35 0.97
C GLN A 102 -20.88 4.85 0.73
N ALA A 103 -20.12 5.53 1.59
CA ALA A 103 -19.97 6.98 1.48
C ALA A 103 -19.12 7.34 0.27
N GLY A 104 -17.82 7.05 0.34
CA GLY A 104 -16.93 7.36 -0.76
C GLY A 104 -15.65 6.55 -0.71
N SER A 105 -14.53 7.23 -0.93
CA SER A 105 -13.22 6.56 -0.90
C SER A 105 -12.11 7.55 -0.57
N ARG A 106 -11.10 7.08 0.15
CA ARG A 106 -9.97 7.93 0.53
C ARG A 106 -8.65 7.24 0.23
N ASN A 107 -7.83 7.87 -0.61
CA ASN A 107 -6.54 7.32 -0.98
C ASN A 107 -5.44 7.83 -0.05
N SER A 108 -4.62 6.91 0.45
CA SER A 108 -3.53 7.26 1.36
C SER A 108 -2.32 7.78 0.58
N GLU A 109 -1.34 8.29 1.31
CA GLU A 109 -0.13 8.82 0.69
C GLU A 109 0.67 7.70 0.01
N PRO A 110 1.41 8.06 -1.03
CA PRO A 110 2.23 7.10 -1.78
C PRO A 110 3.43 6.62 -0.99
N THR A 111 3.44 5.32 -0.68
CA THR A 111 4.53 4.73 0.09
C THR A 111 5.52 4.01 -0.83
N ARG A 112 6.65 4.66 -1.08
CA ARG A 112 7.68 4.08 -1.95
C ARG A 112 8.44 2.97 -1.22
N LEU A 113 8.50 1.80 -1.84
CA LEU A 113 9.19 0.65 -1.25
C LEU A 113 10.28 0.13 -2.18
N LYS A 114 11.22 -0.63 -1.63
CA LYS A 114 12.30 -1.19 -2.42
C LYS A 114 12.55 -2.65 -2.05
N THR A 115 12.61 -3.51 -3.06
CA THR A 115 12.84 -4.94 -2.83
C THR A 115 14.31 -5.22 -2.59
N ASN A 116 14.61 -6.45 -2.15
CA ASN A 116 15.98 -6.84 -1.87
C ASN A 116 16.71 -7.24 -3.15
N SER A 117 17.96 -6.81 -3.27
CA SER A 117 18.76 -7.11 -4.45
C SER A 117 18.40 -8.48 -5.02
N GLN A 118 18.66 -9.52 -4.23
CA GLN A 118 18.37 -10.89 -4.65
C GLN A 118 17.70 -11.67 -3.52
N PRO A 119 17.08 -12.80 -3.87
CA PRO A 119 16.40 -13.67 -2.91
C PRO A 119 17.38 -14.39 -1.99
N PHE A 120 16.84 -15.27 -1.14
CA PHE A 120 17.67 -16.02 -0.20
C PHE A 120 18.65 -16.93 -0.95
N LYS A 121 19.92 -16.87 -0.55
CA LYS A 121 20.95 -17.67 -1.18
C LYS A 121 21.32 -18.87 -0.30
N SER A 122 21.47 -20.03 -0.92
CA SER A 122 21.82 -21.24 -0.19
C SER A 122 23.15 -21.08 0.54
N GLY A 123 23.31 -21.77 1.66
CA GLY A 123 24.53 -21.69 2.43
C GLY A 123 24.63 -22.77 3.49
N PRO A 124 25.37 -22.49 4.57
CA PRO A 124 25.56 -23.44 5.67
C PRO A 124 24.28 -23.64 6.48
N SER A 125 24.41 -24.35 7.59
CA SER A 125 23.26 -24.63 8.46
C SER A 125 23.71 -25.31 9.75
N SER A 126 22.89 -25.19 10.79
CA SER A 126 23.20 -25.79 12.09
C SER A 126 22.18 -26.87 12.44
N GLY A 127 21.30 -27.18 11.49
CA GLY A 127 20.28 -28.19 11.71
C GLY A 127 19.57 -28.60 10.44
N GLY A 1 -3.36 -0.28 18.73
CA GLY A 1 -3.02 0.43 19.95
C GLY A 1 -3.69 1.78 20.03
N SER A 2 -3.65 2.38 21.22
CA SER A 2 -4.27 3.69 21.43
C SER A 2 -4.00 4.62 20.26
N SER A 3 -4.90 5.57 20.05
CA SER A 3 -4.77 6.52 18.96
C SER A 3 -5.49 7.82 19.28
N GLY A 4 -5.07 8.91 18.64
CA GLY A 4 -5.68 10.20 18.87
C GLY A 4 -4.69 11.35 18.75
N SER A 5 -4.33 11.69 17.52
CA SER A 5 -3.38 12.76 17.28
C SER A 5 -4.03 14.12 17.50
N SER A 6 -5.17 14.34 16.84
CA SER A 6 -5.89 15.60 16.96
C SER A 6 -6.34 15.84 18.40
N GLY A 7 -6.92 14.81 19.01
CA GLY A 7 -7.38 14.92 20.38
C GLY A 7 -8.53 13.98 20.69
N GLU A 8 -9.58 14.06 19.89
CA GLU A 8 -10.75 13.21 20.08
C GLU A 8 -10.92 12.23 18.92
N GLY A 9 -10.70 12.73 17.71
CA GLY A 9 -10.83 11.89 16.53
C GLY A 9 -11.60 12.57 15.41
N LEU A 10 -12.49 11.84 14.77
CA LEU A 10 -13.30 12.37 13.68
C LEU A 10 -14.72 11.84 13.73
N ASP A 11 -15.68 12.66 13.31
CA ASP A 11 -17.07 12.26 13.30
C ASP A 11 -17.60 12.16 11.87
N TYR A 12 -17.16 13.08 11.02
CA TYR A 12 -17.60 13.08 9.62
C TYR A 12 -17.58 11.67 9.04
N LEU A 13 -18.45 11.44 8.06
CA LEU A 13 -18.54 10.13 7.42
C LEU A 13 -18.47 10.26 5.91
N THR A 14 -18.97 11.39 5.39
CA THR A 14 -18.96 11.63 3.95
C THR A 14 -17.84 10.86 3.27
N ALA A 15 -16.66 10.89 3.86
CA ALA A 15 -15.51 10.18 3.31
C ALA A 15 -14.94 9.18 4.31
N PRO A 16 -14.44 8.05 3.79
CA PRO A 16 -13.86 6.99 4.63
C PRO A 16 -12.54 7.41 5.25
N ASN A 17 -12.29 6.93 6.48
CA ASN A 17 -11.06 7.25 7.19
C ASN A 17 -9.84 6.78 6.41
N PRO A 18 -8.88 7.69 6.20
CA PRO A 18 -7.64 7.39 5.47
C PRO A 18 -6.73 6.45 6.24
N PRO A 19 -6.41 5.30 5.63
CA PRO A 19 -5.53 4.30 6.24
C PRO A 19 -4.09 4.76 6.32
N SER A 20 -3.30 4.12 7.18
CA SER A 20 -1.89 4.47 7.36
C SER A 20 -0.99 3.28 7.04
N ILE A 21 -0.30 3.36 5.91
CA ILE A 21 0.61 2.29 5.50
C ILE A 21 1.89 2.30 6.32
N ARG A 22 2.09 1.23 7.09
CA ARG A 22 3.28 1.11 7.93
C ARG A 22 4.49 0.69 7.10
N GLU A 23 5.54 1.50 7.14
CA GLU A 23 6.77 1.19 6.40
C GLU A 23 7.67 0.28 7.19
N GLU A 24 7.55 0.32 8.51
CA GLU A 24 8.37 -0.51 9.39
C GLU A 24 7.83 -1.94 9.45
N LEU A 25 6.56 -2.10 9.09
CA LEU A 25 5.92 -3.41 9.10
C LEU A 25 5.94 -4.04 7.71
N CYS A 26 5.92 -3.19 6.68
CA CYS A 26 5.94 -3.65 5.31
C CYS A 26 7.29 -4.28 4.96
N THR A 27 7.25 -5.41 4.26
CA THR A 27 8.46 -6.11 3.87
C THR A 27 8.67 -6.05 2.36
N ALA A 28 9.90 -6.31 1.92
CA ALA A 28 10.22 -6.29 0.50
C ALA A 28 10.92 -7.58 0.08
N SER A 29 10.51 -8.12 -1.06
CA SER A 29 11.10 -9.36 -1.57
C SER A 29 11.47 -9.21 -3.04
N HIS A 30 12.29 -10.13 -3.53
CA HIS A 30 12.73 -10.11 -4.93
C HIS A 30 11.54 -9.93 -5.86
N ASP A 31 10.62 -10.89 -5.82
CA ASP A 31 9.42 -10.83 -6.67
C ASP A 31 8.16 -10.80 -5.82
N THR A 32 8.28 -10.26 -4.61
CA THR A 32 7.14 -10.17 -3.70
C THR A 32 7.31 -9.02 -2.72
N ILE A 33 6.18 -8.48 -2.24
CA ILE A 33 6.22 -7.38 -1.29
C ILE A 33 4.95 -7.33 -0.45
N THR A 34 5.11 -7.29 0.87
CA THR A 34 3.98 -7.25 1.78
C THR A 34 3.81 -5.87 2.38
N VAL A 35 2.65 -5.25 2.13
CA VAL A 35 2.36 -3.92 2.65
C VAL A 35 1.34 -3.98 3.77
N HIS A 36 1.74 -3.52 4.95
CA HIS A 36 0.86 -3.51 6.12
C HIS A 36 0.25 -2.13 6.34
N TRP A 37 -1.07 -2.07 6.38
CA TRP A 37 -1.78 -0.81 6.58
C TRP A 37 -2.62 -0.85 7.86
N ILE A 38 -2.50 0.19 8.68
CA ILE A 38 -3.24 0.27 9.92
C ILE A 38 -4.45 1.18 9.78
N SER A 39 -5.56 0.79 10.41
CA SER A 39 -6.79 1.56 10.35
C SER A 39 -7.43 1.67 11.73
N ASP A 40 -8.00 2.84 12.02
CA ASP A 40 -8.65 3.06 13.31
C ASP A 40 -10.13 2.73 13.24
N ASP A 41 -10.60 2.39 12.04
CA ASP A 41 -12.00 2.04 11.84
C ASP A 41 -12.24 1.55 10.41
N GLU A 42 -12.82 0.36 10.29
CA GLU A 42 -13.10 -0.22 8.99
C GLU A 42 -14.52 -0.78 8.94
N PHE A 43 -15.28 -0.58 10.02
CA PHE A 43 -16.65 -1.06 10.10
C PHE A 43 -17.49 -0.49 8.96
N SER A 44 -17.16 0.73 8.54
CA SER A 44 -17.89 1.39 7.47
C SER A 44 -17.34 0.98 6.11
N ILE A 45 -16.03 0.74 6.04
CA ILE A 45 -15.38 0.34 4.80
C ILE A 45 -15.87 -1.03 4.34
N SER A 46 -16.57 -1.05 3.21
CA SER A 46 -17.11 -2.30 2.67
C SER A 46 -15.98 -3.20 2.19
N SER A 47 -14.87 -2.59 1.77
CA SER A 47 -13.72 -3.34 1.29
C SER A 47 -12.53 -2.41 1.04
N TYR A 48 -11.34 -2.98 1.05
CA TYR A 48 -10.12 -2.21 0.83
C TYR A 48 -9.61 -2.39 -0.59
N GLU A 49 -8.86 -1.41 -1.09
CA GLU A 49 -8.32 -1.46 -2.44
C GLU A 49 -6.82 -1.17 -2.43
N LEU A 50 -6.06 -2.02 -3.10
CA LEU A 50 -4.61 -1.85 -3.18
C LEU A 50 -4.20 -1.27 -4.53
N GLN A 51 -3.10 -0.51 -4.52
CA GLN A 51 -2.60 0.10 -5.75
C GLN A 51 -1.08 0.14 -5.75
N TYR A 52 -0.48 -0.60 -6.68
CA TYR A 52 0.98 -0.65 -6.78
C TYR A 52 1.43 -0.38 -8.21
N THR A 53 2.61 0.22 -8.36
CA THR A 53 3.16 0.54 -9.67
C THR A 53 4.67 0.69 -9.61
N ILE A 54 5.35 0.22 -10.65
CA ILE A 54 6.80 0.31 -10.73
C ILE A 54 7.25 1.76 -10.85
N PHE A 55 8.12 2.18 -9.94
CA PHE A 55 8.63 3.55 -9.95
C PHE A 55 10.11 3.56 -10.38
N THR A 56 10.35 4.04 -11.59
CA THR A 56 11.70 4.12 -12.12
C THR A 56 11.98 5.47 -12.76
N GLY A 57 12.28 6.46 -11.93
CA GLY A 57 12.56 7.80 -12.45
C GLY A 57 11.38 8.38 -13.21
N GLN A 58 11.26 9.70 -13.18
CA GLN A 58 10.17 10.37 -13.87
C GLN A 58 10.31 11.89 -13.78
N ALA A 59 9.92 12.58 -14.84
CA ALA A 59 10.01 14.04 -14.87
C ALA A 59 9.20 14.67 -13.74
N ASN A 60 7.96 14.22 -13.60
CA ASN A 60 7.07 14.73 -12.55
C ASN A 60 6.09 13.66 -12.09
N PHE A 61 6.25 13.21 -10.86
CA PHE A 61 5.38 12.18 -10.29
C PHE A 61 3.95 12.34 -10.81
N ILE A 62 3.41 13.54 -10.67
CA ILE A 62 2.05 13.83 -11.12
C ILE A 62 1.77 13.16 -12.47
N SER A 63 2.61 13.45 -13.45
CA SER A 63 2.46 12.89 -14.78
C SER A 63 2.01 11.43 -14.71
N LEU A 64 2.84 10.59 -14.10
CA LEU A 64 2.53 9.17 -13.96
C LEU A 64 1.33 8.97 -13.04
N TYR A 65 1.45 9.44 -11.80
CA TYR A 65 0.39 9.31 -10.81
C TYR A 65 -0.95 9.72 -11.41
N ASN A 66 -0.90 10.50 -12.49
CA ASN A 66 -2.11 10.97 -13.16
C ASN A 66 -2.78 9.83 -13.92
N SER A 67 -1.98 9.04 -14.62
CA SER A 67 -2.49 7.93 -15.40
C SER A 67 -2.63 6.68 -14.53
N VAL A 68 -3.52 6.75 -13.54
CA VAL A 68 -3.74 5.63 -12.64
C VAL A 68 -4.27 4.41 -13.40
N ASP A 69 -4.67 4.63 -14.64
CA ASP A 69 -5.18 3.54 -15.48
C ASP A 69 -4.13 2.45 -15.66
N SER A 70 -2.87 2.84 -15.61
CA SER A 70 -1.78 1.89 -15.79
C SER A 70 -1.48 1.16 -14.48
N TRP A 71 -1.75 1.83 -13.37
CA TRP A 71 -1.51 1.24 -12.04
C TRP A 71 -2.22 -0.10 -11.91
N MET A 72 -1.81 -0.89 -10.92
CA MET A 72 -2.40 -2.20 -10.69
C MET A 72 -3.27 -2.19 -9.44
N ILE A 73 -4.52 -2.63 -9.58
CA ILE A 73 -5.45 -2.68 -8.47
C ILE A 73 -5.89 -4.11 -8.18
N VAL A 74 -6.07 -4.42 -6.89
CA VAL A 74 -6.48 -5.75 -6.48
C VAL A 74 -7.63 -5.67 -5.48
N PRO A 75 -8.87 -5.76 -6.00
CA PRO A 75 -10.08 -5.71 -5.16
C PRO A 75 -10.24 -6.96 -4.30
N ASN A 76 -11.34 -7.01 -3.55
CA ASN A 76 -11.61 -8.15 -2.68
C ASN A 76 -10.53 -8.29 -1.61
N ILE A 77 -10.24 -7.19 -0.92
CA ILE A 77 -9.23 -7.19 0.13
C ILE A 77 -9.87 -7.03 1.51
N LYS A 78 -9.90 -8.12 2.27
CA LYS A 78 -10.48 -8.11 3.60
C LYS A 78 -9.43 -8.43 4.65
N GLN A 79 -8.22 -7.91 4.46
CA GLN A 79 -7.12 -8.14 5.38
C GLN A 79 -6.39 -6.85 5.68
N ASN A 80 -5.34 -6.95 6.51
CA ASN A 80 -4.55 -5.78 6.87
C ASN A 80 -3.19 -5.81 6.19
N HIS A 81 -3.04 -6.69 5.20
CA HIS A 81 -1.79 -6.81 4.46
C HIS A 81 -1.96 -7.75 3.28
N TYR A 82 -1.67 -7.24 2.08
CA TYR A 82 -1.79 -8.04 0.86
C TYR A 82 -0.42 -8.28 0.24
N THR A 83 -0.04 -9.55 0.12
CA THR A 83 1.24 -9.91 -0.47
C THR A 83 1.18 -9.90 -1.99
N VAL A 84 1.85 -8.93 -2.60
CA VAL A 84 1.88 -8.81 -4.05
C VAL A 84 3.02 -9.63 -4.65
N HIS A 85 2.67 -10.72 -5.33
CA HIS A 85 3.66 -11.58 -5.96
C HIS A 85 3.84 -11.23 -7.43
N GLY A 86 5.05 -11.44 -7.95
CA GLY A 86 5.32 -11.13 -9.34
C GLY A 86 5.93 -9.76 -9.53
N LEU A 87 6.80 -9.36 -8.60
CA LEU A 87 7.45 -8.06 -8.68
C LEU A 87 8.90 -8.20 -9.17
N GLN A 88 9.55 -7.06 -9.37
CA GLN A 88 10.94 -7.05 -9.84
C GLN A 88 11.90 -6.91 -8.67
N SER A 89 13.07 -7.53 -8.80
CA SER A 89 14.08 -7.49 -7.75
C SER A 89 14.89 -6.19 -7.84
N GLY A 90 15.25 -5.65 -6.68
CA GLY A 90 16.01 -4.42 -6.65
C GLY A 90 15.36 -3.30 -7.43
N THR A 91 14.06 -3.09 -7.20
CA THR A 91 13.32 -2.06 -7.90
C THR A 91 12.34 -1.36 -6.95
N ARG A 92 12.16 -0.06 -7.16
CA ARG A 92 11.25 0.73 -6.33
C ARG A 92 9.80 0.39 -6.65
N TYR A 93 8.95 0.45 -5.63
CA TYR A 93 7.53 0.16 -5.81
C TYR A 93 6.67 1.01 -4.88
N ILE A 94 5.78 1.80 -5.47
CA ILE A 94 4.91 2.66 -4.69
C ILE A 94 3.58 1.97 -4.37
N PHE A 95 3.17 2.06 -3.11
CA PHE A 95 1.93 1.44 -2.68
C PHE A 95 0.96 2.47 -2.12
N ILE A 96 -0.29 2.42 -2.57
CA ILE A 96 -1.31 3.36 -2.11
C ILE A 96 -2.64 2.65 -1.83
N VAL A 97 -2.94 2.47 -0.55
CA VAL A 97 -4.19 1.81 -0.16
C VAL A 97 -5.36 2.78 -0.17
N LYS A 98 -6.50 2.33 -0.67
CA LYS A 98 -7.69 3.15 -0.74
C LYS A 98 -8.88 2.44 -0.09
N ALA A 99 -9.48 3.09 0.90
CA ALA A 99 -10.63 2.53 1.60
C ALA A 99 -11.94 3.00 0.98
N ILE A 100 -12.80 2.05 0.63
CA ILE A 100 -14.08 2.37 0.03
C ILE A 100 -15.24 2.00 0.96
N ASN A 101 -16.15 2.94 1.16
CA ASN A 101 -17.30 2.72 2.02
C ASN A 101 -18.58 3.26 1.38
N GLN A 102 -19.69 3.14 2.11
CA GLN A 102 -20.97 3.63 1.60
C GLN A 102 -20.90 5.10 1.23
N ALA A 103 -20.09 5.85 1.98
CA ALA A 103 -19.94 7.28 1.72
C ALA A 103 -19.15 7.52 0.43
N GLY A 104 -17.86 7.24 0.47
CA GLY A 104 -17.02 7.44 -0.70
C GLY A 104 -15.72 6.67 -0.62
N SER A 105 -14.64 7.27 -1.12
CA SER A 105 -13.33 6.63 -1.11
C SER A 105 -12.25 7.61 -0.65
N ARG A 106 -11.26 7.10 0.06
CA ARG A 106 -10.16 7.92 0.55
C ARG A 106 -8.81 7.28 0.24
N ASN A 107 -8.08 7.88 -0.69
CA ASN A 107 -6.78 7.38 -1.10
C ASN A 107 -5.68 7.87 -0.15
N SER A 108 -4.89 6.93 0.37
CA SER A 108 -3.81 7.28 1.30
C SER A 108 -2.62 7.84 0.54
N GLU A 109 -1.59 8.23 1.29
CA GLU A 109 -0.38 8.79 0.68
C GLU A 109 0.48 7.69 0.08
N PRO A 110 1.25 8.04 -0.97
CA PRO A 110 2.12 7.10 -1.66
C PRO A 110 3.31 6.67 -0.80
N THR A 111 3.41 5.37 -0.54
CA THR A 111 4.50 4.84 0.27
C THR A 111 5.56 4.19 -0.61
N ARG A 112 6.74 4.82 -0.68
CA ARG A 112 7.83 4.30 -1.48
C ARG A 112 8.46 3.08 -0.81
N LEU A 113 8.74 2.05 -1.62
CA LEU A 113 9.35 0.83 -1.11
C LEU A 113 10.39 0.29 -2.08
N LYS A 114 11.36 -0.45 -1.55
CA LYS A 114 12.41 -1.03 -2.36
C LYS A 114 12.58 -2.52 -2.07
N THR A 115 12.70 -3.32 -3.12
CA THR A 115 12.87 -4.75 -2.98
C THR A 115 14.33 -5.12 -2.73
N ASN A 116 14.58 -6.39 -2.44
CA ASN A 116 15.94 -6.87 -2.18
C ASN A 116 16.63 -7.24 -3.49
N SER A 117 17.93 -7.02 -3.55
CA SER A 117 18.72 -7.32 -4.74
C SER A 117 18.28 -8.66 -5.35
N GLN A 118 18.56 -9.74 -4.64
CA GLN A 118 18.19 -11.07 -5.10
C GLN A 118 17.56 -11.89 -3.98
N PRO A 119 16.87 -12.98 -4.35
CA PRO A 119 16.21 -13.87 -3.38
C PRO A 119 17.21 -14.68 -2.56
N PHE A 120 16.71 -15.54 -1.70
CA PHE A 120 17.55 -16.37 -0.86
C PHE A 120 18.37 -17.35 -1.70
N LYS A 121 19.66 -17.09 -1.80
CA LYS A 121 20.56 -17.95 -2.57
C LYS A 121 20.99 -19.17 -1.76
N SER A 122 20.70 -20.36 -2.28
CA SER A 122 21.06 -21.60 -1.60
C SER A 122 22.54 -21.60 -1.24
N GLY A 123 22.84 -21.68 0.05
CA GLY A 123 24.22 -21.70 0.50
C GLY A 123 24.96 -22.94 0.04
N PRO A 124 25.96 -22.74 -0.83
CA PRO A 124 26.78 -23.83 -1.37
C PRO A 124 27.67 -24.46 -0.31
N SER A 125 27.69 -23.87 0.88
CA SER A 125 28.51 -24.36 1.97
C SER A 125 28.04 -25.75 2.42
N SER A 126 28.92 -26.74 2.27
CA SER A 126 28.58 -28.11 2.65
C SER A 126 28.22 -28.18 4.13
N GLY A 127 29.14 -27.75 4.99
CA GLY A 127 28.90 -27.77 6.42
C GLY A 127 30.03 -28.41 7.19
N GLY A 1 3.34 20.86 20.80
CA GLY A 1 3.27 22.30 20.73
C GLY A 1 2.33 22.78 19.65
N SER A 2 2.87 23.08 18.48
CA SER A 2 2.07 23.56 17.36
C SER A 2 2.52 22.91 16.05
N SER A 3 1.64 22.12 15.46
CA SER A 3 1.94 21.42 14.21
C SER A 3 0.85 21.68 13.18
N GLY A 4 1.26 21.86 11.93
CA GLY A 4 0.31 22.11 10.86
C GLY A 4 0.21 20.95 9.89
N SER A 5 -0.52 21.15 8.80
CA SER A 5 -0.69 20.12 7.79
C SER A 5 -0.85 18.74 8.45
N SER A 6 -1.59 18.70 9.54
CA SER A 6 -1.82 17.46 10.26
C SER A 6 -2.77 16.55 9.50
N GLY A 7 -3.94 17.09 9.14
CA GLY A 7 -4.92 16.30 8.41
C GLY A 7 -5.75 15.41 9.32
N GLU A 8 -6.53 16.02 10.19
CA GLU A 8 -7.38 15.27 11.12
C GLU A 8 -8.50 16.14 11.66
N GLY A 9 -9.62 15.50 11.98
CA GLY A 9 -10.77 16.24 12.50
C GLY A 9 -11.79 15.32 13.14
N LEU A 10 -12.74 14.86 12.36
CA LEU A 10 -13.79 13.97 12.86
C LEU A 10 -13.89 12.71 12.00
N ASP A 11 -14.32 11.62 12.63
CA ASP A 11 -14.47 10.35 11.92
C ASP A 11 -15.76 10.33 11.10
N TYR A 12 -16.03 11.43 10.40
CA TYR A 12 -17.24 11.54 9.59
C TYR A 12 -17.44 10.27 8.75
N LEU A 13 -18.63 10.14 8.19
CA LEU A 13 -18.96 8.98 7.36
C LEU A 13 -18.85 9.33 5.87
N THR A 14 -19.30 10.52 5.50
CA THR A 14 -19.24 10.97 4.12
C THR A 14 -18.03 10.38 3.40
N ALA A 15 -16.92 10.27 4.13
CA ALA A 15 -15.70 9.71 3.56
C ALA A 15 -14.95 8.87 4.58
N PRO A 16 -14.43 7.72 4.13
CA PRO A 16 -13.68 6.79 4.99
C PRO A 16 -12.33 7.35 5.41
N ASN A 17 -11.93 7.10 6.65
CA ASN A 17 -10.66 7.57 7.17
C ASN A 17 -9.50 6.98 6.39
N PRO A 18 -8.49 7.81 6.08
CA PRO A 18 -7.30 7.39 5.35
C PRO A 18 -6.41 6.45 6.16
N PRO A 19 -6.11 5.28 5.58
CA PRO A 19 -5.26 4.28 6.24
C PRO A 19 -3.80 4.73 6.34
N SER A 20 -3.08 4.15 7.29
CA SER A 20 -1.67 4.49 7.49
C SER A 20 -0.77 3.32 7.09
N ILE A 21 -0.14 3.45 5.94
CA ILE A 21 0.77 2.42 5.44
C ILE A 21 2.04 2.35 6.28
N ARG A 22 2.14 1.31 7.12
CA ARG A 22 3.30 1.12 7.97
C ARG A 22 4.50 0.62 7.16
N GLU A 23 5.59 1.38 7.19
CA GLU A 23 6.80 1.00 6.47
C GLU A 23 7.68 0.09 7.30
N GLU A 24 7.39 0.02 8.60
CA GLU A 24 8.16 -0.82 9.51
C GLU A 24 7.60 -2.23 9.56
N LEU A 25 6.30 -2.36 9.28
CA LEU A 25 5.64 -3.66 9.28
C LEU A 25 5.70 -4.30 7.90
N CYS A 26 5.78 -3.47 6.86
CA CYS A 26 5.84 -3.95 5.49
C CYS A 26 7.13 -4.74 5.25
N THR A 27 7.06 -5.73 4.36
CA THR A 27 8.21 -6.56 4.04
C THR A 27 8.53 -6.50 2.55
N ALA A 28 9.81 -6.66 2.23
CA ALA A 28 10.25 -6.62 0.83
C ALA A 28 10.96 -7.91 0.45
N SER A 29 10.58 -8.48 -0.69
CA SER A 29 11.18 -9.72 -1.17
C SER A 29 11.60 -9.60 -2.63
N HIS A 30 12.41 -10.54 -3.09
CA HIS A 30 12.88 -10.53 -4.47
C HIS A 30 11.77 -10.14 -5.42
N ASP A 31 10.77 -11.00 -5.55
CA ASP A 31 9.64 -10.74 -6.43
C ASP A 31 8.32 -10.73 -5.65
N THR A 32 8.39 -10.23 -4.41
CA THR A 32 7.20 -10.16 -3.56
C THR A 32 7.34 -9.05 -2.53
N ILE A 33 6.22 -8.46 -2.15
CA ILE A 33 6.22 -7.39 -1.16
C ILE A 33 4.90 -7.36 -0.39
N THR A 34 4.99 -7.17 0.93
CA THR A 34 3.81 -7.12 1.78
C THR A 34 3.67 -5.75 2.44
N VAL A 35 2.57 -5.07 2.16
CA VAL A 35 2.32 -3.75 2.73
C VAL A 35 1.25 -3.83 3.83
N HIS A 36 1.58 -3.28 4.99
CA HIS A 36 0.65 -3.29 6.12
C HIS A 36 0.07 -1.89 6.36
N TRP A 37 -1.25 -1.80 6.40
CA TRP A 37 -1.92 -0.53 6.61
C TRP A 37 -2.73 -0.55 7.91
N ILE A 38 -2.57 0.50 8.71
CA ILE A 38 -3.28 0.60 9.98
C ILE A 38 -4.33 1.70 9.93
N SER A 39 -5.52 1.41 10.45
CA SER A 39 -6.61 2.38 10.47
C SER A 39 -7.25 2.45 11.86
N ASP A 40 -7.88 3.59 12.15
CA ASP A 40 -8.55 3.78 13.44
C ASP A 40 -9.73 2.84 13.59
N ASP A 41 -10.42 2.57 12.48
CA ASP A 41 -11.58 1.69 12.48
C ASP A 41 -11.95 1.26 11.07
N GLU A 42 -11.81 -0.03 10.80
CA GLU A 42 -12.12 -0.58 9.48
C GLU A 42 -13.48 -1.29 9.49
N PHE A 43 -14.24 -1.08 10.55
CA PHE A 43 -15.55 -1.70 10.69
C PHE A 43 -16.57 -1.03 9.77
N SER A 44 -16.28 0.21 9.38
CA SER A 44 -17.17 0.96 8.50
C SER A 44 -16.86 0.66 7.04
N ILE A 45 -15.57 0.55 6.72
CA ILE A 45 -15.15 0.26 5.35
C ILE A 45 -15.71 -1.07 4.87
N SER A 46 -16.20 -1.09 3.63
CA SER A 46 -16.76 -2.30 3.05
C SER A 46 -15.67 -3.17 2.45
N SER A 47 -14.70 -2.53 1.80
CA SER A 47 -13.60 -3.25 1.17
C SER A 47 -12.40 -2.33 0.97
N TYR A 48 -11.22 -2.94 0.83
CA TYR A 48 -9.99 -2.17 0.64
C TYR A 48 -9.47 -2.34 -0.78
N GLU A 49 -8.56 -1.46 -1.19
CA GLU A 49 -7.98 -1.52 -2.52
C GLU A 49 -6.46 -1.33 -2.47
N LEU A 50 -5.74 -2.15 -3.20
CA LEU A 50 -4.28 -2.08 -3.25
C LEU A 50 -3.80 -1.54 -4.58
N GLN A 51 -3.01 -0.48 -4.53
CA GLN A 51 -2.47 0.13 -5.75
C GLN A 51 -0.95 0.12 -5.73
N TYR A 52 -0.36 -0.63 -6.66
CA TYR A 52 1.10 -0.72 -6.75
C TYR A 52 1.56 -0.49 -8.18
N THR A 53 2.73 0.14 -8.32
CA THR A 53 3.30 0.42 -9.64
C THR A 53 4.81 0.58 -9.57
N ILE A 54 5.49 0.14 -10.61
CA ILE A 54 6.94 0.23 -10.67
C ILE A 54 7.40 1.67 -10.89
N PHE A 55 8.25 2.16 -10.00
CA PHE A 55 8.76 3.51 -10.09
C PHE A 55 10.22 3.52 -10.51
N THR A 56 10.49 4.06 -11.70
CA THR A 56 11.86 4.13 -12.22
C THR A 56 12.28 5.57 -12.47
N GLY A 57 11.64 6.20 -13.45
CA GLY A 57 11.96 7.58 -13.78
C GLY A 57 11.37 8.01 -15.11
N GLN A 58 10.17 7.56 -15.39
CA GLN A 58 9.49 7.90 -16.64
C GLN A 58 9.26 9.40 -16.74
N ALA A 59 8.68 9.98 -15.69
CA ALA A 59 8.41 11.41 -15.65
C ALA A 59 7.91 11.84 -14.28
N ASN A 60 7.57 13.12 -14.15
CA ASN A 60 7.07 13.66 -12.89
C ASN A 60 6.04 12.72 -12.26
N PHE A 61 5.71 12.96 -11.00
CA PHE A 61 4.75 12.14 -10.29
C PHE A 61 3.34 12.37 -10.82
N ILE A 62 2.82 13.57 -10.58
CA ILE A 62 1.48 13.91 -11.03
C ILE A 62 1.22 13.41 -12.45
N SER A 63 2.10 13.80 -13.36
CA SER A 63 1.97 13.39 -14.76
C SER A 63 1.49 11.94 -14.86
N LEU A 64 2.25 11.03 -14.26
CA LEU A 64 1.90 9.62 -14.28
C LEU A 64 0.70 9.34 -13.38
N TYR A 65 0.86 9.58 -12.09
CA TYR A 65 -0.21 9.35 -11.13
C TYR A 65 -1.55 9.80 -11.71
N ASN A 66 -1.52 10.77 -12.61
CA ASN A 66 -2.73 11.27 -13.23
C ASN A 66 -3.38 10.21 -14.11
N SER A 67 -2.61 9.65 -15.04
CA SER A 67 -3.10 8.63 -15.94
C SER A 67 -3.53 7.38 -15.16
N VAL A 68 -2.83 7.09 -14.08
CA VAL A 68 -3.12 5.94 -13.24
C VAL A 68 -3.69 4.80 -14.08
N ASP A 69 -3.19 4.66 -15.30
CA ASP A 69 -3.64 3.61 -16.20
C ASP A 69 -2.82 2.33 -16.00
N SER A 70 -1.50 2.48 -16.02
CA SER A 70 -0.61 1.35 -15.85
C SER A 70 -0.72 0.77 -14.43
N TRP A 71 -0.87 1.66 -13.46
CA TRP A 71 -0.99 1.25 -12.06
C TRP A 71 -1.80 -0.04 -11.95
N MET A 72 -1.40 -0.90 -11.00
CA MET A 72 -2.09 -2.16 -10.78
C MET A 72 -3.04 -2.07 -9.60
N ILE A 73 -4.19 -2.73 -9.71
CA ILE A 73 -5.18 -2.72 -8.64
C ILE A 73 -5.65 -4.14 -8.31
N VAL A 74 -5.88 -4.39 -7.03
CA VAL A 74 -6.34 -5.70 -6.58
C VAL A 74 -7.53 -5.58 -5.64
N PRO A 75 -8.74 -5.64 -6.19
CA PRO A 75 -9.98 -5.53 -5.41
C PRO A 75 -10.21 -6.76 -4.53
N ASN A 76 -11.30 -6.74 -3.76
CA ASN A 76 -11.63 -7.85 -2.88
C ASN A 76 -10.56 -8.05 -1.82
N ILE A 77 -10.24 -6.98 -1.10
CA ILE A 77 -9.22 -7.03 -0.05
C ILE A 77 -9.85 -6.81 1.32
N LYS A 78 -9.99 -7.90 2.08
CA LYS A 78 -10.56 -7.83 3.42
C LYS A 78 -9.51 -8.16 4.48
N GLN A 79 -8.30 -7.66 4.28
CA GLN A 79 -7.21 -7.90 5.22
C GLN A 79 -6.46 -6.61 5.52
N ASN A 80 -5.54 -6.68 6.48
CA ASN A 80 -4.75 -5.52 6.87
C ASN A 80 -3.38 -5.55 6.19
N HIS A 81 -3.21 -6.45 5.24
CA HIS A 81 -1.95 -6.58 4.51
C HIS A 81 -2.10 -7.54 3.33
N TYR A 82 -1.72 -7.06 2.15
CA TYR A 82 -1.81 -7.87 0.94
C TYR A 82 -0.42 -8.14 0.36
N THR A 83 -0.11 -9.41 0.16
CA THR A 83 1.19 -9.79 -0.40
C THR A 83 1.15 -9.79 -1.92
N VAL A 84 1.79 -8.79 -2.52
CA VAL A 84 1.84 -8.67 -3.98
C VAL A 84 2.91 -9.59 -4.56
N HIS A 85 2.47 -10.61 -5.29
CA HIS A 85 3.39 -11.55 -5.91
C HIS A 85 3.62 -11.20 -7.37
N GLY A 86 4.82 -11.48 -7.87
CA GLY A 86 5.16 -11.18 -9.24
C GLY A 86 5.78 -9.82 -9.42
N LEU A 87 6.70 -9.47 -8.51
CA LEU A 87 7.38 -8.18 -8.56
C LEU A 87 8.81 -8.33 -9.07
N GLN A 88 9.54 -7.22 -9.14
CA GLN A 88 10.91 -7.24 -9.61
C GLN A 88 11.88 -7.05 -8.44
N SER A 89 13.01 -7.76 -8.50
CA SER A 89 14.02 -7.67 -7.45
C SER A 89 14.91 -6.45 -7.65
N GLY A 90 15.18 -5.73 -6.57
CA GLY A 90 16.02 -4.55 -6.64
C GLY A 90 15.38 -3.44 -7.46
N THR A 91 14.10 -3.18 -7.20
CA THR A 91 13.38 -2.14 -7.92
C THR A 91 12.43 -1.39 -6.99
N ARG A 92 12.25 -0.10 -7.27
CA ARG A 92 11.37 0.73 -6.46
C ARG A 92 9.90 0.41 -6.74
N TYR A 93 9.12 0.27 -5.68
CA TYR A 93 7.70 -0.04 -5.82
C TYR A 93 6.85 0.83 -4.89
N ILE A 94 5.97 1.63 -5.49
CA ILE A 94 5.10 2.51 -4.72
C ILE A 94 3.79 1.81 -4.36
N PHE A 95 3.34 2.02 -3.13
CA PHE A 95 2.09 1.42 -2.66
C PHE A 95 1.13 2.49 -2.16
N ILE A 96 -0.15 2.34 -2.51
CA ILE A 96 -1.17 3.30 -2.10
C ILE A 96 -2.49 2.59 -1.80
N VAL A 97 -2.83 2.49 -0.53
CA VAL A 97 -4.08 1.84 -0.12
C VAL A 97 -5.24 2.81 -0.19
N LYS A 98 -6.40 2.30 -0.64
CA LYS A 98 -7.60 3.12 -0.76
C LYS A 98 -8.77 2.47 -0.04
N ALA A 99 -9.30 3.17 0.97
CA ALA A 99 -10.43 2.66 1.74
C ALA A 99 -11.75 3.04 1.09
N ILE A 100 -12.46 2.05 0.56
CA ILE A 100 -13.74 2.28 -0.09
C ILE A 100 -14.90 1.85 0.80
N ASN A 101 -15.97 2.63 0.79
CA ASN A 101 -17.14 2.32 1.59
C ASN A 101 -18.41 2.84 0.93
N GLN A 102 -19.56 2.62 1.57
CA GLN A 102 -20.83 3.06 1.03
C GLN A 102 -20.82 4.56 0.76
N ALA A 103 -19.98 5.27 1.49
CA ALA A 103 -19.86 6.72 1.32
C ALA A 103 -19.02 7.07 0.10
N GLY A 104 -17.72 6.81 0.19
CA GLY A 104 -16.82 7.10 -0.91
C GLY A 104 -15.52 6.32 -0.82
N SER A 105 -14.41 7.01 -1.10
CA SER A 105 -13.09 6.38 -1.04
C SER A 105 -12.03 7.38 -0.60
N ARG A 106 -11.00 6.88 0.07
CA ARG A 106 -9.92 7.73 0.55
C ARG A 106 -8.56 7.13 0.19
N ASN A 107 -7.85 7.79 -0.72
CA ASN A 107 -6.54 7.33 -1.15
C ASN A 107 -5.46 7.80 -0.19
N SER A 108 -4.66 6.85 0.30
CA SER A 108 -3.59 7.15 1.23
C SER A 108 -2.38 7.72 0.51
N GLU A 109 -1.34 8.06 1.27
CA GLU A 109 -0.12 8.62 0.69
C GLU A 109 0.72 7.52 0.04
N PRO A 110 1.48 7.90 -1.00
CA PRO A 110 2.35 6.97 -1.72
C PRO A 110 3.54 6.51 -0.90
N THR A 111 3.59 5.20 -0.61
CA THR A 111 4.67 4.64 0.17
C THR A 111 5.74 4.02 -0.72
N ARG A 112 6.88 4.70 -0.82
CA ARG A 112 7.98 4.21 -1.64
C ARG A 112 8.71 3.06 -0.96
N LEU A 113 8.76 1.92 -1.64
CA LEU A 113 9.43 0.74 -1.09
C LEU A 113 10.48 0.21 -2.07
N LYS A 114 11.41 -0.58 -1.55
CA LYS A 114 12.48 -1.16 -2.37
C LYS A 114 12.66 -2.64 -2.06
N THR A 115 12.71 -3.46 -3.10
CA THR A 115 12.90 -4.90 -2.94
C THR A 115 14.36 -5.25 -2.76
N ASN A 116 14.63 -6.51 -2.45
CA ASN A 116 16.00 -6.99 -2.24
C ASN A 116 16.61 -7.48 -3.55
N SER A 117 17.87 -7.16 -3.76
CA SER A 117 18.57 -7.57 -4.98
C SER A 117 18.13 -8.96 -5.40
N GLN A 118 18.51 -9.97 -4.62
CA GLN A 118 18.16 -11.35 -4.93
C GLN A 118 17.66 -12.07 -3.67
N PRO A 119 16.95 -13.19 -3.88
CA PRO A 119 16.41 -13.99 -2.78
C PRO A 119 17.50 -14.71 -1.99
N PHE A 120 18.74 -14.52 -2.41
CA PHE A 120 19.88 -15.15 -1.74
C PHE A 120 19.99 -14.66 -0.30
N LYS A 121 20.59 -15.50 0.55
CA LYS A 121 20.77 -15.15 1.96
C LYS A 121 22.23 -14.84 2.26
N SER A 122 22.53 -13.56 2.52
CA SER A 122 23.88 -13.13 2.82
C SER A 122 24.00 -12.66 4.26
N GLY A 123 25.15 -12.91 4.86
CA GLY A 123 25.37 -12.50 6.24
C GLY A 123 26.13 -13.54 7.05
N PRO A 124 27.31 -13.15 7.55
CA PRO A 124 28.16 -14.05 8.34
C PRO A 124 27.57 -14.34 9.71
N SER A 125 27.31 -15.62 9.98
CA SER A 125 26.74 -16.04 11.26
C SER A 125 27.82 -16.61 12.17
N SER A 126 27.68 -16.35 13.48
CA SER A 126 28.65 -16.83 14.45
C SER A 126 28.04 -16.82 15.85
N GLY A 127 28.80 -17.32 16.82
CA GLY A 127 28.33 -17.36 18.19
C GLY A 127 29.46 -17.51 19.20
N GLY A 1 -1.48 0.36 19.27
CA GLY A 1 -2.70 0.03 19.98
C GLY A 1 -2.64 -1.33 20.64
N SER A 2 -2.90 -1.36 21.94
CA SER A 2 -2.87 -2.61 22.69
C SER A 2 -4.28 -3.08 23.04
N SER A 3 -5.00 -2.24 23.79
CA SER A 3 -6.36 -2.58 24.19
C SER A 3 -7.23 -1.33 24.25
N GLY A 4 -8.54 -1.52 24.32
CA GLY A 4 -9.47 -0.40 24.38
C GLY A 4 -9.78 0.16 23.01
N SER A 5 -11.00 -0.11 22.55
CA SER A 5 -11.45 0.38 21.24
C SER A 5 -12.74 1.16 21.35
N SER A 6 -12.62 2.45 21.69
CA SER A 6 -13.78 3.30 21.84
C SER A 6 -13.62 4.59 21.03
N GLY A 7 -14.09 4.57 19.79
CA GLY A 7 -13.98 5.73 18.93
C GLY A 7 -15.27 6.54 18.88
N GLU A 8 -15.62 7.14 20.01
CA GLU A 8 -16.84 7.94 20.10
C GLU A 8 -16.51 9.43 20.05
N GLY A 9 -16.92 10.09 18.97
CA GLY A 9 -16.66 11.51 18.83
C GLY A 9 -17.24 12.08 17.55
N LEU A 10 -16.55 11.85 16.44
CA LEU A 10 -17.00 12.34 15.13
C LEU A 10 -17.99 11.38 14.49
N ASP A 11 -19.21 11.86 14.28
CA ASP A 11 -20.26 11.03 13.67
C ASP A 11 -20.36 11.31 12.17
N TYR A 12 -19.21 11.45 11.52
CA TYR A 12 -19.18 11.72 10.09
C TYR A 12 -18.72 10.49 9.31
N LEU A 13 -19.39 10.20 8.20
CA LEU A 13 -19.05 9.06 7.36
C LEU A 13 -18.95 9.47 5.90
N THR A 14 -19.27 10.72 5.62
CA THR A 14 -19.21 11.24 4.26
C THR A 14 -18.08 10.58 3.47
N ALA A 15 -16.91 10.49 4.09
CA ALA A 15 -15.75 9.87 3.46
C ALA A 15 -15.02 8.94 4.42
N PRO A 16 -14.51 7.82 3.89
CA PRO A 16 -13.78 6.83 4.69
C PRO A 16 -12.43 7.34 5.14
N ASN A 17 -12.17 7.23 6.45
CA ASN A 17 -10.90 7.67 7.02
C ASN A 17 -9.72 7.10 6.24
N PRO A 18 -8.71 7.95 5.99
CA PRO A 18 -7.51 7.54 5.25
C PRO A 18 -6.64 6.59 6.07
N PRO A 19 -6.26 5.46 5.44
CA PRO A 19 -5.42 4.45 6.09
C PRO A 19 -3.98 4.92 6.29
N SER A 20 -3.23 4.18 7.09
CA SER A 20 -1.84 4.53 7.35
C SER A 20 -0.92 3.35 7.04
N ILE A 21 -0.16 3.49 5.95
CA ILE A 21 0.76 2.44 5.52
C ILE A 21 1.97 2.38 6.46
N ARG A 22 2.16 1.23 7.10
CA ARG A 22 3.28 1.04 8.01
C ARG A 22 4.48 0.43 7.28
N GLU A 23 5.61 1.13 7.32
CA GLU A 23 6.82 0.67 6.67
C GLU A 23 7.58 -0.31 7.56
N GLU A 24 7.51 -0.10 8.86
CA GLU A 24 8.19 -0.96 9.82
C GLU A 24 7.55 -2.34 9.85
N LEU A 25 6.28 -2.42 9.46
CA LEU A 25 5.56 -3.68 9.45
C LEU A 25 5.61 -4.32 8.06
N CYS A 26 5.76 -3.49 7.04
CA CYS A 26 5.83 -3.96 5.67
C CYS A 26 7.15 -4.67 5.40
N THR A 27 7.10 -5.71 4.57
CA THR A 27 8.30 -6.47 4.24
C THR A 27 8.56 -6.46 2.75
N ALA A 28 9.81 -6.72 2.36
CA ALA A 28 10.20 -6.74 0.96
C ALA A 28 10.85 -8.06 0.58
N SER A 29 10.49 -8.58 -0.60
CA SER A 29 11.04 -9.84 -1.07
C SER A 29 11.47 -9.73 -2.52
N HIS A 30 12.33 -10.65 -2.95
CA HIS A 30 12.82 -10.66 -4.33
C HIS A 30 11.73 -10.25 -5.30
N ASP A 31 10.73 -11.12 -5.45
CA ASP A 31 9.62 -10.85 -6.35
C ASP A 31 8.29 -10.82 -5.59
N THR A 32 8.32 -10.26 -4.38
CA THR A 32 7.13 -10.18 -3.56
C THR A 32 7.28 -9.11 -2.48
N ILE A 33 6.16 -8.59 -2.01
CA ILE A 33 6.17 -7.56 -0.98
C ILE A 33 4.88 -7.58 -0.17
N THR A 34 5.02 -7.44 1.15
CA THR A 34 3.86 -7.43 2.04
C THR A 34 3.68 -6.08 2.71
N VAL A 35 2.70 -5.32 2.25
CA VAL A 35 2.43 -3.99 2.82
C VAL A 35 1.37 -4.08 3.91
N HIS A 36 1.67 -3.51 5.07
CA HIS A 36 0.73 -3.51 6.19
C HIS A 36 0.16 -2.11 6.42
N TRP A 37 -1.16 -2.02 6.40
CA TRP A 37 -1.83 -0.74 6.61
C TRP A 37 -2.68 -0.77 7.88
N ILE A 38 -2.62 0.31 8.65
CA ILE A 38 -3.39 0.40 9.90
C ILE A 38 -4.54 1.40 9.76
N SER A 39 -5.71 0.98 10.19
CA SER A 39 -6.90 1.84 10.11
C SER A 39 -7.61 1.91 11.47
N ASP A 40 -8.06 3.11 11.81
CA ASP A 40 -8.76 3.31 13.08
C ASP A 40 -10.21 2.83 13.00
N ASP A 41 -10.76 2.86 11.80
CA ASP A 41 -12.13 2.42 11.58
C ASP A 41 -12.27 1.69 10.25
N GLU A 42 -12.43 0.36 10.33
CA GLU A 42 -12.56 -0.46 9.14
C GLU A 42 -13.90 -1.20 9.13
N PHE A 43 -14.86 -0.67 9.88
CA PHE A 43 -16.18 -1.28 9.96
C PHE A 43 -17.06 -0.84 8.79
N SER A 44 -16.99 0.44 8.46
CA SER A 44 -17.78 0.98 7.36
C SER A 44 -17.19 0.58 6.01
N ILE A 45 -15.87 0.63 5.91
CA ILE A 45 -15.18 0.26 4.68
C ILE A 45 -15.68 -1.09 4.16
N SER A 46 -16.36 -1.06 3.02
CA SER A 46 -16.89 -2.27 2.40
C SER A 46 -15.76 -3.20 1.96
N SER A 47 -14.68 -2.59 1.47
CA SER A 47 -13.53 -3.35 1.00
C SER A 47 -12.32 -2.44 0.79
N TYR A 48 -11.13 -3.03 0.83
CA TYR A 48 -9.90 -2.27 0.66
C TYR A 48 -9.35 -2.44 -0.77
N GLU A 49 -8.58 -1.46 -1.21
CA GLU A 49 -7.99 -1.51 -2.54
C GLU A 49 -6.49 -1.24 -2.49
N LEU A 50 -5.72 -2.04 -3.21
CA LEU A 50 -4.27 -1.90 -3.25
C LEU A 50 -3.81 -1.32 -4.59
N GLN A 51 -2.90 -0.37 -4.53
CA GLN A 51 -2.38 0.27 -5.73
C GLN A 51 -0.85 0.31 -5.71
N TYR A 52 -0.23 -0.37 -6.66
CA TYR A 52 1.22 -0.42 -6.75
C TYR A 52 1.69 -0.34 -8.19
N THR A 53 2.83 0.29 -8.41
CA THR A 53 3.38 0.43 -9.76
C THR A 53 4.90 0.61 -9.71
N ILE A 54 5.59 -0.05 -10.64
CA ILE A 54 7.05 0.05 -10.70
C ILE A 54 7.50 1.49 -10.90
N PHE A 55 8.07 2.08 -9.86
CA PHE A 55 8.55 3.46 -9.92
C PHE A 55 9.71 3.58 -10.89
N THR A 56 9.45 4.15 -12.05
CA THR A 56 10.48 4.34 -13.07
C THR A 56 10.55 5.78 -13.54
N GLY A 57 9.38 6.42 -13.63
CA GLY A 57 9.32 7.80 -14.07
C GLY A 57 8.71 7.95 -15.45
N GLN A 58 9.50 8.43 -16.40
CA GLN A 58 9.02 8.62 -17.76
C GLN A 58 7.62 9.26 -17.77
N ALA A 59 7.31 9.98 -16.70
CA ALA A 59 6.02 10.64 -16.58
C ALA A 59 5.92 11.41 -15.26
N ASN A 60 5.99 12.74 -15.36
CA ASN A 60 5.90 13.59 -14.17
C ASN A 60 4.97 12.97 -13.13
N PHE A 61 5.49 12.78 -11.91
CA PHE A 61 4.70 12.20 -10.83
C PHE A 61 3.22 12.56 -10.98
N ILE A 62 2.95 13.84 -11.15
CA ILE A 62 1.58 14.32 -11.30
C ILE A 62 0.90 13.65 -12.50
N SER A 63 1.55 13.73 -13.65
CA SER A 63 1.00 13.13 -14.86
C SER A 63 0.80 11.64 -14.70
N LEU A 64 1.90 10.93 -14.43
CA LEU A 64 1.84 9.49 -14.24
C LEU A 64 0.76 9.10 -13.23
N TYR A 65 0.63 9.91 -12.19
CA TYR A 65 -0.36 9.66 -11.15
C TYR A 65 -1.77 10.00 -11.64
N ASN A 66 -1.85 10.97 -12.55
CA ASN A 66 -3.13 11.39 -13.11
C ASN A 66 -3.83 10.23 -13.82
N SER A 67 -3.14 9.65 -14.79
CA SER A 67 -3.69 8.53 -15.55
C SER A 67 -3.55 7.22 -14.77
N VAL A 68 -3.90 7.26 -13.49
CA VAL A 68 -3.81 6.08 -12.64
C VAL A 68 -4.45 4.87 -13.32
N ASP A 69 -5.28 5.12 -14.31
CA ASP A 69 -5.96 4.05 -15.04
C ASP A 69 -5.00 2.91 -15.34
N SER A 70 -3.73 3.25 -15.53
CA SER A 70 -2.71 2.25 -15.83
C SER A 70 -2.26 1.53 -14.56
N TRP A 71 -2.05 2.29 -13.50
CA TRP A 71 -1.62 1.73 -12.23
C TRP A 71 -2.28 0.37 -11.98
N MET A 72 -1.62 -0.46 -11.18
CA MET A 72 -2.16 -1.78 -10.87
C MET A 72 -3.12 -1.72 -9.67
N ILE A 73 -4.15 -2.56 -9.70
CA ILE A 73 -5.14 -2.60 -8.64
C ILE A 73 -5.62 -4.03 -8.39
N VAL A 74 -5.78 -4.38 -7.11
CA VAL A 74 -6.22 -5.70 -6.73
C VAL A 74 -7.40 -5.63 -5.76
N PRO A 75 -8.62 -5.74 -6.31
CA PRO A 75 -9.85 -5.68 -5.50
C PRO A 75 -10.02 -6.92 -4.63
N ASN A 76 -11.11 -6.96 -3.87
CA ASN A 76 -11.40 -8.08 -2.99
C ASN A 76 -10.34 -8.20 -1.90
N ILE A 77 -10.11 -7.10 -1.17
CA ILE A 77 -9.12 -7.09 -0.10
C ILE A 77 -9.79 -6.93 1.26
N LYS A 78 -9.76 -7.98 2.07
CA LYS A 78 -10.35 -7.95 3.40
C LYS A 78 -9.31 -8.27 4.47
N GLN A 79 -8.12 -7.70 4.32
CA GLN A 79 -7.04 -7.93 5.28
C GLN A 79 -6.26 -6.65 5.53
N ASN A 80 -5.48 -6.63 6.61
CA ASN A 80 -4.67 -5.47 6.96
C ASN A 80 -3.29 -5.54 6.31
N HIS A 81 -3.14 -6.46 5.35
CA HIS A 81 -1.88 -6.63 4.65
C HIS A 81 -2.03 -7.59 3.47
N TYR A 82 -1.71 -7.10 2.28
CA TYR A 82 -1.81 -7.91 1.07
C TYR A 82 -0.44 -8.15 0.46
N THR A 83 -0.12 -9.42 0.22
CA THR A 83 1.16 -9.79 -0.37
C THR A 83 1.08 -9.81 -1.89
N VAL A 84 1.86 -8.95 -2.54
CA VAL A 84 1.88 -8.88 -3.99
C VAL A 84 2.95 -9.79 -4.57
N HIS A 85 2.51 -10.84 -5.26
CA HIS A 85 3.43 -11.79 -5.87
C HIS A 85 3.69 -11.44 -7.33
N GLY A 86 4.88 -11.77 -7.81
CA GLY A 86 5.23 -11.48 -9.20
C GLY A 86 5.84 -10.10 -9.36
N LEU A 87 6.73 -9.74 -8.44
CA LEU A 87 7.39 -8.44 -8.50
C LEU A 87 8.80 -8.57 -9.07
N GLN A 88 9.54 -7.46 -9.06
CA GLN A 88 10.90 -7.45 -9.57
C GLN A 88 11.92 -7.28 -8.44
N SER A 89 12.98 -8.07 -8.50
CA SER A 89 14.02 -8.02 -7.46
C SER A 89 14.86 -6.76 -7.61
N GLY A 90 15.11 -6.09 -6.50
CA GLY A 90 15.90 -4.87 -6.52
C GLY A 90 15.29 -3.80 -7.39
N THR A 91 14.07 -3.37 -7.03
CA THR A 91 13.37 -2.35 -7.79
C THR A 91 12.40 -1.56 -6.90
N ARG A 92 12.28 -0.27 -7.17
CA ARG A 92 11.39 0.59 -6.38
C ARG A 92 9.93 0.29 -6.69
N TYR A 93 9.08 0.42 -5.68
CA TYR A 93 7.65 0.16 -5.83
C TYR A 93 6.83 1.08 -4.94
N ILE A 94 6.02 1.92 -5.57
CA ILE A 94 5.17 2.85 -4.84
C ILE A 94 3.81 2.25 -4.55
N PHE A 95 3.48 2.10 -3.26
CA PHE A 95 2.20 1.53 -2.86
C PHE A 95 1.28 2.62 -2.28
N ILE A 96 0.00 2.54 -2.62
CA ILE A 96 -0.97 3.51 -2.14
C ILE A 96 -2.32 2.84 -1.87
N VAL A 97 -2.64 2.66 -0.60
CA VAL A 97 -3.89 2.04 -0.20
C VAL A 97 -5.03 3.06 -0.18
N LYS A 98 -6.18 2.67 -0.72
CA LYS A 98 -7.34 3.55 -0.76
C LYS A 98 -8.59 2.83 -0.26
N ALA A 99 -9.12 3.27 0.87
CA ALA A 99 -10.31 2.67 1.45
C ALA A 99 -11.57 3.08 0.69
N ILE A 100 -12.53 2.17 0.57
CA ILE A 100 -13.77 2.45 -0.13
C ILE A 100 -14.98 2.03 0.70
N ASN A 101 -15.98 2.89 0.75
CA ASN A 101 -17.20 2.61 1.51
C ASN A 101 -18.42 3.21 0.83
N GLN A 102 -19.60 2.80 1.28
CA GLN A 102 -20.85 3.31 0.71
C GLN A 102 -20.76 4.81 0.46
N ALA A 103 -20.13 5.53 1.39
CA ALA A 103 -19.98 6.97 1.26
C ALA A 103 -19.11 7.34 0.07
N GLY A 104 -17.81 7.07 0.19
CA GLY A 104 -16.88 7.38 -0.89
C GLY A 104 -15.59 6.58 -0.79
N SER A 105 -14.46 7.27 -0.98
CA SER A 105 -13.16 6.62 -0.91
C SER A 105 -12.07 7.64 -0.57
N ARG A 106 -11.01 7.16 0.07
CA ARG A 106 -9.90 8.02 0.45
C ARG A 106 -8.57 7.37 0.12
N ASN A 107 -7.73 8.08 -0.62
CA ASN A 107 -6.42 7.58 -1.01
C ASN A 107 -5.35 8.05 -0.04
N SER A 108 -4.47 7.13 0.36
CA SER A 108 -3.39 7.46 1.29
C SER A 108 -2.17 8.00 0.54
N GLU A 109 -1.15 8.39 1.29
CA GLU A 109 0.08 8.92 0.70
C GLU A 109 0.90 7.80 0.08
N PRO A 110 1.68 8.16 -0.96
CA PRO A 110 2.55 7.20 -1.67
C PRO A 110 3.72 6.75 -0.81
N THR A 111 3.83 5.44 -0.61
CA THR A 111 4.91 4.87 0.19
C THR A 111 5.95 4.20 -0.70
N ARG A 112 7.10 4.83 -0.83
CA ARG A 112 8.18 4.29 -1.65
C ARG A 112 8.85 3.11 -0.95
N LEU A 113 8.81 1.95 -1.61
CA LEU A 113 9.41 0.74 -1.05
C LEU A 113 10.36 0.09 -2.06
N LYS A 114 11.24 -0.76 -1.57
CA LYS A 114 12.21 -1.46 -2.43
C LYS A 114 12.30 -2.93 -2.05
N THR A 115 12.60 -3.77 -3.05
CA THR A 115 12.72 -5.20 -2.83
C THR A 115 14.18 -5.60 -2.59
N ASN A 116 14.37 -6.83 -2.12
CA ASN A 116 15.72 -7.34 -1.86
C ASN A 116 16.45 -7.66 -3.16
N SER A 117 17.77 -7.79 -3.08
CA SER A 117 18.58 -8.09 -4.24
C SER A 117 18.13 -9.40 -4.89
N GLN A 118 18.40 -10.51 -4.22
CA GLN A 118 18.03 -11.83 -4.74
C GLN A 118 17.42 -12.69 -3.63
N PRO A 119 16.65 -13.71 -4.03
CA PRO A 119 16.00 -14.62 -3.09
C PRO A 119 17.00 -15.53 -2.39
N PHE A 120 17.69 -16.37 -3.16
CA PHE A 120 18.67 -17.29 -2.62
C PHE A 120 20.04 -17.06 -3.25
N LYS A 121 21.08 -17.50 -2.56
CA LYS A 121 22.45 -17.35 -3.05
C LYS A 121 23.12 -18.71 -3.23
N SER A 122 23.35 -19.10 -4.48
CA SER A 122 23.98 -20.38 -4.78
C SER A 122 25.00 -20.74 -3.71
N GLY A 123 25.06 -22.02 -3.37
CA GLY A 123 26.00 -22.48 -2.36
C GLY A 123 26.92 -23.57 -2.88
N PRO A 124 28.22 -23.29 -2.89
CA PRO A 124 29.25 -24.24 -3.36
C PRO A 124 29.40 -25.43 -2.42
N SER A 125 28.54 -25.50 -1.41
CA SER A 125 28.59 -26.59 -0.44
C SER A 125 27.18 -27.09 -0.12
N SER A 126 27.11 -28.23 0.55
CA SER A 126 25.84 -28.83 0.92
C SER A 126 25.61 -28.75 2.42
N GLY A 127 24.88 -27.73 2.86
CA GLY A 127 24.60 -27.56 4.27
C GLY A 127 23.94 -26.24 4.58
N GLY A 1 -7.12 31.89 -1.93
CA GLY A 1 -7.70 30.94 -1.01
C GLY A 1 -6.71 29.89 -0.56
N SER A 2 -6.52 29.78 0.74
CA SER A 2 -5.59 28.80 1.31
C SER A 2 -5.89 27.40 0.79
N SER A 3 -7.16 27.03 0.87
CA SER A 3 -7.60 25.70 0.42
C SER A 3 -8.60 25.81 -0.72
N GLY A 4 -8.31 26.72 -1.66
CA GLY A 4 -9.20 26.92 -2.80
C GLY A 4 -10.45 27.70 -2.44
N SER A 5 -11.27 27.12 -1.56
CA SER A 5 -12.51 27.77 -1.13
C SER A 5 -12.55 27.89 0.40
N SER A 6 -13.17 28.97 0.88
CA SER A 6 -13.29 29.21 2.31
C SER A 6 -14.73 29.01 2.78
N GLY A 7 -14.92 28.07 3.70
CA GLY A 7 -16.25 27.80 4.22
C GLY A 7 -16.28 26.60 5.14
N GLU A 8 -17.44 25.96 5.22
CA GLU A 8 -17.60 24.79 6.08
C GLU A 8 -17.47 23.50 5.28
N GLY A 9 -17.44 22.37 5.99
CA GLY A 9 -17.32 21.08 5.32
C GLY A 9 -18.28 20.06 5.87
N LEU A 10 -17.76 18.87 6.21
CA LEU A 10 -18.58 17.80 6.75
C LEU A 10 -17.79 16.97 7.76
N ASP A 11 -18.47 16.52 8.81
CA ASP A 11 -17.84 15.72 9.85
C ASP A 11 -18.48 14.33 9.92
N TYR A 12 -19.59 14.16 9.21
CA TYR A 12 -20.30 12.88 9.21
C TYR A 12 -19.54 11.84 8.39
N LEU A 13 -20.20 10.73 8.10
CA LEU A 13 -19.60 9.66 7.32
C LEU A 13 -19.48 10.04 5.85
N THR A 14 -19.03 11.27 5.60
CA THR A 14 -18.87 11.76 4.24
C THR A 14 -17.95 10.85 3.43
N ALA A 15 -17.09 10.13 4.12
CA ALA A 15 -16.16 9.21 3.47
C ALA A 15 -15.40 8.37 4.49
N PRO A 16 -14.82 7.25 4.02
CA PRO A 16 -14.05 6.35 4.87
C PRO A 16 -12.73 6.95 5.33
N ASN A 17 -12.30 6.59 6.53
CA ASN A 17 -11.05 7.10 7.08
C ASN A 17 -9.85 6.57 6.30
N PRO A 18 -8.88 7.46 6.03
CA PRO A 18 -7.67 7.10 5.29
C PRO A 18 -6.75 6.18 6.08
N PRO A 19 -6.41 5.03 5.49
CA PRO A 19 -5.53 4.05 6.12
C PRO A 19 -4.08 4.54 6.22
N SER A 20 -3.37 4.06 7.24
CA SER A 20 -1.98 4.46 7.45
C SER A 20 -1.04 3.33 7.07
N ILE A 21 -0.38 3.47 5.92
CA ILE A 21 0.55 2.47 5.44
C ILE A 21 1.84 2.46 6.27
N ARG A 22 1.98 1.44 7.11
CA ARG A 22 3.15 1.32 7.96
C ARG A 22 4.36 0.83 7.16
N GLU A 23 5.27 1.74 6.86
CA GLU A 23 6.48 1.40 6.09
C GLU A 23 7.41 0.53 6.92
N GLU A 24 7.46 0.79 8.23
CA GLU A 24 8.32 0.03 9.12
C GLU A 24 7.92 -1.44 9.15
N LEU A 25 6.63 -1.69 9.06
CA LEU A 25 6.11 -3.05 9.07
C LEU A 25 6.15 -3.67 7.67
N CYS A 26 6.15 -2.81 6.66
CA CYS A 26 6.18 -3.27 5.28
C CYS A 26 7.42 -4.13 5.01
N THR A 27 7.36 -4.93 3.97
CA THR A 27 8.47 -5.81 3.61
C THR A 27 8.63 -5.91 2.09
N ALA A 28 9.88 -5.93 1.64
CA ALA A 28 10.17 -6.03 0.22
C ALA A 28 10.91 -7.32 -0.11
N SER A 29 10.54 -7.94 -1.22
CA SER A 29 11.15 -9.19 -1.64
C SER A 29 11.58 -9.13 -3.09
N HIS A 30 12.44 -10.06 -3.50
CA HIS A 30 12.93 -10.10 -4.88
C HIS A 30 11.79 -9.89 -5.87
N ASP A 31 10.78 -10.76 -5.80
CA ASP A 31 9.63 -10.67 -6.69
C ASP A 31 8.33 -10.65 -5.90
N THR A 32 8.36 -10.02 -4.73
CA THR A 32 7.19 -9.94 -3.87
C THR A 32 7.29 -8.77 -2.90
N ILE A 33 6.14 -8.27 -2.47
CA ILE A 33 6.11 -7.14 -1.53
C ILE A 33 4.84 -7.16 -0.69
N THR A 34 4.99 -7.05 0.62
CA THR A 34 3.85 -7.05 1.53
C THR A 34 3.69 -5.69 2.21
N VAL A 35 2.55 -5.06 1.97
CA VAL A 35 2.26 -3.75 2.57
C VAL A 35 1.34 -3.89 3.76
N HIS A 36 1.65 -3.16 4.84
CA HIS A 36 0.84 -3.19 6.04
C HIS A 36 0.18 -1.85 6.29
N TRP A 37 -1.15 -1.85 6.40
CA TRP A 37 -1.90 -0.62 6.64
C TRP A 37 -2.67 -0.70 7.95
N ILE A 38 -2.59 0.36 8.74
CA ILE A 38 -3.28 0.41 10.03
C ILE A 38 -4.45 1.39 9.99
N SER A 39 -5.59 0.97 10.53
CA SER A 39 -6.77 1.81 10.55
C SER A 39 -7.50 1.70 11.89
N ASP A 40 -8.04 2.82 12.35
CA ASP A 40 -8.76 2.84 13.63
C ASP A 40 -10.21 2.41 13.44
N ASP A 41 -10.83 2.87 12.36
CA ASP A 41 -12.22 2.55 12.06
C ASP A 41 -12.34 1.87 10.70
N GLU A 42 -12.32 0.54 10.70
CA GLU A 42 -12.42 -0.22 9.47
C GLU A 42 -13.63 -1.16 9.51
N PHE A 43 -14.58 -0.85 10.38
CA PHE A 43 -15.78 -1.67 10.51
C PHE A 43 -16.81 -1.32 9.44
N SER A 44 -16.79 -0.07 9.00
CA SER A 44 -17.73 0.40 7.98
C SER A 44 -17.23 0.03 6.58
N ILE A 45 -15.92 0.18 6.38
CA ILE A 45 -15.32 -0.14 5.09
C ILE A 45 -15.80 -1.49 4.57
N SER A 46 -16.55 -1.47 3.47
CA SER A 46 -17.08 -2.69 2.88
C SER A 46 -15.94 -3.59 2.40
N SER A 47 -14.84 -2.97 1.97
CA SER A 47 -13.69 -3.71 1.48
C SER A 47 -12.51 -2.77 1.23
N TYR A 48 -11.31 -3.34 1.21
CA TYR A 48 -10.10 -2.55 0.99
C TYR A 48 -9.61 -2.70 -0.45
N GLU A 49 -8.73 -1.79 -0.86
CA GLU A 49 -8.19 -1.82 -2.22
C GLU A 49 -6.70 -1.47 -2.22
N LEU A 50 -5.89 -2.35 -2.80
CA LEU A 50 -4.46 -2.14 -2.87
C LEU A 50 -4.04 -1.63 -4.25
N GLN A 51 -3.48 -0.43 -4.29
CA GLN A 51 -3.04 0.16 -5.55
C GLN A 51 -1.52 0.25 -5.61
N TYR A 52 -0.91 -0.50 -6.51
CA TYR A 52 0.55 -0.50 -6.66
C TYR A 52 0.94 -0.28 -8.12
N THR A 53 2.17 0.19 -8.32
CA THR A 53 2.68 0.45 -9.66
C THR A 53 4.20 0.56 -9.67
N ILE A 54 4.80 0.12 -10.77
CA ILE A 54 6.26 0.17 -10.90
C ILE A 54 6.75 1.61 -11.08
N PHE A 55 7.60 2.05 -10.17
CA PHE A 55 8.15 3.41 -10.24
C PHE A 55 9.53 3.41 -10.88
N THR A 56 9.59 3.86 -12.13
CA THR A 56 10.85 3.91 -12.86
C THR A 56 10.85 5.07 -13.85
N GLY A 57 12.05 5.57 -14.16
CA GLY A 57 12.18 6.68 -15.08
C GLY A 57 11.02 7.65 -15.00
N GLN A 58 11.06 8.54 -14.01
CA GLN A 58 10.00 9.52 -13.81
C GLN A 58 10.57 10.82 -13.25
N ALA A 59 10.59 11.86 -14.08
CA ALA A 59 11.10 13.15 -13.68
C ALA A 59 10.38 13.66 -12.42
N ASN A 60 9.08 13.50 -12.39
CA ASN A 60 8.27 13.93 -11.25
C ASN A 60 7.06 13.01 -11.06
N PHE A 61 6.89 12.54 -9.83
CA PHE A 61 5.77 11.66 -9.51
C PHE A 61 4.51 12.07 -10.27
N ILE A 62 4.18 13.35 -10.20
CA ILE A 62 2.99 13.87 -10.88
C ILE A 62 2.83 13.23 -12.25
N SER A 63 3.82 13.43 -13.12
CA SER A 63 3.78 12.87 -14.47
C SER A 63 3.26 11.43 -14.44
N LEU A 64 3.76 10.65 -13.49
CA LEU A 64 3.35 9.25 -13.35
C LEU A 64 1.96 9.14 -12.74
N TYR A 65 1.84 9.58 -11.48
CA TYR A 65 0.57 9.53 -10.77
C TYR A 65 -0.56 10.08 -11.64
N ASN A 66 -0.18 10.87 -12.64
CA ASN A 66 -1.16 11.47 -13.54
C ASN A 66 -1.96 10.39 -14.27
N SER A 67 -1.25 9.48 -14.94
CA SER A 67 -1.89 8.39 -15.68
C SER A 67 -2.12 7.18 -14.76
N VAL A 68 -2.68 7.43 -13.59
CA VAL A 68 -2.95 6.36 -12.63
C VAL A 68 -3.72 5.23 -13.29
N ASP A 69 -4.41 5.53 -14.38
CA ASP A 69 -5.18 4.53 -15.11
C ASP A 69 -4.33 3.29 -15.38
N SER A 70 -3.02 3.44 -15.29
CA SER A 70 -2.10 2.33 -15.53
C SER A 70 -1.86 1.54 -14.25
N TRP A 71 -1.81 2.24 -13.12
CA TRP A 71 -1.59 1.59 -11.83
C TRP A 71 -2.34 0.27 -11.75
N MET A 72 -1.90 -0.60 -10.84
CA MET A 72 -2.53 -1.90 -10.66
C MET A 72 -3.55 -1.86 -9.53
N ILE A 73 -4.52 -2.76 -9.56
CA ILE A 73 -5.56 -2.83 -8.54
C ILE A 73 -5.92 -4.27 -8.21
N VAL A 74 -6.09 -4.55 -6.92
CA VAL A 74 -6.44 -5.90 -6.48
C VAL A 74 -7.56 -5.86 -5.45
N PRO A 75 -8.81 -5.97 -5.93
CA PRO A 75 -9.99 -5.95 -5.06
C PRO A 75 -10.10 -7.21 -4.20
N ASN A 76 -11.19 -7.31 -3.45
CA ASN A 76 -11.42 -8.47 -2.59
C ASN A 76 -10.35 -8.55 -1.50
N ILE A 77 -10.07 -7.42 -0.87
CA ILE A 77 -9.07 -7.36 0.19
C ILE A 77 -9.71 -7.17 1.56
N LYS A 78 -9.85 -8.26 2.31
CA LYS A 78 -10.45 -8.21 3.64
C LYS A 78 -9.40 -8.45 4.72
N GLN A 79 -8.20 -7.94 4.50
CA GLN A 79 -7.12 -8.10 5.46
C GLN A 79 -6.41 -6.77 5.71
N ASN A 80 -5.47 -6.77 6.64
CA ASN A 80 -4.72 -5.57 6.98
C ASN A 80 -3.39 -5.54 6.24
N HIS A 81 -3.11 -6.58 5.48
CA HIS A 81 -1.87 -6.68 4.72
C HIS A 81 -2.01 -7.66 3.57
N TYR A 82 -1.78 -7.18 2.35
CA TYR A 82 -1.87 -8.03 1.17
C TYR A 82 -0.51 -8.18 0.49
N THR A 83 -0.09 -9.43 0.30
CA THR A 83 1.18 -9.72 -0.33
C THR A 83 1.05 -9.79 -1.85
N VAL A 84 1.74 -8.90 -2.54
CA VAL A 84 1.71 -8.86 -4.00
C VAL A 84 2.81 -9.70 -4.61
N HIS A 85 2.42 -10.71 -5.38
CA HIS A 85 3.38 -11.60 -6.03
C HIS A 85 3.51 -11.28 -7.51
N GLY A 86 4.71 -11.43 -8.05
CA GLY A 86 4.94 -11.15 -9.46
C GLY A 86 5.54 -9.78 -9.69
N LEU A 87 6.55 -9.43 -8.90
CA LEU A 87 7.21 -8.14 -9.02
C LEU A 87 8.63 -8.30 -9.55
N GLN A 88 9.30 -7.17 -9.76
CA GLN A 88 10.67 -7.18 -10.26
C GLN A 88 11.66 -6.91 -9.14
N SER A 89 12.79 -7.62 -9.16
CA SER A 89 13.82 -7.46 -8.14
C SER A 89 14.64 -6.19 -8.40
N GLY A 90 15.05 -5.53 -7.33
CA GLY A 90 15.83 -4.32 -7.45
C GLY A 90 15.10 -3.23 -8.20
N THR A 91 13.82 -3.05 -7.87
CA THR A 91 13.00 -2.04 -8.51
C THR A 91 12.06 -1.37 -7.52
N ARG A 92 11.82 -0.08 -7.70
CA ARG A 92 10.94 0.67 -6.82
C ARG A 92 9.48 0.28 -7.05
N TYR A 93 8.68 0.37 -6.00
CA TYR A 93 7.26 0.02 -6.08
C TYR A 93 6.44 0.86 -5.11
N ILE A 94 5.55 1.69 -5.65
CA ILE A 94 4.70 2.53 -4.83
C ILE A 94 3.39 1.83 -4.48
N PHE A 95 2.90 2.07 -3.27
CA PHE A 95 1.66 1.46 -2.81
C PHE A 95 0.73 2.50 -2.19
N ILE A 96 -0.57 2.36 -2.45
CA ILE A 96 -1.56 3.29 -1.92
C ILE A 96 -2.85 2.57 -1.57
N VAL A 97 -3.13 2.44 -0.28
CA VAL A 97 -4.34 1.78 0.18
C VAL A 97 -5.52 2.73 0.18
N LYS A 98 -6.56 2.38 -0.55
CA LYS A 98 -7.76 3.20 -0.64
C LYS A 98 -8.97 2.46 -0.08
N ALA A 99 -9.47 2.92 1.06
CA ALA A 99 -10.64 2.31 1.70
C ALA A 99 -11.92 2.71 0.98
N ILE A 100 -12.79 1.73 0.76
CA ILE A 100 -14.06 1.98 0.09
C ILE A 100 -15.24 1.62 1.00
N ASN A 101 -16.23 2.51 1.05
CA ASN A 101 -17.41 2.29 1.88
C ASN A 101 -18.67 2.76 1.16
N GLN A 102 -19.80 2.70 1.86
CA GLN A 102 -21.08 3.12 1.28
C GLN A 102 -21.01 4.56 0.82
N ALA A 103 -20.28 5.39 1.56
CA ALA A 103 -20.14 6.80 1.22
C ALA A 103 -19.30 6.99 -0.04
N GLY A 104 -18.00 6.74 0.07
CA GLY A 104 -17.12 6.89 -1.07
C GLY A 104 -15.83 6.12 -0.90
N SER A 105 -14.71 6.77 -1.21
CA SER A 105 -13.40 6.13 -1.10
C SER A 105 -12.36 7.13 -0.60
N ARG A 106 -11.35 6.62 0.11
CA ARG A 106 -10.30 7.47 0.64
C ARG A 106 -8.92 6.90 0.29
N ASN A 107 -8.24 7.56 -0.64
CA ASN A 107 -6.91 7.11 -1.06
C ASN A 107 -5.83 7.63 -0.12
N SER A 108 -4.94 6.73 0.31
CA SER A 108 -3.87 7.10 1.22
C SER A 108 -2.68 7.65 0.46
N GLU A 109 -1.63 8.05 1.19
CA GLU A 109 -0.43 8.59 0.58
C GLU A 109 0.41 7.49 -0.06
N PRO A 110 1.15 7.86 -1.11
CA PRO A 110 2.01 6.91 -1.83
C PRO A 110 3.21 6.46 -1.00
N THR A 111 3.28 5.17 -0.70
CA THR A 111 4.37 4.62 0.09
C THR A 111 5.45 4.03 -0.81
N ARG A 112 6.58 4.71 -0.90
CA ARG A 112 7.69 4.24 -1.73
C ARG A 112 8.39 3.05 -1.08
N LEU A 113 8.51 1.96 -1.84
CA LEU A 113 9.16 0.76 -1.34
C LEU A 113 10.12 0.18 -2.39
N LYS A 114 11.20 -0.42 -1.92
CA LYS A 114 12.19 -1.02 -2.81
C LYS A 114 12.34 -2.51 -2.53
N THR A 115 12.37 -3.31 -3.60
CA THR A 115 12.52 -4.76 -3.47
C THR A 115 13.98 -5.15 -3.30
N ASN A 116 14.22 -6.33 -2.74
CA ASN A 116 15.57 -6.82 -2.52
C ASN A 116 16.27 -7.09 -3.86
N SER A 117 17.45 -6.51 -4.02
CA SER A 117 18.23 -6.69 -5.24
C SER A 117 18.01 -8.08 -5.83
N GLN A 118 18.62 -9.08 -5.21
CA GLN A 118 18.50 -10.45 -5.67
C GLN A 118 18.23 -11.39 -4.50
N PRO A 119 17.34 -12.38 -4.72
CA PRO A 119 16.98 -13.37 -3.70
C PRO A 119 18.12 -14.34 -3.40
N PHE A 120 17.87 -15.30 -2.53
CA PHE A 120 18.87 -16.29 -2.16
C PHE A 120 19.24 -17.16 -3.35
N LYS A 121 20.53 -17.50 -3.46
CA LYS A 121 21.00 -18.33 -4.56
C LYS A 121 20.93 -19.80 -4.20
N SER A 122 20.25 -20.58 -5.04
CA SER A 122 20.11 -22.02 -4.80
C SER A 122 21.41 -22.75 -5.09
N GLY A 123 22.01 -23.32 -4.05
CA GLY A 123 23.26 -24.04 -4.22
C GLY A 123 24.08 -24.07 -2.94
N PRO A 124 25.41 -24.17 -3.09
CA PRO A 124 26.33 -24.21 -1.96
C PRO A 124 26.41 -22.88 -1.23
N SER A 125 25.61 -21.92 -1.67
CA SER A 125 25.59 -20.59 -1.05
C SER A 125 25.69 -20.70 0.47
N SER A 126 24.95 -21.65 1.03
CA SER A 126 24.95 -21.85 2.48
C SER A 126 24.46 -23.25 2.84
N GLY A 127 25.03 -23.82 3.88
CA GLY A 127 24.63 -25.15 4.31
C GLY A 127 25.77 -25.90 4.98
#